data_6QKD
#
_entry.id   6QKD
#
_cell.length_a   90.560
_cell.length_b   111.920
_cell.length_c   165.430
_cell.angle_alpha   90.00
_cell.angle_beta   90.00
_cell.angle_gamma   90.00
#
_symmetry.space_group_name_H-M   'P 21 21 21'
#
loop_
_entity.id
_entity.type
_entity.pdbx_description
1 polymer 'FAB HEAVY CHAIN'
2 polymer 'FAB LIGHT CHAIN'
3 non-polymer 'SULFATE ION'
4 non-polymer 'CHLORIDE ION'
5 water water
#
loop_
_entity_poly.entity_id
_entity_poly.type
_entity_poly.pdbx_seq_one_letter_code
_entity_poly.pdbx_strand_id
1 'polypeptide(L)'
;QVQLVQSGGGLVQAGGSLRLSCAASGGTFATSPMGWLRQAPGKGTEFVAAISPSGGDRIYADSVKGRFTISRDNAGYFIY
LQMNSLKPEDTAVYYCAVRRRFDGTSYYTGDYDSWGQGTLVTVSSASTKGPSVFPLAPSSKSTSGGTAALGCLVKDYFPE
PVTVSWNSGALTSGVHTFPAVLQSSGLYSLSSVVTVPSSSLGTQTYICNVNHKPSNTKVDKRVEPKSC
;
H,I,J,K
2 'polypeptide(L)'
;EIVLTQSPGTLSLSPGERATLSCRASQSVSSSYLAWYQQKPGQAPRLLIYDASSRATGIPDRFSGSGSGTDFTLTISRLE
PEDFAVYYCQQYSYSPVTFGQGTKVEIKRTVAAPSVFIFPPSDEQLKSGTASVVCLLNNFYPREAKVQWKVDNALQSGNS
QESVTEQDSKDSTYSLSSTLTLSKADYEKHKVYACEVTHQGLSSPVTKSFNRGEC
;
L,M,O,T
#
loop_
_chem_comp.id
_chem_comp.type
_chem_comp.name
_chem_comp.formula
CL non-polymer 'CHLORIDE ION' 'Cl -1'
SO4 non-polymer 'SULFATE ION' 'O4 S -2'
#
# COMPACT_ATOMS: atom_id res chain seq x y z
N VAL A 5 -44.11 32.79 -2.75
CA VAL A 5 -43.62 32.16 -4.00
C VAL A 5 -42.27 32.77 -4.36
N GLN A 6 -41.31 31.91 -4.67
CA GLN A 6 -39.93 32.35 -4.85
C GLN A 6 -39.33 31.95 -6.21
N SER A 7 -38.14 32.48 -6.46
CA SER A 7 -37.39 32.29 -7.71
C SER A 7 -36.03 33.00 -7.63
N GLY A 8 -35.18 32.75 -8.62
CA GLY A 8 -33.91 33.47 -8.76
C GLY A 8 -32.67 32.80 -8.18
N GLY A 9 -32.80 31.55 -7.74
CA GLY A 9 -31.67 30.79 -7.19
C GLY A 9 -30.96 29.98 -8.26
N GLY A 10 -30.17 28.99 -7.83
CA GLY A 10 -29.50 28.08 -8.75
C GLY A 10 -27.99 27.97 -8.55
N LEU A 11 -27.29 27.70 -9.64
CA LEU A 11 -25.85 27.51 -9.62
C LEU A 11 -25.18 28.77 -10.17
N VAL A 12 -24.12 29.17 -9.49
CA VAL A 12 -23.32 30.32 -9.89
C VAL A 12 -21.92 30.04 -9.31
N GLN A 13 -20.89 30.65 -9.90
CA GLN A 13 -19.51 30.40 -9.47
C GLN A 13 -19.01 31.49 -8.52
N ALA A 14 -18.02 31.16 -7.68
CA ALA A 14 -17.55 32.10 -6.64
C ALA A 14 -17.16 33.43 -7.27
N GLY A 15 -17.84 34.50 -6.86
CA GLY A 15 -17.72 35.82 -7.50
C GLY A 15 -18.89 36.17 -8.40
N GLY A 16 -19.88 35.28 -8.46
CA GLY A 16 -21.12 35.55 -9.16
C GLY A 16 -22.10 36.32 -8.29
N SER A 17 -23.24 36.67 -8.88
CA SER A 17 -24.31 37.34 -8.15
C SER A 17 -25.68 36.81 -8.58
N LEU A 18 -26.62 36.84 -7.64
CA LEU A 18 -28.01 36.39 -7.85
C LEU A 18 -28.92 37.40 -7.16
N ARG A 19 -30.16 37.47 -7.63
CA ARG A 19 -31.16 38.28 -7.01
C ARG A 19 -32.39 37.40 -6.78
N LEU A 20 -32.58 36.94 -5.55
CA LEU A 20 -33.74 36.12 -5.21
C LEU A 20 -34.93 37.06 -5.11
N SER A 21 -36.12 36.51 -5.37
CA SER A 21 -37.35 37.27 -5.29
C SER A 21 -38.35 36.53 -4.41
N CYS A 22 -39.27 37.29 -3.81
CA CYS A 22 -40.29 36.74 -2.93
C CYS A 22 -41.62 37.42 -3.25
N ALA A 23 -42.47 36.69 -3.97
CA ALA A 23 -43.73 37.18 -4.47
C ALA A 23 -44.85 36.83 -3.49
N ALA A 24 -45.68 37.80 -3.16
CA ALA A 24 -46.79 37.60 -2.24
C ALA A 24 -47.85 36.70 -2.88
N SER A 25 -48.01 35.49 -2.33
CA SER A 25 -49.00 34.49 -2.78
C SER A 25 -50.43 34.70 -2.22
N GLY A 26 -50.63 35.85 -1.59
CA GLY A 26 -51.95 36.30 -1.14
C GLY A 26 -52.21 37.80 -1.31
N GLY A 27 -51.30 38.52 -1.96
CA GLY A 27 -51.58 39.91 -2.35
C GLY A 27 -50.87 40.99 -1.54
N THR A 28 -50.83 40.84 -0.22
CA THR A 28 -50.24 41.88 0.63
C THR A 28 -49.64 41.34 1.91
N PHE A 29 -48.32 41.50 1.99
CA PHE A 29 -47.60 41.60 3.26
C PHE A 29 -46.98 43.01 3.34
N ALA A 30 -47.64 43.94 2.66
CA ALA A 30 -47.20 45.35 2.60
C ALA A 30 -47.02 46.06 3.94
N THR A 31 -47.74 45.61 4.97
CA THR A 31 -47.67 46.27 6.29
C THR A 31 -46.85 45.48 7.31
N SER A 32 -46.29 44.32 6.90
CA SER A 32 -45.57 43.39 7.79
C SER A 32 -44.08 43.47 7.54
N PRO A 33 -43.29 43.40 8.62
CA PRO A 33 -41.84 43.37 8.40
C PRO A 33 -41.46 42.03 7.80
N MET A 34 -40.44 42.01 6.94
CA MET A 34 -40.07 40.78 6.19
C MET A 34 -38.61 40.41 6.30
N GLY A 35 -38.31 39.11 6.18
CA GLY A 35 -36.97 38.65 6.35
C GLY A 35 -36.63 37.55 5.37
N TRP A 36 -35.33 37.38 5.13
CA TRP A 36 -34.79 36.24 4.37
C TRP A 36 -34.01 35.37 5.34
N LEU A 37 -34.20 34.07 5.26
CA LEU A 37 -33.44 33.14 6.08
C LEU A 37 -32.84 32.09 5.15
N ARG A 38 -31.82 31.38 5.60
CA ARG A 38 -31.20 30.32 4.79
C ARG A 38 -30.88 29.10 5.65
N GLN A 39 -30.83 27.94 4.99
CA GLN A 39 -30.45 26.70 5.63
C GLN A 39 -29.42 26.04 4.74
N ALA A 40 -28.16 26.09 5.16
CA ALA A 40 -27.07 25.50 4.37
C ALA A 40 -27.16 23.98 4.44
N PRO A 41 -26.56 23.27 3.46
CA PRO A 41 -26.63 21.82 3.49
C PRO A 41 -26.05 21.25 4.78
N GLY A 42 -26.74 20.29 5.37
CA GLY A 42 -26.31 19.68 6.64
C GLY A 42 -26.27 20.67 7.77
N LYS A 43 -26.96 21.80 7.60
CA LYS A 43 -26.94 22.89 8.56
C LYS A 43 -28.34 23.21 9.05
N GLY A 44 -28.44 24.10 10.04
CA GLY A 44 -29.71 24.62 10.51
C GLY A 44 -30.06 25.97 9.89
N THR A 45 -31.25 26.46 10.21
CA THR A 45 -31.68 27.77 9.75
C THR A 45 -30.83 28.86 10.38
N GLU A 46 -30.52 29.88 9.60
CA GLU A 46 -29.76 31.02 10.10
C GLU A 46 -30.33 32.30 9.49
N PHE A 47 -30.26 33.38 10.24
CA PHE A 47 -30.80 34.66 9.80
C PHE A 47 -29.92 35.20 8.67
N VAL A 48 -30.55 35.82 7.68
CA VAL A 48 -29.82 36.48 6.59
C VAL A 48 -30.04 37.99 6.58
N ALA A 49 -31.30 38.41 6.47
CA ALA A 49 -31.60 39.83 6.40
C ALA A 49 -33.06 40.07 6.71
N ALA A 50 -33.38 41.32 7.03
CA ALA A 50 -34.78 41.73 7.27
C ALA A 50 -35.00 43.19 6.96
N ILE A 51 -36.27 43.58 6.88
CA ILE A 51 -36.62 44.91 6.43
C ILE A 51 -37.99 45.29 7.01
N SER A 52 -38.07 46.51 7.56
CA SER A 52 -39.29 46.99 8.20
C SER A 52 -40.38 47.21 7.15
N PRO A 53 -41.66 47.35 7.59
CA PRO A 53 -42.77 47.54 6.65
C PRO A 53 -42.59 48.67 5.63
N SER A 54 -41.98 49.78 6.06
CA SER A 54 -41.71 50.92 5.18
C SER A 54 -40.51 50.74 4.23
N GLY A 55 -39.62 49.82 4.53
CA GLY A 55 -38.37 49.70 3.79
C GLY A 55 -37.23 50.53 4.38
N GLY A 56 -37.49 51.18 5.51
CA GLY A 56 -36.51 52.05 6.17
C GLY A 56 -35.39 51.30 6.88
N ASP A 57 -35.69 50.61 7.97
CA ASP A 57 -34.68 49.80 8.67
C ASP A 57 -34.36 48.63 7.78
N ARG A 58 -33.07 48.29 7.71
CA ARG A 58 -32.59 47.11 6.98
C ARG A 58 -31.45 46.50 7.78
N ILE A 59 -31.48 45.18 7.93
CA ILE A 59 -30.67 44.46 8.91
C ILE A 59 -30.08 43.20 8.24
N TYR A 60 -28.86 42.84 8.61
CA TYR A 60 -28.04 41.87 7.86
C TYR A 60 -27.19 41.01 8.77
N ALA A 61 -27.20 39.70 8.52
CA ALA A 61 -26.29 38.82 9.21
C ALA A 61 -24.89 39.36 9.01
N ASP A 62 -24.04 39.17 10.02
CA ASP A 62 -22.62 39.54 9.91
C ASP A 62 -21.96 38.90 8.67
N SER A 63 -22.24 37.62 8.44
CA SER A 63 -21.61 36.86 7.35
C SER A 63 -21.92 37.42 5.95
N VAL A 64 -23.04 38.14 5.80
CA VAL A 64 -23.43 38.68 4.50
C VAL A 64 -23.48 40.20 4.43
N LYS A 65 -23.26 40.87 5.55
CA LYS A 65 -23.23 42.32 5.60
C LYS A 65 -22.17 42.85 4.64
N GLY A 66 -22.56 43.84 3.84
CA GLY A 66 -21.69 44.42 2.82
C GLY A 66 -21.99 43.85 1.45
N ARG A 67 -22.39 42.59 1.35
CA ARG A 67 -22.55 41.93 0.05
C ARG A 67 -23.99 41.81 -0.38
N PHE A 68 -24.88 41.52 0.58
CA PHE A 68 -26.28 41.32 0.28
C PHE A 68 -27.08 42.59 0.57
N THR A 69 -28.10 42.82 -0.26
CA THR A 69 -29.04 43.90 -0.07
C THR A 69 -30.46 43.37 -0.09
N ILE A 70 -31.23 43.70 0.94
CA ILE A 70 -32.64 43.40 0.99
C ILE A 70 -33.39 44.66 0.58
N SER A 71 -34.43 44.49 -0.23
CA SER A 71 -35.24 45.61 -0.68
C SER A 71 -36.66 45.12 -0.94
N ARG A 72 -37.59 46.06 -1.12
CA ARG A 72 -39.00 45.71 -1.31
C ARG A 72 -39.70 46.71 -2.22
N ASP A 73 -40.97 46.46 -2.52
CA ASP A 73 -41.78 47.41 -3.25
C ASP A 73 -42.83 48.00 -2.31
N ASN A 74 -43.59 48.96 -2.80
CA ASN A 74 -44.60 49.65 -1.98
C ASN A 74 -45.93 48.92 -1.89
N ALA A 75 -46.31 48.20 -2.94
CA ALA A 75 -47.59 47.48 -2.93
C ALA A 75 -47.55 46.18 -2.07
N GLY A 76 -46.36 45.81 -1.60
CA GLY A 76 -46.18 44.63 -0.75
C GLY A 76 -46.40 43.33 -1.51
N TYR A 77 -46.00 43.32 -2.77
CA TYR A 77 -46.07 42.12 -3.61
C TYR A 77 -44.69 41.45 -3.72
N PHE A 78 -43.63 42.23 -3.54
CA PHE A 78 -42.28 41.75 -3.85
C PHE A 78 -41.27 42.21 -2.79
N ILE A 79 -40.54 41.24 -2.25
CA ILE A 79 -39.37 41.50 -1.43
C ILE A 79 -38.18 40.82 -2.12
N TYR A 80 -37.04 41.49 -2.16
CA TYR A 80 -35.87 40.98 -2.86
C TYR A 80 -34.68 40.82 -1.93
N LEU A 81 -33.74 39.98 -2.37
CA LEU A 81 -32.43 39.85 -1.73
C LEU A 81 -31.36 39.83 -2.81
N GLN A 82 -30.75 40.98 -3.05
CA GLN A 82 -29.65 41.07 -4.00
C GLN A 82 -28.38 40.52 -3.35
N MET A 83 -27.84 39.44 -3.91
CA MET A 83 -26.70 38.73 -3.34
C MET A 83 -25.51 38.92 -4.25
N ASN A 84 -24.57 39.75 -3.82
CA ASN A 84 -23.38 40.03 -4.62
C ASN A 84 -22.12 39.38 -4.05
N SER A 85 -21.09 39.25 -4.89
CA SER A 85 -19.79 38.69 -4.49
C SER A 85 -19.96 37.36 -3.73
N LEU A 86 -20.65 36.42 -4.37
CA LEU A 86 -21.05 35.18 -3.70
C LEU A 86 -19.87 34.30 -3.33
N LYS A 87 -19.89 33.77 -2.11
CA LYS A 87 -18.87 32.82 -1.61
C LYS A 87 -19.47 31.40 -1.59
N PRO A 88 -18.60 30.37 -1.56
CA PRO A 88 -19.16 29.04 -1.37
C PRO A 88 -19.92 28.92 -0.07
N GLU A 89 -19.52 29.67 0.95
CA GLU A 89 -20.20 29.70 2.26
C GLU A 89 -21.67 30.08 2.17
N ASP A 90 -22.06 30.72 1.06
CA ASP A 90 -23.43 31.16 0.84
C ASP A 90 -24.29 30.05 0.22
N THR A 91 -23.68 28.91 -0.12
CA THR A 91 -24.44 27.81 -0.64
C THR A 91 -25.46 27.36 0.42
N ALA A 92 -26.73 27.43 0.07
CA ALA A 92 -27.82 27.12 1.01
C ALA A 92 -29.16 27.09 0.27
N VAL A 93 -30.21 26.71 0.99
CA VAL A 93 -31.59 26.90 0.51
C VAL A 93 -32.16 28.11 1.26
N TYR A 94 -32.51 29.15 0.50
CA TYR A 94 -32.97 30.43 1.06
C TYR A 94 -34.49 30.52 1.03
N TYR A 95 -35.07 31.18 2.02
CA TYR A 95 -36.49 31.48 1.97
C TYR A 95 -36.81 32.76 2.71
N CYS A 96 -37.81 33.47 2.21
CA CYS A 96 -38.32 34.66 2.87
C CYS A 96 -39.34 34.23 3.91
N ALA A 97 -39.69 35.17 4.78
CA ALA A 97 -40.57 34.88 5.85
C ALA A 97 -41.19 36.18 6.35
N VAL A 98 -42.38 36.04 6.95
CA VAL A 98 -43.10 37.16 7.55
C VAL A 98 -42.85 37.13 9.04
N ARG A 99 -42.41 38.25 9.58
CA ARG A 99 -42.19 38.38 10.99
C ARG A 99 -43.56 38.53 11.64
N ARG A 100 -44.07 37.45 12.24
CA ARG A 100 -45.41 37.44 12.83
C ARG A 100 -45.39 37.46 14.36
N ARG A 101 -44.20 37.48 14.95
CA ARG A 101 -44.08 37.55 16.39
C ARG A 101 -42.95 38.50 16.74
N PHE A 102 -42.94 38.90 18.02
CA PHE A 102 -41.96 39.85 18.56
C PHE A 102 -41.45 39.34 19.92
N ASP A 103 -40.90 38.14 19.90
CA ASP A 103 -40.33 37.46 21.08
C ASP A 103 -38.90 37.91 21.39
N GLY A 104 -38.32 38.73 20.53
CA GLY A 104 -36.99 39.27 20.79
C GLY A 104 -36.58 40.28 19.74
N THR A 105 -35.34 40.11 19.27
CA THR A 105 -34.77 40.99 18.26
C THR A 105 -35.27 40.65 16.85
N SER A 106 -35.03 41.58 15.93
CA SER A 106 -35.26 41.34 14.50
C SER A 106 -34.27 40.35 13.88
N TYR A 107 -33.24 39.97 14.64
CA TYR A 107 -32.29 38.92 14.24
C TYR A 107 -32.78 37.51 14.59
N TYR A 108 -33.79 37.42 15.46
CA TYR A 108 -34.29 36.14 15.97
C TYR A 108 -35.12 35.41 14.91
N THR A 109 -34.56 34.33 14.37
CA THR A 109 -35.22 33.51 13.36
C THR A 109 -36.56 32.95 13.83
N GLY A 110 -36.68 32.70 15.13
CA GLY A 110 -37.92 32.18 15.70
C GLY A 110 -39.13 33.11 15.58
N ASP A 111 -38.89 34.42 15.37
CA ASP A 111 -39.98 35.39 15.17
C ASP A 111 -40.60 35.36 13.76
N TYR A 112 -39.90 34.72 12.82
CA TYR A 112 -40.29 34.71 11.42
C TYR A 112 -41.01 33.45 11.07
N ASP A 113 -42.07 33.61 10.28
CA ASP A 113 -42.88 32.49 9.82
C ASP A 113 -42.82 32.33 8.32
N SER A 114 -42.61 31.09 7.89
CA SER A 114 -42.54 30.70 6.51
C SER A 114 -43.49 29.52 6.31
N TRP A 115 -43.54 28.97 5.11
CA TRP A 115 -44.50 27.89 4.80
C TRP A 115 -43.91 26.75 4.00
N GLY A 116 -42.62 26.48 4.20
CA GLY A 116 -41.97 25.31 3.61
C GLY A 116 -41.34 25.51 2.23
N GLN A 117 -41.49 26.72 1.67
CA GLN A 117 -40.92 27.05 0.37
C GLN A 117 -39.43 27.32 0.51
N GLY A 118 -38.68 27.08 -0.56
CA GLY A 118 -37.26 27.37 -0.56
C GLY A 118 -36.72 27.57 -1.98
N THR A 119 -35.61 28.28 -2.10
CA THR A 119 -34.83 28.34 -3.35
C THR A 119 -33.41 27.87 -3.09
N LEU A 120 -32.98 26.86 -3.84
CA LEU A 120 -31.61 26.37 -3.72
C LEU A 120 -30.65 27.32 -4.44
N VAL A 121 -29.58 27.69 -3.76
CA VAL A 121 -28.53 28.52 -4.31
C VAL A 121 -27.21 27.82 -4.03
N THR A 122 -26.45 27.55 -5.09
CA THR A 122 -25.18 26.85 -4.95
C THR A 122 -24.08 27.70 -5.58
N VAL A 123 -22.97 27.83 -4.85
CA VAL A 123 -21.83 28.62 -5.31
C VAL A 123 -20.60 27.71 -5.43
N SER A 124 -20.19 27.46 -6.66
CA SER A 124 -19.11 26.52 -6.95
C SER A 124 -17.75 27.22 -7.05
N SER A 125 -16.84 26.90 -6.12
CA SER A 125 -15.47 27.38 -6.13
C SER A 125 -14.80 27.10 -7.49
N ALA A 126 -13.79 27.88 -7.85
CA ALA A 126 -13.13 27.66 -9.15
C ALA A 126 -11.62 27.49 -9.08
N SER A 127 -10.96 28.23 -8.20
CA SER A 127 -9.49 28.33 -8.22
C SER A 127 -8.75 27.02 -7.87
N THR A 128 -7.62 26.85 -8.52
CA THR A 128 -6.65 25.83 -8.20
C THR A 128 -5.87 26.24 -6.95
N LYS A 129 -6.03 25.45 -5.89
CA LYS A 129 -5.44 25.74 -4.62
C LYS A 129 -4.85 24.49 -4.02
N GLY A 130 -3.63 24.60 -3.53
CA GLY A 130 -2.98 23.51 -2.81
C GLY A 130 -3.36 23.42 -1.34
N PRO A 131 -3.17 22.25 -0.75
CA PRO A 131 -3.63 22.04 0.60
C PRO A 131 -2.66 22.51 1.65
N SER A 132 -3.18 22.85 2.81
CA SER A 132 -2.36 22.91 4.01
C SER A 132 -2.34 21.51 4.62
N VAL A 133 -1.23 21.16 5.24
CA VAL A 133 -1.07 19.83 5.81
C VAL A 133 -0.73 19.91 7.29
N PHE A 134 -1.64 19.43 8.14
CA PHE A 134 -1.44 19.56 9.57
C PHE A 134 -1.26 18.16 10.17
N PRO A 135 -0.49 18.05 11.26
CA PRO A 135 -0.29 16.74 11.86
C PRO A 135 -1.41 16.36 12.81
N LEU A 136 -1.74 15.09 12.81
CA LEU A 136 -2.63 14.52 13.77
C LEU A 136 -1.70 13.75 14.70
N ALA A 137 -1.33 14.41 15.81
CA ALA A 137 -0.29 13.92 16.71
C ALA A 137 -0.73 12.59 17.31
N PRO A 138 0.22 11.66 17.52
CA PRO A 138 -0.09 10.36 18.09
C PRO A 138 -0.97 10.41 19.33
N SER A 139 -1.87 9.44 19.41
CA SER A 139 -2.96 9.41 20.42
C SER A 139 -2.51 8.96 21.82
N SER A 140 -1.35 8.32 21.91
CA SER A 140 -0.80 7.99 23.21
C SER A 140 0.70 8.19 23.19
N LYS A 141 1.28 8.24 24.38
CA LYS A 141 2.71 8.44 24.53
C LYS A 141 3.48 7.19 24.12
N SER A 142 4.77 7.37 23.85
CA SER A 142 5.68 6.30 23.40
C SER A 142 6.11 5.37 24.56
N THR A 143 5.31 5.37 25.64
CA THR A 143 5.61 4.67 26.89
C THR A 143 4.36 3.92 27.41
N SER A 144 3.39 3.64 26.53
CA SER A 144 2.01 3.32 26.95
C SER A 144 1.50 1.91 26.59
N GLY A 145 2.02 1.30 25.53
CA GLY A 145 1.54 -0.01 25.08
C GLY A 145 0.37 0.08 24.10
N GLY A 146 -0.05 -1.08 23.60
CA GLY A 146 -1.14 -1.17 22.63
C GLY A 146 -0.81 -0.44 21.32
N THR A 147 -1.86 0.04 20.67
CA THR A 147 -1.75 0.64 19.34
C THR A 147 -1.91 2.14 19.40
N ALA A 148 -1.12 2.85 18.61
CA ALA A 148 -1.24 4.29 18.47
C ALA A 148 -1.72 4.66 17.08
N ALA A 149 -2.48 5.75 16.99
CA ALA A 149 -2.91 6.30 15.72
C ALA A 149 -2.37 7.69 15.56
N LEU A 150 -2.00 7.99 14.34
CA LEU A 150 -1.56 9.31 13.95
C LEU A 150 -1.95 9.52 12.50
N GLY A 151 -1.80 10.74 12.02
CA GLY A 151 -2.13 11.00 10.65
C GLY A 151 -1.77 12.39 10.21
N CYS A 152 -2.24 12.71 9.02
CA CYS A 152 -2.12 14.04 8.42
C CYS A 152 -3.50 14.50 7.97
N LEU A 153 -3.83 15.73 8.38
CA LEU A 153 -5.01 16.42 7.92
C LEU A 153 -4.62 17.25 6.71
N VAL A 154 -5.22 16.93 5.57
CA VAL A 154 -4.88 17.51 4.28
C VAL A 154 -6.07 18.34 3.89
N LYS A 155 -5.97 19.64 4.12
CA LYS A 155 -7.15 20.52 4.20
C LYS A 155 -7.06 21.65 3.19
N ASP A 156 -8.22 22.09 2.71
CA ASP A 156 -8.35 23.30 1.89
C ASP A 156 -7.60 23.29 0.57
N TYR A 157 -8.02 22.39 -0.30
CA TYR A 157 -7.49 22.30 -1.65
C TYR A 157 -8.59 22.12 -2.65
N PHE A 158 -8.28 22.41 -3.89
CA PHE A 158 -9.21 22.29 -4.97
C PHE A 158 -8.42 22.33 -6.25
N PRO A 159 -8.77 21.55 -7.28
CA PRO A 159 -9.83 20.54 -7.28
C PRO A 159 -9.27 19.19 -6.84
N GLU A 160 -10.10 18.15 -6.89
CA GLU A 160 -9.60 16.81 -6.73
C GLU A 160 -8.62 16.48 -7.85
N PRO A 161 -7.69 15.54 -7.64
CA PRO A 161 -7.46 14.84 -6.38
C PRO A 161 -6.13 15.21 -5.75
N VAL A 162 -5.85 14.70 -4.55
CA VAL A 162 -4.52 14.70 -3.97
C VAL A 162 -4.03 13.27 -3.84
N THR A 163 -2.72 13.11 -3.85
CA THR A 163 -2.10 11.83 -3.57
C THR A 163 -1.46 11.91 -2.19
N VAL A 164 -1.70 10.91 -1.36
CA VAL A 164 -1.09 10.84 -0.06
C VAL A 164 -0.41 9.49 0.08
N SER A 165 0.83 9.52 0.55
CA SER A 165 1.58 8.31 0.87
C SER A 165 2.35 8.56 2.15
N TRP A 166 2.86 7.49 2.74
CA TRP A 166 3.63 7.61 3.97
C TRP A 166 5.07 7.14 3.77
N ASN A 167 6.01 8.00 4.16
CA ASN A 167 7.45 7.77 3.96
C ASN A 167 7.79 7.48 2.49
N SER A 168 7.19 8.26 1.61
CA SER A 168 7.32 8.14 0.16
C SER A 168 7.09 6.73 -0.36
N GLY A 169 6.20 6.00 0.29
CA GLY A 169 5.86 4.63 -0.12
C GLY A 169 6.32 3.51 0.82
N ALA A 170 7.09 3.83 1.86
CA ALA A 170 7.65 2.81 2.77
C ALA A 170 6.62 2.22 3.73
N LEU A 171 5.59 2.99 4.08
CA LEU A 171 4.59 2.57 5.05
C LEU A 171 3.23 2.54 4.38
N THR A 172 2.64 1.36 4.31
CA THR A 172 1.35 1.20 3.65
C THR A 172 0.33 0.43 4.49
N SER A 173 0.76 -0.56 5.25
CA SER A 173 -0.19 -1.34 6.05
C SER A 173 -0.66 -0.52 7.26
N GLY A 174 -1.95 -0.61 7.56
CA GLY A 174 -2.59 0.23 8.57
C GLY A 174 -3.00 1.61 8.08
N VAL A 175 -2.71 1.94 6.84
CA VAL A 175 -3.02 3.27 6.31
C VAL A 175 -4.48 3.34 5.84
N HIS A 176 -5.16 4.41 6.18
CA HIS A 176 -6.47 4.72 5.65
C HIS A 176 -6.44 6.17 5.21
N THR A 177 -6.54 6.40 3.90
CA THR A 177 -6.72 7.74 3.40
C THR A 177 -8.18 7.97 3.07
N PHE A 178 -8.85 8.82 3.85
CA PHE A 178 -10.29 9.01 3.70
C PHE A 178 -10.67 9.69 2.40
N PRO A 179 -11.86 9.39 1.85
CA PRO A 179 -12.33 10.13 0.69
C PRO A 179 -12.43 11.62 0.99
N ALA A 180 -12.02 12.44 0.04
CA ALA A 180 -12.12 13.88 0.16
C ALA A 180 -13.60 14.24 0.28
N VAL A 181 -13.91 15.15 1.18
CA VAL A 181 -15.25 15.74 1.26
C VAL A 181 -15.16 17.27 1.03
N LEU A 182 -16.10 17.77 0.24
CA LEU A 182 -16.19 19.18 -0.05
C LEU A 182 -16.66 19.92 1.19
N GLN A 183 -15.79 20.77 1.76
CA GLN A 183 -16.15 21.53 2.94
C GLN A 183 -17.19 22.58 2.53
N SER A 184 -17.70 23.33 3.52
CA SER A 184 -18.65 24.42 3.23
C SER A 184 -17.95 25.58 2.51
N SER A 185 -16.62 25.62 2.59
CA SER A 185 -15.82 26.57 1.83
C SER A 185 -15.60 26.20 0.36
N GLY A 186 -16.28 25.18 -0.15
CA GLY A 186 -16.04 24.76 -1.53
C GLY A 186 -14.65 24.21 -1.81
N LEU A 187 -13.86 23.96 -0.76
CA LEU A 187 -12.57 23.26 -0.90
C LEU A 187 -12.60 21.90 -0.22
N TYR A 188 -11.86 20.96 -0.78
CA TYR A 188 -11.83 19.63 -0.24
C TYR A 188 -10.98 19.55 1.02
N SER A 189 -11.25 18.52 1.80
CA SER A 189 -10.43 18.19 2.96
C SER A 189 -10.50 16.68 3.21
N LEU A 190 -9.37 16.10 3.60
CA LEU A 190 -9.36 14.71 4.01
C LEU A 190 -8.25 14.49 5.02
N SER A 191 -8.41 13.42 5.79
CA SER A 191 -7.35 12.91 6.64
C SER A 191 -6.80 11.61 6.06
N SER A 192 -5.50 11.43 6.25
CA SER A 192 -4.87 10.14 6.09
C SER A 192 -4.32 9.74 7.46
N VAL A 193 -4.69 8.54 7.90
CA VAL A 193 -4.29 8.08 9.20
C VAL A 193 -3.59 6.74 9.09
N VAL A 194 -2.84 6.41 10.13
CA VAL A 194 -2.18 5.12 10.18
C VAL A 194 -2.11 4.68 11.63
N THR A 195 -2.27 3.39 11.84
CA THR A 195 -2.08 2.80 13.15
C THR A 195 -0.72 2.13 13.20
N VAL A 196 -0.02 2.34 14.31
CA VAL A 196 1.30 1.74 14.54
C VAL A 196 1.41 1.31 16.00
N PRO A 197 2.37 0.42 16.30
CA PRO A 197 2.62 0.09 17.70
C PRO A 197 3.05 1.31 18.50
N SER A 198 2.49 1.50 19.69
CA SER A 198 2.88 2.61 20.55
C SER A 198 4.39 2.58 20.82
N SER A 199 4.91 1.40 21.16
CA SER A 199 6.32 1.24 21.53
C SER A 199 7.28 1.82 20.48
N SER A 200 6.89 1.79 19.22
CA SER A 200 7.69 2.15 18.08
C SER A 200 7.85 3.64 17.83
N LEU A 201 7.02 4.46 18.46
CA LEU A 201 6.89 5.85 18.03
C LEU A 201 8.21 6.59 17.89
N GLY A 202 8.89 6.70 19.02
CA GLY A 202 10.13 7.46 19.06
C GLY A 202 11.31 6.95 18.23
N THR A 203 11.18 5.78 17.67
CA THR A 203 12.29 5.18 16.96
C THR A 203 12.06 5.18 15.42
N GLN A 204 10.92 5.72 14.97
CA GLN A 204 10.64 5.78 13.53
C GLN A 204 9.99 7.09 13.17
N THR A 205 10.17 7.47 11.91
CA THR A 205 9.75 8.77 11.41
C THR A 205 8.54 8.56 10.53
N TYR A 206 7.48 9.29 10.84
CA TYR A 206 6.25 9.18 10.08
C TYR A 206 6.03 10.51 9.37
N ILE A 207 6.03 10.43 8.04
CA ILE A 207 5.86 11.59 7.18
C ILE A 207 4.87 11.27 6.07
N CYS A 208 3.87 12.13 5.94
CA CYS A 208 2.94 11.99 4.85
C CYS A 208 3.50 12.79 3.69
N ASN A 209 3.39 12.20 2.51
CA ASN A 209 3.79 12.84 1.29
C ASN A 209 2.55 13.19 0.52
N VAL A 210 2.14 14.43 0.67
CA VAL A 210 1.00 14.93 -0.01
C VAL A 210 1.48 15.55 -1.30
N ASN A 211 0.86 15.18 -2.40
CA ASN A 211 1.13 15.81 -3.68
C ASN A 211 -0.18 16.21 -4.34
N HIS A 212 -0.33 17.51 -4.55
CA HIS A 212 -1.47 18.05 -5.28
C HIS A 212 -0.94 18.53 -6.62
N LYS A 213 -1.20 17.72 -7.63
CA LYS A 213 -0.59 17.97 -8.92
C LYS A 213 -1.16 19.22 -9.56
N PRO A 214 -2.50 19.36 -9.59
CA PRO A 214 -3.08 20.54 -10.25
C PRO A 214 -2.45 21.87 -9.87
N SER A 215 -1.72 21.92 -8.78
CA SER A 215 -1.05 23.14 -8.35
C SER A 215 0.44 22.98 -8.07
N ASN A 216 1.03 21.83 -8.41
CA ASN A 216 2.39 21.51 -7.99
C ASN A 216 2.66 22.00 -6.55
N THR A 217 1.67 21.78 -5.69
CA THR A 217 1.86 21.80 -4.26
C THR A 217 2.24 20.38 -3.87
N LYS A 218 3.38 20.23 -3.21
CA LYS A 218 3.89 18.94 -2.81
C LYS A 218 4.54 19.12 -1.46
N VAL A 219 3.90 18.58 -0.43
CA VAL A 219 4.31 18.80 0.95
C VAL A 219 4.62 17.48 1.63
N ASP A 220 5.67 17.47 2.44
CA ASP A 220 5.96 16.36 3.33
C ASP A 220 6.01 16.88 4.75
N LYS A 221 5.31 16.24 5.69
CA LYS A 221 5.17 16.75 7.05
C LYS A 221 5.43 15.68 8.08
N ARG A 222 6.37 15.97 8.98
CA ARG A 222 6.68 15.08 10.11
C ARG A 222 5.58 15.19 11.13
N VAL A 223 5.13 14.03 11.63
CA VAL A 223 4.09 13.97 12.64
C VAL A 223 4.74 13.47 13.92
N GLU A 224 4.69 14.26 14.97
CA GLU A 224 5.30 13.86 16.23
C GLU A 224 4.42 14.28 17.38
N PRO A 225 4.73 13.81 18.61
CA PRO A 225 3.96 14.24 19.80
C PRO A 225 3.92 15.75 20.02
N LYS A 226 3.05 16.19 20.92
CA LYS A 226 2.87 17.61 21.19
C LYS A 226 3.86 18.08 22.26
N GLN B 1 -39.71 25.45 -7.94
CA GLN B 1 -38.68 25.30 -6.89
C GLN B 1 -39.17 24.29 -5.85
N VAL B 2 -38.63 24.33 -4.64
CA VAL B 2 -38.80 23.23 -3.72
C VAL B 2 -39.83 23.62 -2.67
N GLN B 3 -40.59 22.64 -2.22
CA GLN B 3 -41.62 22.92 -1.24
C GLN B 3 -41.69 21.70 -0.35
N LEU B 4 -41.87 21.96 0.94
CA LEU B 4 -41.96 20.92 1.94
C LEU B 4 -43.17 21.20 2.81
N VAL B 5 -44.11 20.27 2.87
CA VAL B 5 -45.32 20.46 3.62
C VAL B 5 -45.36 19.41 4.72
N GLN B 6 -45.45 19.87 5.95
CA GLN B 6 -45.52 18.99 7.10
C GLN B 6 -46.81 19.25 7.89
N SER B 7 -47.30 18.24 8.56
CA SER B 7 -48.52 18.39 9.35
C SER B 7 -48.45 17.39 10.45
N GLY B 8 -49.05 17.75 11.58
CA GLY B 8 -49.14 16.91 12.73
C GLY B 8 -48.63 17.76 13.88
N GLY B 9 -48.27 17.10 14.94
CA GLY B 9 -47.53 17.76 15.99
C GLY B 9 -48.39 18.64 16.85
N GLY B 10 -47.84 18.99 17.99
CA GLY B 10 -48.58 19.66 19.03
C GLY B 10 -48.26 19.02 20.36
N LEU B 11 -49.14 19.27 21.31
CA LEU B 11 -49.02 18.77 22.66
C LEU B 11 -49.78 17.46 22.75
N VAL B 12 -49.11 16.43 23.25
CA VAL B 12 -49.68 15.09 23.42
C VAL B 12 -49.23 14.50 24.74
N GLN B 13 -50.11 13.76 25.41
CA GLN B 13 -49.74 13.17 26.68
C GLN B 13 -48.82 11.96 26.48
N ALA B 14 -47.86 11.78 27.40
CA ALA B 14 -46.92 10.67 27.34
C ALA B 14 -47.68 9.37 27.28
N GLY B 15 -47.23 8.45 26.45
CA GLY B 15 -47.93 7.20 26.21
C GLY B 15 -48.90 7.24 25.04
N GLY B 16 -49.21 8.45 24.57
CA GLY B 16 -50.06 8.63 23.41
C GLY B 16 -49.32 8.48 22.09
N SER B 17 -50.01 8.84 21.02
CA SER B 17 -49.57 8.66 19.68
C SER B 17 -49.77 9.90 18.86
N LEU B 18 -49.02 9.98 17.80
CA LEU B 18 -49.16 11.03 16.88
C LEU B 18 -48.61 10.57 15.53
N ARG B 19 -49.15 11.11 14.45
CA ARG B 19 -48.66 10.76 13.15
C ARG B 19 -48.25 11.98 12.41
N LEU B 20 -47.01 12.05 12.02
CA LEU B 20 -46.52 13.16 11.20
C LEU B 20 -46.62 12.79 9.73
N SER B 21 -46.86 13.79 8.90
CA SER B 21 -47.01 13.62 7.46
C SER B 21 -46.13 14.66 6.77
N CYS B 22 -45.56 14.26 5.65
CA CYS B 22 -44.70 15.10 4.88
C CYS B 22 -44.97 14.89 3.40
N ALA B 23 -44.88 15.96 2.65
CA ALA B 23 -44.84 15.92 1.20
C ALA B 23 -43.79 16.90 0.69
N ALA B 24 -43.05 16.47 -0.31
CA ALA B 24 -41.98 17.27 -0.87
C ALA B 24 -42.12 17.37 -2.37
N SER B 25 -41.98 18.57 -2.91
CA SER B 25 -42.05 18.75 -4.35
C SER B 25 -40.92 19.62 -4.83
N GLY B 26 -40.62 19.48 -6.12
CA GLY B 26 -39.42 20.06 -6.71
C GLY B 26 -38.36 18.99 -6.76
N GLY B 27 -37.13 19.42 -6.94
CA GLY B 27 -36.00 18.51 -6.96
C GLY B 27 -36.29 17.14 -7.56
N THR B 28 -35.76 16.10 -6.92
CA THR B 28 -35.87 14.72 -7.39
C THR B 28 -36.18 13.84 -6.20
N PHE B 29 -37.17 14.25 -5.43
CA PHE B 29 -37.47 13.61 -4.16
C PHE B 29 -37.97 12.19 -4.35
N ALA B 30 -38.59 11.90 -5.48
CA ALA B 30 -39.16 10.60 -5.75
C ALA B 30 -38.06 9.53 -5.82
N THR B 31 -36.87 9.95 -6.12
CA THR B 31 -35.72 9.04 -6.27
C THR B 31 -34.64 9.20 -5.21
N SER B 32 -34.95 9.95 -4.14
CA SER B 32 -34.02 10.09 -3.01
C SER B 32 -34.55 9.44 -1.73
N PRO B 33 -33.62 8.97 -0.85
CA PRO B 33 -34.06 8.57 0.44
C PRO B 33 -34.57 9.79 1.17
N MET B 34 -35.56 9.59 2.00
CA MET B 34 -36.15 10.67 2.80
C MET B 34 -36.23 10.19 4.23
N GLY B 35 -36.49 11.11 5.14
CA GLY B 35 -36.60 10.70 6.52
C GLY B 35 -36.90 11.84 7.46
N TRP B 36 -36.70 11.59 8.72
CA TRP B 36 -37.12 12.53 9.78
C TRP B 36 -35.94 12.79 10.67
N LEU B 37 -35.71 14.07 10.95
CA LEU B 37 -34.79 14.53 11.96
C LEU B 37 -35.57 15.24 13.05
N ARG B 38 -34.91 15.48 14.19
CA ARG B 38 -35.53 16.20 15.29
C ARG B 38 -34.53 17.04 16.03
N GLN B 39 -34.98 18.16 16.57
CA GLN B 39 -34.13 19.05 17.32
C GLN B 39 -34.83 19.41 18.62
N ALA B 40 -34.36 18.81 19.72
CA ALA B 40 -34.91 19.09 21.03
C ALA B 40 -34.43 20.46 21.49
N PRO B 41 -35.27 21.15 22.26
CA PRO B 41 -34.91 22.51 22.67
C PRO B 41 -33.53 22.60 23.33
N GLY B 42 -32.70 23.50 22.84
CA GLY B 42 -31.36 23.70 23.40
C GLY B 42 -30.35 22.59 23.11
N LYS B 43 -30.70 21.63 22.27
CA LYS B 43 -29.77 20.60 21.82
C LYS B 43 -29.63 20.65 20.31
N GLY B 44 -28.80 19.76 19.77
CA GLY B 44 -28.57 19.69 18.36
C GLY B 44 -29.60 18.88 17.61
N THR B 45 -29.41 18.79 16.30
CA THR B 45 -30.24 17.99 15.42
C THR B 45 -29.85 16.53 15.48
N GLU B 46 -30.80 15.63 15.61
CA GLU B 46 -30.52 14.21 15.64
C GLU B 46 -31.39 13.42 14.68
N PHE B 47 -30.83 12.29 14.24
CA PHE B 47 -31.50 11.43 13.30
C PHE B 47 -32.65 10.67 13.95
N VAL B 48 -33.77 10.56 13.26
CA VAL B 48 -34.90 9.81 13.77
C VAL B 48 -35.20 8.58 12.94
N ALA B 49 -35.39 8.74 11.64
CA ALA B 49 -35.80 7.61 10.78
C ALA B 49 -35.57 7.97 9.32
N ALA B 50 -35.35 6.95 8.50
CA ALA B 50 -35.22 7.16 7.06
C ALA B 50 -35.74 5.98 6.27
N ILE B 51 -36.00 6.23 4.99
CA ILE B 51 -36.69 5.27 4.12
C ILE B 51 -36.27 5.52 2.69
N SER B 52 -36.09 4.45 1.95
CA SER B 52 -35.62 4.53 0.59
C SER B 52 -36.77 4.85 -0.39
N PRO B 53 -36.45 5.30 -1.60
CA PRO B 53 -37.52 5.51 -2.56
C PRO B 53 -38.28 4.22 -2.89
N SER B 54 -37.67 3.07 -2.61
CA SER B 54 -38.34 1.79 -2.75
C SER B 54 -39.50 1.57 -1.78
N GLY B 55 -39.53 2.34 -0.70
CA GLY B 55 -40.45 2.07 0.41
C GLY B 55 -39.82 1.18 1.48
N GLY B 56 -38.61 0.71 1.22
CA GLY B 56 -37.89 -0.17 2.15
C GLY B 56 -36.66 0.48 2.75
N ASP B 57 -35.74 -0.37 3.24
CA ASP B 57 -34.52 0.07 3.90
C ASP B 57 -34.87 1.02 5.04
N ARG B 58 -35.91 0.70 5.81
CA ARG B 58 -36.37 1.61 6.88
C ARG B 58 -35.46 1.48 8.07
N ILE B 59 -34.91 2.59 8.55
CA ILE B 59 -34.00 2.57 9.69
C ILE B 59 -34.33 3.66 10.70
N TYR B 60 -33.93 3.44 11.95
CA TYR B 60 -34.41 4.20 13.08
C TYR B 60 -33.31 4.49 14.09
N ALA B 61 -33.40 5.62 14.76
CA ALA B 61 -32.56 5.88 15.92
C ALA B 61 -32.84 4.81 16.91
N ASP B 62 -31.81 4.42 17.68
CA ASP B 62 -31.96 3.45 18.76
C ASP B 62 -33.11 3.83 19.71
N SER B 63 -33.14 5.11 20.10
CA SER B 63 -34.09 5.58 21.11
C SER B 63 -35.55 5.56 20.65
N VAL B 64 -35.82 5.31 19.38
CA VAL B 64 -37.21 5.25 18.90
C VAL B 64 -37.59 3.91 18.30
N LYS B 65 -36.65 3.00 18.15
CA LYS B 65 -36.96 1.73 17.48
C LYS B 65 -38.07 1.03 18.25
N GLY B 66 -38.97 0.37 17.52
CA GLY B 66 -40.09 -0.29 18.14
C GLY B 66 -41.26 0.60 18.50
N ARG B 67 -41.03 1.90 18.62
CA ARG B 67 -42.12 2.83 18.93
C ARG B 67 -42.56 3.66 17.70
N PHE B 68 -41.61 4.03 16.85
CA PHE B 68 -41.89 4.84 15.67
C PHE B 68 -41.87 3.97 14.42
N THR B 69 -42.64 4.37 13.42
CA THR B 69 -42.68 3.65 12.16
C THR B 69 -42.72 4.64 10.98
N ILE B 70 -41.79 4.46 10.06
CA ILE B 70 -41.74 5.30 8.88
C ILE B 70 -42.28 4.54 7.67
N SER B 71 -42.99 5.25 6.79
CA SER B 71 -43.63 4.66 5.63
C SER B 71 -43.64 5.62 4.45
N ARG B 72 -43.75 5.01 3.26
CA ARG B 72 -43.60 5.68 1.97
C ARG B 72 -43.98 4.73 0.86
N ASP B 73 -44.76 5.20 -0.12
CA ASP B 73 -45.10 4.42 -1.30
C ASP B 73 -43.90 4.32 -2.24
N ASN B 74 -43.91 3.32 -3.09
CA ASN B 74 -42.84 3.16 -4.06
C ASN B 74 -42.79 4.39 -4.93
N ALA B 75 -41.59 4.97 -5.01
CA ALA B 75 -41.29 6.15 -5.81
C ALA B 75 -42.11 7.36 -5.36
N GLY B 76 -42.57 7.35 -4.13
CA GLY B 76 -43.42 8.42 -3.61
C GLY B 76 -42.62 9.56 -3.05
N TYR B 77 -43.28 10.71 -2.90
CA TYR B 77 -42.71 11.83 -2.20
C TYR B 77 -43.61 12.31 -1.05
N PHE B 78 -44.52 11.46 -0.58
CA PHE B 78 -45.12 11.64 0.70
C PHE B 78 -44.49 10.62 1.65
N ILE B 79 -44.12 11.06 2.86
CA ILE B 79 -43.68 10.13 3.91
C ILE B 79 -44.40 10.37 5.21
N TYR B 80 -44.42 9.36 6.04
CA TYR B 80 -45.19 9.40 7.28
C TYR B 80 -44.37 8.78 8.40
N LEU B 81 -44.54 9.36 9.57
CA LEU B 81 -43.95 8.83 10.80
C LEU B 81 -45.08 8.58 11.80
N GLN B 82 -45.35 7.31 12.08
CA GLN B 82 -46.26 6.93 13.14
C GLN B 82 -45.46 6.88 14.45
N MET B 83 -45.81 7.79 15.38
CA MET B 83 -45.10 7.94 16.65
C MET B 83 -45.94 7.40 17.78
N ASN B 84 -45.58 6.21 18.27
CA ASN B 84 -46.31 5.59 19.39
C ASN B 84 -45.53 5.65 20.68
N SER B 85 -46.24 5.42 21.78
CA SER B 85 -45.70 5.37 23.13
C SER B 85 -44.78 6.53 23.40
N LEU B 86 -45.29 7.73 23.14
CA LEU B 86 -44.44 8.91 23.24
C LEU B 86 -43.94 9.11 24.66
N LYS B 87 -42.75 9.69 24.78
CA LYS B 87 -42.09 9.97 26.05
C LYS B 87 -41.67 11.44 26.07
N PRO B 88 -41.52 12.04 27.26
CA PRO B 88 -41.08 13.44 27.31
C PRO B 88 -39.77 13.68 26.59
N GLU B 89 -38.91 12.66 26.60
CA GLU B 89 -37.64 12.64 25.85
C GLU B 89 -37.82 12.89 24.32
N ASP B 90 -39.03 12.66 23.80
CA ASP B 90 -39.34 12.85 22.38
C ASP B 90 -39.68 14.32 22.02
N THR B 91 -39.83 15.18 23.02
CA THR B 91 -40.18 16.55 22.77
C THR B 91 -39.12 17.20 21.91
N ALA B 92 -39.54 17.72 20.77
CA ALA B 92 -38.62 18.31 19.82
C ALA B 92 -39.40 18.86 18.67
N VAL B 93 -38.70 19.68 17.87
CA VAL B 93 -39.14 20.06 16.53
C VAL B 93 -38.74 18.98 15.54
N TYR B 94 -39.72 18.40 14.85
CA TYR B 94 -39.43 17.32 13.90
C TYR B 94 -39.37 17.86 12.50
N TYR B 95 -38.38 17.39 11.74
CA TYR B 95 -38.15 17.91 10.40
C TYR B 95 -38.17 16.79 9.37
N CYS B 96 -39.02 16.92 8.37
CA CYS B 96 -38.96 16.09 7.20
C CYS B 96 -37.73 16.51 6.36
N ALA B 97 -37.00 15.52 5.87
CA ALA B 97 -35.71 15.75 5.28
C ALA B 97 -35.49 14.84 4.10
N VAL B 98 -34.60 15.24 3.21
CA VAL B 98 -34.23 14.40 2.06
C VAL B 98 -32.74 14.18 2.14
N ARG B 99 -32.32 12.95 1.95
CA ARG B 99 -30.88 12.62 1.91
C ARG B 99 -30.27 13.03 0.58
N ARG B 100 -29.46 14.08 0.60
CA ARG B 100 -28.82 14.57 -0.60
C ARG B 100 -27.36 14.20 -0.70
N ARG B 101 -26.74 13.76 0.39
CA ARG B 101 -25.33 13.37 0.36
C ARG B 101 -25.15 11.97 0.95
N PHE B 102 -24.02 11.34 0.62
CA PHE B 102 -23.67 10.00 1.14
C PHE B 102 -22.25 9.94 1.73
N ASP B 103 -21.89 10.99 2.47
CA ASP B 103 -20.57 11.09 3.10
C ASP B 103 -20.43 10.21 4.32
N GLY B 104 -21.53 10.01 5.04
CA GLY B 104 -21.48 9.30 6.31
C GLY B 104 -22.35 8.06 6.30
N THR B 105 -22.62 7.54 7.49
CA THR B 105 -23.52 6.40 7.66
C THR B 105 -24.94 6.85 7.35
N SER B 106 -25.85 5.90 7.24
CA SER B 106 -27.24 6.24 7.01
C SER B 106 -27.87 7.00 8.16
N TYR B 107 -27.14 7.09 9.26
CA TYR B 107 -27.62 7.73 10.49
C TYR B 107 -26.99 9.10 10.69
N TYR B 108 -26.21 9.55 9.72
CA TYR B 108 -25.49 10.82 9.81
C TYR B 108 -26.41 11.96 9.38
N THR B 109 -26.66 12.91 10.26
CA THR B 109 -27.64 13.95 9.98
C THR B 109 -27.13 14.92 8.91
N GLY B 110 -25.81 15.10 8.85
CA GLY B 110 -25.21 16.00 7.86
C GLY B 110 -25.43 15.60 6.41
N ASP B 111 -25.88 14.37 6.17
CA ASP B 111 -26.19 13.93 4.82
C ASP B 111 -27.60 14.34 4.40
N TYR B 112 -28.40 14.82 5.34
CA TYR B 112 -29.80 15.19 5.06
C TYR B 112 -29.98 16.70 4.98
N ASP B 113 -30.84 17.12 4.06
CA ASP B 113 -31.25 18.52 3.91
C ASP B 113 -32.70 18.65 4.40
N SER B 114 -32.97 19.71 5.13
CA SER B 114 -34.33 20.11 5.41
C SER B 114 -34.34 21.62 5.34
N TRP B 115 -35.54 22.20 5.37
CA TRP B 115 -35.70 23.66 5.48
C TRP B 115 -37.11 23.90 5.97
N GLY B 116 -37.43 25.16 6.26
CA GLY B 116 -38.71 25.48 6.85
C GLY B 116 -38.67 25.29 8.35
N GLN B 117 -39.83 25.45 8.96
CA GLN B 117 -39.97 25.56 10.41
C GLN B 117 -40.11 24.23 11.14
N GLY B 118 -40.49 23.18 10.42
CA GLY B 118 -40.68 21.88 11.04
C GLY B 118 -42.00 21.76 11.77
N THR B 119 -42.10 20.75 12.61
CA THR B 119 -43.32 20.46 13.36
C THR B 119 -42.96 20.23 14.81
N LEU B 120 -43.39 21.13 15.69
CA LEU B 120 -43.14 20.97 17.12
C LEU B 120 -44.02 19.90 17.72
N VAL B 121 -43.39 18.93 18.38
CA VAL B 121 -44.11 17.93 19.14
C VAL B 121 -43.68 18.08 20.59
N THR B 122 -44.64 18.30 21.47
CA THR B 122 -44.35 18.43 22.89
C THR B 122 -45.11 17.36 23.64
N VAL B 123 -44.40 16.61 24.47
CA VAL B 123 -44.94 15.48 25.24
C VAL B 123 -45.03 15.86 26.72
N SER B 124 -46.26 15.92 27.20
CA SER B 124 -46.55 16.22 28.60
C SER B 124 -46.63 14.94 29.43
N SER B 125 -46.78 15.12 30.74
CA SER B 125 -47.00 14.01 31.67
C SER B 125 -48.25 13.22 31.25
N ALA B 126 -48.26 11.94 31.58
CA ALA B 126 -49.41 11.09 31.26
C ALA B 126 -50.48 11.18 32.31
N SER B 127 -50.13 11.73 33.48
CA SER B 127 -50.93 11.66 34.67
C SER B 127 -51.27 13.05 35.13
N THR B 128 -52.47 13.23 35.65
CA THR B 128 -52.75 14.40 36.49
C THR B 128 -51.91 14.24 37.75
N LYS B 129 -51.15 15.28 38.08
CA LYS B 129 -50.30 15.29 39.24
C LYS B 129 -50.36 16.65 39.94
N GLY B 130 -50.54 16.63 41.25
CA GLY B 130 -50.55 17.86 42.05
C GLY B 130 -49.15 18.37 42.36
N PRO B 131 -49.02 19.67 42.70
CA PRO B 131 -47.71 20.29 42.80
C PRO B 131 -47.02 20.01 44.11
N SER B 132 -45.69 20.05 44.08
CA SER B 132 -44.89 20.22 45.28
C SER B 132 -44.71 21.72 45.53
N VAL B 133 -44.84 22.16 46.76
CA VAL B 133 -44.71 23.57 47.09
C VAL B 133 -43.55 23.76 48.06
N PHE B 134 -42.58 24.59 47.68
CA PHE B 134 -41.44 24.89 48.53
C PHE B 134 -41.36 26.39 48.81
N PRO B 135 -40.94 26.74 50.03
CA PRO B 135 -40.82 28.14 50.37
C PRO B 135 -39.62 28.79 49.69
N LEU B 136 -39.81 30.04 49.30
CA LEU B 136 -38.73 30.93 48.88
C LEU B 136 -38.55 31.89 50.05
N ALA B 137 -37.53 31.66 50.85
CA ALA B 137 -37.41 32.37 52.10
C ALA B 137 -36.66 33.68 51.89
N PRO B 138 -37.01 34.70 52.66
CA PRO B 138 -36.35 36.01 52.55
C PRO B 138 -34.91 36.00 53.07
N SER B 144 -32.50 42.36 57.44
CA SER B 144 -32.18 43.72 57.90
C SER B 144 -32.13 44.72 56.73
N GLY B 145 -33.13 45.59 56.68
CA GLY B 145 -33.27 46.57 55.59
C GLY B 145 -34.67 47.17 55.61
N GLY B 146 -35.24 47.42 54.42
CA GLY B 146 -36.57 48.05 54.29
C GLY B 146 -37.69 47.11 53.84
N THR B 147 -37.53 46.49 52.67
CA THR B 147 -38.52 45.50 52.17
C THR B 147 -37.88 44.16 51.82
N ALA B 148 -38.61 43.07 52.10
CA ALA B 148 -38.13 41.74 51.76
C ALA B 148 -39.02 41.13 50.72
N ALA B 149 -38.47 40.18 49.96
CA ALA B 149 -39.27 39.36 49.07
C ALA B 149 -39.34 37.95 49.60
N LEU B 150 -40.49 37.32 49.41
CA LEU B 150 -40.68 35.91 49.79
C LEU B 150 -41.72 35.32 48.85
N GLY B 151 -41.81 34.00 48.79
CA GLY B 151 -42.73 33.37 47.87
C GLY B 151 -42.79 31.86 48.03
N CYS B 152 -43.42 31.23 47.05
CA CYS B 152 -43.62 29.79 47.01
C CYS B 152 -43.24 29.32 45.64
N LEU B 153 -42.43 28.28 45.57
CA LEU B 153 -42.10 27.61 44.33
C LEU B 153 -43.06 26.43 44.21
N VAL B 154 -43.88 26.47 43.16
CA VAL B 154 -44.91 25.47 42.91
C VAL B 154 -44.47 24.61 41.73
N LYS B 155 -43.99 23.40 42.03
CA LYS B 155 -43.25 22.53 41.08
C LYS B 155 -44.00 21.24 40.74
N ASP B 156 -43.78 20.78 39.52
CA ASP B 156 -44.13 19.44 39.07
C ASP B 156 -45.61 19.11 39.11
N TYR B 157 -46.44 19.98 38.54
CA TYR B 157 -47.84 19.66 38.44
C TYR B 157 -48.30 19.52 37.00
N PHE B 158 -49.46 18.91 36.83
CA PHE B 158 -50.08 18.76 35.54
C PHE B 158 -51.54 18.35 35.69
N PRO B 159 -52.46 18.92 34.91
CA PRO B 159 -52.23 20.03 33.96
C PRO B 159 -52.36 21.39 34.63
N GLU B 160 -52.36 22.47 33.85
CA GLU B 160 -52.71 23.78 34.36
C GLU B 160 -54.21 23.85 34.66
N PRO B 161 -54.67 24.80 35.48
CA PRO B 161 -53.87 25.81 36.21
C PRO B 161 -53.70 25.50 37.71
N VAL B 162 -52.74 26.18 38.33
CA VAL B 162 -52.75 26.36 39.78
C VAL B 162 -53.09 27.78 40.08
N THR B 163 -53.70 28.02 41.23
CA THR B 163 -53.87 29.38 41.71
C THR B 163 -53.16 29.51 43.02
N VAL B 164 -52.73 30.73 43.36
CA VAL B 164 -52.01 30.97 44.58
C VAL B 164 -52.57 32.21 45.23
N SER B 165 -53.12 32.05 46.41
CA SER B 165 -53.46 33.17 47.26
C SER B 165 -52.44 33.31 48.40
N TRP B 166 -52.46 34.46 49.01
CA TRP B 166 -51.64 34.74 50.18
C TRP B 166 -52.51 35.08 51.38
N ASN B 167 -52.28 34.37 52.48
CA ASN B 167 -53.03 34.56 53.74
C ASN B 167 -54.52 34.48 53.52
N SER B 168 -54.91 33.52 52.69
CA SER B 168 -56.30 33.27 52.35
C SER B 168 -56.98 34.52 51.77
N GLY B 169 -56.22 35.27 50.97
CA GLY B 169 -56.73 36.45 50.29
C GLY B 169 -56.52 37.77 51.02
N ALA B 170 -56.08 37.71 52.28
CA ALA B 170 -55.86 38.94 53.04
C ALA B 170 -54.73 39.77 52.46
N LEU B 171 -53.71 39.11 51.89
CA LEU B 171 -52.57 39.81 51.31
C LEU B 171 -52.68 39.84 49.78
N THR B 172 -52.89 41.03 49.23
CA THR B 172 -53.05 41.23 47.79
C THR B 172 -51.99 42.17 47.18
N SER B 173 -51.56 43.19 47.91
CA SER B 173 -50.52 44.11 47.40
C SER B 173 -49.19 43.43 47.31
N GLY B 174 -48.49 43.66 46.19
CA GLY B 174 -47.14 43.17 45.97
C GLY B 174 -47.03 41.76 45.47
N VAL B 175 -48.16 41.09 45.25
CA VAL B 175 -48.15 39.70 44.83
C VAL B 175 -47.93 39.60 43.33
N HIS B 176 -46.94 38.80 42.92
CA HIS B 176 -46.74 38.45 41.52
C HIS B 176 -46.75 36.93 41.37
N THR B 177 -47.72 36.40 40.67
CA THR B 177 -47.75 34.99 40.35
C THR B 177 -47.35 34.83 38.90
N PHE B 178 -46.24 34.14 38.67
CA PHE B 178 -45.67 34.01 37.34
C PHE B 178 -46.39 32.98 36.48
N PRO B 179 -46.37 33.19 35.15
CA PRO B 179 -46.83 32.15 34.23
C PRO B 179 -46.04 30.87 34.37
N ALA B 180 -46.74 29.72 34.37
CA ALA B 180 -46.13 28.42 34.43
C ALA B 180 -45.27 28.21 33.22
N VAL B 181 -44.29 27.35 33.36
CA VAL B 181 -43.51 26.91 32.25
C VAL B 181 -43.56 25.41 32.28
N LEU B 182 -43.61 24.81 31.10
CA LEU B 182 -43.52 23.35 30.97
C LEU B 182 -42.07 22.92 31.00
N GLN B 183 -41.70 22.17 32.02
CA GLN B 183 -40.34 21.63 32.15
C GLN B 183 -40.13 20.48 31.15
N SER B 184 -38.89 20.10 30.90
CA SER B 184 -38.60 18.99 29.98
C SER B 184 -39.28 17.68 30.42
N SER B 185 -39.53 17.53 31.71
CA SER B 185 -40.22 16.38 32.25
C SER B 185 -41.69 16.28 31.78
N GLY B 186 -42.24 17.35 31.25
CA GLY B 186 -43.66 17.37 30.91
C GLY B 186 -44.55 17.78 32.07
N LEU B 187 -43.95 18.35 33.11
CA LEU B 187 -44.68 18.90 34.26
C LEU B 187 -44.47 20.40 34.36
N TYR B 188 -45.52 21.12 34.77
CA TYR B 188 -45.41 22.56 34.94
C TYR B 188 -44.74 22.96 36.24
N SER B 189 -44.27 24.21 36.25
CA SER B 189 -43.67 24.81 37.41
C SER B 189 -43.80 26.33 37.37
N LEU B 190 -44.05 26.93 38.53
CA LEU B 190 -44.16 28.37 38.62
C LEU B 190 -43.86 28.83 40.01
N SER B 191 -43.61 30.11 40.14
CA SER B 191 -43.43 30.76 41.44
C SER B 191 -44.44 31.88 41.64
N SER B 192 -44.79 32.08 42.90
CA SER B 192 -45.56 33.22 43.36
C SER B 192 -44.72 33.94 44.41
N VAL B 193 -44.53 35.24 44.25
CA VAL B 193 -43.78 36.04 45.18
C VAL B 193 -44.60 37.21 45.67
N VAL B 194 -44.19 37.75 46.81
CA VAL B 194 -44.79 38.95 47.38
C VAL B 194 -43.68 39.73 48.11
N THR B 195 -43.73 41.05 48.03
CA THR B 195 -42.79 41.88 48.79
C THR B 195 -43.49 42.44 50.02
N VAL B 196 -42.77 42.49 51.14
CA VAL B 196 -43.31 42.90 52.41
C VAL B 196 -42.23 43.67 53.15
N PRO B 197 -42.65 44.48 54.14
CA PRO B 197 -41.67 45.14 54.99
C PRO B 197 -40.85 44.14 55.80
N SER B 198 -39.53 44.35 55.82
CA SER B 198 -38.62 43.51 56.59
C SER B 198 -39.02 43.44 58.07
N SER B 199 -39.42 44.57 58.63
CA SER B 199 -39.81 44.64 60.04
C SER B 199 -40.96 43.71 60.43
N SER B 200 -41.79 43.30 59.47
CA SER B 200 -42.89 42.37 59.72
C SER B 200 -42.44 40.91 59.80
N LEU B 201 -41.23 40.60 59.33
CA LEU B 201 -40.82 39.20 59.20
C LEU B 201 -40.76 38.45 60.51
N GLY B 202 -40.58 39.15 61.62
CA GLY B 202 -40.54 38.48 62.91
C GLY B 202 -41.90 37.96 63.34
N THR B 203 -42.91 38.80 63.19
CA THR B 203 -44.21 38.55 63.81
C THR B 203 -45.38 38.35 62.84
N GLN B 204 -45.23 38.72 61.59
CA GLN B 204 -46.31 38.51 60.64
C GLN B 204 -46.17 37.12 60.00
N THR B 205 -47.28 36.42 59.91
CA THR B 205 -47.35 35.09 59.31
C THR B 205 -47.61 35.22 57.81
N TYR B 206 -46.77 34.60 56.99
CA TYR B 206 -46.99 34.57 55.55
C TYR B 206 -47.20 33.17 55.07
N ILE B 207 -48.40 32.92 54.52
CA ILE B 207 -48.79 31.60 54.05
C ILE B 207 -49.28 31.70 52.61
N CYS B 208 -48.76 30.84 51.74
CA CYS B 208 -49.30 30.75 50.39
C CYS B 208 -50.28 29.60 50.28
N ASN B 209 -51.47 29.86 49.75
CA ASN B 209 -52.52 28.86 49.59
C ASN B 209 -52.58 28.45 48.12
N VAL B 210 -52.03 27.28 47.82
CA VAL B 210 -51.95 26.79 46.45
C VAL B 210 -53.13 25.85 46.21
N ASN B 211 -53.82 26.08 45.11
CA ASN B 211 -54.94 25.22 44.76
C ASN B 211 -54.71 24.68 43.37
N HIS B 212 -54.77 23.36 43.24
CA HIS B 212 -54.68 22.70 41.93
C HIS B 212 -55.97 21.92 41.69
N LYS B 213 -56.98 22.61 41.19
CA LYS B 213 -58.29 22.00 40.99
C LYS B 213 -58.30 20.72 40.12
N PRO B 214 -57.45 20.66 39.08
CA PRO B 214 -57.47 19.41 38.29
C PRO B 214 -57.20 18.13 39.11
N SER B 215 -56.36 18.20 40.13
CA SER B 215 -56.07 17.02 40.97
C SER B 215 -56.74 17.12 42.32
N ASN B 216 -57.54 18.15 42.53
CA ASN B 216 -58.20 18.39 43.81
C ASN B 216 -57.22 18.46 44.94
N THR B 217 -56.01 18.97 44.65
CA THR B 217 -54.98 19.16 45.65
C THR B 217 -55.02 20.60 46.19
N LYS B 218 -54.89 20.72 47.52
CA LYS B 218 -54.75 21.98 48.22
C LYS B 218 -53.48 21.90 49.04
N VAL B 219 -52.71 22.98 49.03
CA VAL B 219 -51.49 23.07 49.81
C VAL B 219 -51.36 24.45 50.41
N ASP B 220 -51.15 24.51 51.73
CA ASP B 220 -50.82 25.75 52.41
C ASP B 220 -49.38 25.62 52.87
N LYS B 221 -48.54 26.59 52.57
CA LYS B 221 -47.17 26.52 52.99
C LYS B 221 -46.82 27.79 53.72
N ARG B 222 -46.52 27.66 55.00
CA ARG B 222 -45.90 28.75 55.74
C ARG B 222 -44.53 29.05 55.14
N VAL B 223 -44.26 30.33 54.90
CA VAL B 223 -42.98 30.79 54.45
C VAL B 223 -42.35 31.68 55.54
N GLU B 224 -41.26 31.22 56.10
CA GLU B 224 -40.54 32.02 57.10
C GLU B 224 -39.04 32.02 56.84
N PRO B 225 -38.38 33.09 57.27
CA PRO B 225 -36.95 33.24 57.08
C PRO B 225 -36.26 32.04 57.65
N LYS B 226 -35.29 31.52 56.92
CA LYS B 226 -34.54 30.32 57.26
C LYS B 226 -35.14 29.42 58.33
N GLN C 1 24.70 -17.38 9.17
CA GLN C 1 24.90 -17.92 7.79
C GLN C 1 24.75 -19.44 7.79
N VAL C 2 24.07 -19.96 6.79
CA VAL C 2 23.86 -21.40 6.67
C VAL C 2 25.13 -22.08 6.13
N GLN C 3 25.68 -23.03 6.89
CA GLN C 3 26.91 -23.76 6.51
C GLN C 3 26.62 -25.22 6.14
N LEU C 4 27.37 -25.74 5.18
CA LEU C 4 27.17 -27.09 4.65
C LEU C 4 28.29 -28.05 5.06
N VAL C 5 27.91 -29.17 5.67
CA VAL C 5 28.87 -30.20 6.15
C VAL C 5 28.68 -31.49 5.36
N GLN C 6 29.68 -31.83 4.56
CA GLN C 6 29.62 -33.00 3.67
C GLN C 6 30.26 -34.23 4.29
N SER C 7 29.73 -35.39 3.93
CA SER C 7 30.30 -36.65 4.36
C SER C 7 30.03 -37.73 3.30
N GLY C 8 30.69 -38.86 3.46
CA GLY C 8 30.71 -39.88 2.43
C GLY C 8 31.91 -39.70 1.53
N GLY C 9 31.90 -40.42 0.41
CA GLY C 9 32.97 -40.35 -0.56
C GLY C 9 33.93 -41.50 -0.39
N GLY C 10 34.97 -41.51 -1.23
CA GLY C 10 36.04 -42.52 -1.17
C GLY C 10 36.32 -43.15 -2.52
N LEU C 11 36.93 -44.33 -2.48
CA LEU C 11 37.33 -45.10 -3.66
C LEU C 11 36.26 -46.16 -3.99
N VAL C 12 35.85 -46.18 -5.26
CA VAL C 12 34.84 -47.12 -5.73
C VAL C 12 35.28 -47.66 -7.08
N GLN C 13 35.05 -48.95 -7.30
CA GLN C 13 35.32 -49.55 -8.59
C GLN C 13 34.24 -49.08 -9.55
N ALA C 14 34.61 -48.96 -10.83
CA ALA C 14 33.65 -48.62 -11.86
C ALA C 14 32.45 -49.56 -11.71
N GLY C 15 31.26 -49.00 -11.93
CA GLY C 15 30.01 -49.74 -11.77
C GLY C 15 29.45 -49.73 -10.37
N GLY C 16 30.25 -49.30 -9.39
CA GLY C 16 29.86 -49.30 -8.00
C GLY C 16 28.96 -48.13 -7.63
N SER C 17 28.70 -48.01 -6.34
CA SER C 17 27.69 -47.09 -5.84
C SER C 17 28.21 -46.31 -4.64
N LEU C 18 27.65 -45.12 -4.44
CA LEU C 18 28.06 -44.28 -3.33
C LEU C 18 26.96 -43.28 -2.99
N ARG C 19 26.87 -42.91 -1.72
CA ARG C 19 25.90 -41.92 -1.32
C ARG C 19 26.57 -40.79 -0.56
N LEU C 20 26.45 -39.57 -1.09
CA LEU C 20 26.94 -38.38 -0.39
C LEU C 20 25.80 -37.71 0.35
N SER C 21 26.16 -37.03 1.43
CA SER C 21 25.19 -36.34 2.28
C SER C 21 25.72 -34.93 2.58
N CYS C 22 24.81 -33.96 2.64
CA CYS C 22 25.13 -32.55 2.83
C CYS C 22 24.29 -32.06 4.00
N ALA C 23 24.90 -32.07 5.18
CA ALA C 23 24.21 -31.73 6.41
C ALA C 23 24.30 -30.24 6.69
N ALA C 24 23.14 -29.63 6.93
CA ALA C 24 23.09 -28.22 7.34
C ALA C 24 23.68 -28.11 8.73
N SER C 25 24.67 -27.24 8.86
CA SER C 25 25.34 -26.96 10.13
C SER C 25 25.20 -25.47 10.44
N GLY C 26 24.67 -25.15 11.62
CA GLY C 26 24.40 -23.76 11.98
C GLY C 26 23.43 -23.07 11.02
N GLY C 27 22.20 -23.55 10.97
CA GLY C 27 21.19 -23.01 10.04
C GLY C 27 20.40 -24.09 9.31
N THR C 28 19.49 -23.65 8.45
CA THR C 28 18.68 -24.54 7.63
C THR C 28 18.68 -24.02 6.20
N PHE C 29 18.19 -24.83 5.27
CA PHE C 29 18.02 -24.41 3.88
C PHE C 29 16.70 -24.94 3.35
N ALA C 30 15.69 -24.93 4.22
CA ALA C 30 14.42 -25.55 3.91
C ALA C 30 13.76 -24.91 2.69
N THR C 31 14.05 -23.63 2.47
CA THR C 31 13.42 -22.86 1.37
C THR C 31 14.38 -22.53 0.23
N SER C 32 15.63 -22.94 0.31
CA SER C 32 16.57 -22.73 -0.78
C SER C 32 16.57 -23.95 -1.71
N PRO C 33 16.56 -23.70 -3.03
CA PRO C 33 16.95 -24.81 -3.90
C PRO C 33 18.38 -25.18 -3.57
N MET C 34 18.71 -26.45 -3.70
CA MET C 34 20.05 -26.94 -3.37
C MET C 34 20.62 -27.67 -4.57
N GLY C 35 21.94 -27.74 -4.62
CA GLY C 35 22.56 -28.39 -5.74
C GLY C 35 23.87 -29.04 -5.35
N TRP C 36 24.33 -29.91 -6.25
CA TRP C 36 25.64 -30.54 -6.17
C TRP C 36 26.43 -30.14 -7.40
N LEU C 37 27.68 -29.76 -7.17
CA LEU C 37 28.62 -29.42 -8.23
C LEU C 37 29.83 -30.32 -8.03
N ARG C 38 30.71 -30.33 -9.03
CA ARG C 38 31.98 -31.01 -8.91
C ARG C 38 33.09 -30.30 -9.68
N GLN C 39 34.32 -30.55 -9.23
CA GLN C 39 35.52 -30.07 -9.89
C GLN C 39 36.38 -31.28 -10.15
N ALA C 40 36.61 -31.60 -11.41
CA ALA C 40 37.52 -32.67 -11.80
C ALA C 40 38.72 -32.04 -12.46
N PRO C 41 39.93 -32.57 -12.21
CA PRO C 41 41.09 -31.96 -12.82
C PRO C 41 40.89 -31.82 -14.30
N GLY C 42 41.18 -30.65 -14.85
CA GLY C 42 41.12 -30.44 -16.31
C GLY C 42 39.81 -29.89 -16.82
N LYS C 43 38.73 -30.11 -16.07
CA LYS C 43 37.45 -29.50 -16.38
C LYS C 43 37.29 -28.35 -15.40
N GLY C 44 36.33 -27.47 -15.69
CA GLY C 44 36.07 -26.33 -14.81
C GLY C 44 35.30 -26.82 -13.61
N THR C 45 34.31 -26.06 -13.18
CA THR C 45 33.31 -26.57 -12.26
C THR C 45 32.16 -27.01 -13.12
N GLU C 46 31.71 -28.23 -12.88
CA GLU C 46 30.61 -28.86 -13.61
C GLU C 46 29.40 -28.96 -12.71
N PHE C 47 28.24 -28.54 -13.19
CA PHE C 47 26.98 -28.73 -12.46
C PHE C 47 26.63 -30.20 -12.46
N VAL C 48 26.10 -30.73 -11.36
CA VAL C 48 25.76 -32.15 -11.26
C VAL C 48 24.25 -32.37 -11.15
N ALA C 49 23.66 -31.88 -10.07
CA ALA C 49 22.21 -32.05 -9.89
C ALA C 49 21.69 -30.92 -9.02
N ALA C 50 20.40 -30.63 -9.13
CA ALA C 50 19.79 -29.62 -8.29
C ALA C 50 18.38 -30.00 -7.94
N ILE C 51 17.89 -29.38 -6.86
CA ILE C 51 16.61 -29.75 -6.31
C ILE C 51 15.89 -28.53 -5.73
N SER C 52 14.59 -28.47 -5.93
CA SER C 52 13.78 -27.35 -5.45
C SER C 52 13.51 -27.53 -3.95
N PRO C 53 13.02 -26.48 -3.27
CA PRO C 53 12.76 -26.61 -1.82
C PRO C 53 11.87 -27.79 -1.37
N SER C 54 10.79 -28.07 -2.09
CA SER C 54 9.88 -29.19 -1.74
C SER C 54 10.39 -30.56 -2.19
N GLY C 55 11.40 -30.57 -3.07
CA GLY C 55 11.91 -31.80 -3.66
C GLY C 55 11.22 -32.25 -4.94
N GLY C 56 10.21 -31.49 -5.37
CA GLY C 56 9.37 -31.88 -6.51
C GLY C 56 9.94 -31.56 -7.87
N ASP C 57 11.11 -30.92 -7.90
CA ASP C 57 11.77 -30.62 -9.16
C ASP C 57 13.25 -30.94 -8.99
N ARG C 58 13.69 -31.93 -9.73
CA ARG C 58 15.07 -32.33 -9.74
C ARG C 58 15.57 -32.23 -11.15
N ILE C 59 16.69 -31.56 -11.33
CA ILE C 59 17.36 -31.50 -12.62
C ILE C 59 18.77 -32.06 -12.49
N TYR C 60 19.31 -32.55 -13.60
CA TYR C 60 20.56 -33.29 -13.60
C TYR C 60 21.36 -32.92 -14.83
N ALA C 61 22.68 -32.85 -14.66
CA ALA C 61 23.56 -32.74 -15.80
C ALA C 61 23.37 -33.95 -16.71
N ASP C 62 23.53 -33.71 -18.01
CA ASP C 62 23.35 -34.76 -19.00
C ASP C 62 24.22 -35.99 -18.75
N SER C 63 25.43 -35.81 -18.21
CA SER C 63 26.34 -36.94 -18.03
C SER C 63 25.91 -37.89 -16.90
N VAL C 64 25.04 -37.44 -16.00
CA VAL C 64 24.68 -38.25 -14.84
C VAL C 64 23.20 -38.62 -14.75
N LYS C 65 22.38 -37.99 -15.59
CA LYS C 65 20.93 -38.20 -15.57
C LYS C 65 20.66 -39.69 -15.67
N GLY C 66 19.83 -40.21 -14.77
CA GLY C 66 19.51 -41.62 -14.75
C GLY C 66 20.37 -42.46 -13.82
N ARG C 67 21.59 -42.00 -13.55
CA ARG C 67 22.53 -42.69 -12.65
C ARG C 67 22.54 -42.07 -11.27
N PHE C 68 22.43 -40.75 -11.20
CA PHE C 68 22.42 -40.02 -9.93
C PHE C 68 20.99 -39.66 -9.52
N THR C 69 20.77 -39.64 -8.21
CA THR C 69 19.50 -39.26 -7.65
C THR C 69 19.75 -38.27 -6.53
N ILE C 70 19.25 -37.06 -6.72
CA ILE C 70 19.34 -36.04 -5.69
C ILE C 70 18.06 -36.11 -4.87
N SER C 71 18.17 -35.90 -3.56
CA SER C 71 17.01 -35.92 -2.68
C SER C 71 17.28 -35.07 -1.45
N ARG C 72 16.22 -34.72 -0.72
CA ARG C 72 16.37 -33.85 0.44
C ARG C 72 15.40 -34.27 1.51
N ASP C 73 15.58 -33.70 2.69
CA ASP C 73 14.62 -33.90 3.80
C ASP C 73 13.52 -32.83 3.72
N ASN C 74 12.73 -32.70 4.77
CA ASN C 74 11.73 -31.64 4.86
C ASN C 74 12.15 -30.47 5.75
N ALA C 75 12.87 -30.78 6.83
CA ALA C 75 13.29 -29.78 7.82
C ALA C 75 14.43 -28.85 7.35
N GLY C 76 14.97 -29.09 6.15
CA GLY C 76 16.01 -28.22 5.62
C GLY C 76 17.37 -28.39 6.26
N TYR C 77 17.65 -29.62 6.72
CA TYR C 77 18.93 -29.97 7.35
C TYR C 77 19.79 -30.96 6.56
N PHE C 78 19.25 -31.59 5.52
CA PHE C 78 19.97 -32.63 4.75
C PHE C 78 19.59 -32.62 3.29
N ILE C 79 20.59 -32.70 2.41
CA ILE C 79 20.37 -33.13 1.03
C ILE C 79 21.35 -34.28 0.73
N TYR C 80 20.99 -35.08 -0.26
CA TYR C 80 21.74 -36.27 -0.59
C TYR C 80 21.98 -36.34 -2.09
N LEU C 81 23.01 -37.08 -2.46
CA LEU C 81 23.20 -37.47 -3.85
C LEU C 81 23.48 -38.96 -3.85
N GLN C 82 22.53 -39.74 -4.36
CA GLN C 82 22.73 -41.16 -4.59
C GLN C 82 23.40 -41.28 -5.95
N MET C 83 24.58 -41.89 -5.95
CA MET C 83 25.39 -42.05 -7.17
C MET C 83 25.52 -43.52 -7.47
N ASN C 84 24.79 -43.95 -8.50
CA ASN C 84 24.84 -45.33 -8.93
C ASN C 84 25.57 -45.45 -10.26
N SER C 85 25.97 -46.67 -10.60
CA SER C 85 26.65 -46.98 -11.87
C SER C 85 27.76 -45.98 -12.13
N LEU C 86 28.56 -45.74 -11.10
CA LEU C 86 29.66 -44.78 -11.19
C LEU C 86 30.63 -45.17 -12.31
N LYS C 87 31.12 -44.16 -13.02
CA LYS C 87 32.11 -44.33 -14.06
C LYS C 87 33.34 -43.53 -13.67
N PRO C 88 34.52 -43.89 -14.22
CA PRO C 88 35.72 -43.12 -13.89
C PRO C 88 35.61 -41.63 -14.24
N GLU C 89 34.74 -41.30 -15.21
CA GLU C 89 34.39 -39.92 -15.56
C GLU C 89 33.89 -39.12 -14.37
N ASP C 90 33.30 -39.82 -13.40
CA ASP C 90 32.67 -39.18 -12.23
C ASP C 90 33.68 -38.84 -11.13
N THR C 91 34.94 -39.23 -11.31
CA THR C 91 36.01 -38.84 -10.42
C THR C 91 36.17 -37.31 -10.37
N ALA C 92 36.06 -36.77 -9.17
CA ALA C 92 36.06 -35.32 -8.95
C ALA C 92 35.95 -35.06 -7.45
N VAL C 93 36.05 -33.79 -7.08
CA VAL C 93 35.69 -33.33 -5.74
C VAL C 93 34.30 -32.73 -5.85
N TYR C 94 33.39 -33.25 -5.03
CA TYR C 94 31.98 -32.91 -5.11
C TYR C 94 31.67 -31.87 -4.02
N TYR C 95 30.86 -30.87 -4.38
CA TYR C 95 30.43 -29.85 -3.42
C TYR C 95 28.92 -29.71 -3.47
N CYS C 96 28.31 -29.66 -2.30
CA CYS C 96 26.92 -29.22 -2.24
C CYS C 96 26.96 -27.72 -2.02
N ALA C 97 25.92 -27.03 -2.49
CA ALA C 97 25.94 -25.58 -2.51
C ALA C 97 24.51 -25.06 -2.52
N VAL C 98 24.36 -23.81 -2.09
CA VAL C 98 23.04 -23.21 -1.96
C VAL C 98 22.77 -22.36 -3.18
N ARG C 99 21.61 -22.56 -3.78
CA ARG C 99 21.17 -21.78 -4.91
C ARG C 99 20.60 -20.48 -4.37
N ARG C 100 21.34 -19.38 -4.52
CA ARG C 100 20.84 -18.08 -4.08
C ARG C 100 20.40 -17.20 -5.24
N ARG C 101 21.06 -17.38 -6.37
CA ARG C 101 20.94 -16.49 -7.53
C ARG C 101 20.10 -17.11 -8.66
N PHE C 102 19.47 -16.24 -9.45
CA PHE C 102 18.45 -16.60 -10.45
C PHE C 102 18.83 -16.24 -11.92
N ASP C 103 20.10 -16.39 -12.30
CA ASP C 103 20.55 -16.05 -13.69
C ASP C 103 21.49 -17.06 -14.39
N GLY C 104 21.20 -17.41 -15.64
CA GLY C 104 22.08 -18.25 -16.45
C GLY C 104 21.50 -19.62 -16.74
N THR C 105 21.13 -20.32 -15.66
CA THR C 105 20.20 -21.46 -15.64
C THR C 105 20.23 -22.02 -14.18
N SER C 106 19.29 -22.89 -13.83
CA SER C 106 19.50 -23.68 -12.61
C SER C 106 20.60 -24.73 -12.86
N TYR C 107 21.07 -24.81 -14.11
CA TYR C 107 22.25 -25.61 -14.51
C TYR C 107 23.56 -24.80 -14.53
N TYR C 108 23.52 -23.49 -14.25
CA TYR C 108 24.74 -22.66 -14.26
C TYR C 108 25.39 -22.72 -12.88
N THR C 109 26.66 -23.16 -12.82
CA THR C 109 27.37 -23.35 -11.55
C THR C 109 27.54 -22.06 -10.74
N GLY C 110 27.70 -20.93 -11.43
CA GLY C 110 27.84 -19.63 -10.75
C GLY C 110 26.59 -19.16 -10.02
N ASP C 111 25.46 -19.86 -10.22
CA ASP C 111 24.22 -19.59 -9.46
C ASP C 111 24.19 -20.17 -8.06
N TYR C 112 25.25 -20.88 -7.67
CA TYR C 112 25.29 -21.55 -6.39
C TYR C 112 26.52 -21.06 -5.62
N ASP C 113 26.33 -20.77 -4.33
CA ASP C 113 27.40 -20.38 -3.45
C ASP C 113 27.24 -21.09 -2.09
N SER C 114 27.95 -20.63 -1.06
CA SER C 114 27.99 -21.31 0.24
C SER C 114 28.32 -22.78 0.10
N TRP C 115 29.42 -23.05 -0.59
CA TRP C 115 29.86 -24.42 -0.86
C TRP C 115 30.27 -25.14 0.41
N GLY C 116 29.93 -26.42 0.51
CA GLY C 116 30.45 -27.26 1.57
C GLY C 116 31.95 -27.46 1.37
N GLN C 117 32.58 -28.18 2.30
CA GLN C 117 34.04 -28.35 2.29
C GLN C 117 34.51 -29.27 1.18
N GLY C 118 33.60 -30.05 0.60
CA GLY C 118 33.93 -30.91 -0.53
C GLY C 118 34.08 -32.35 -0.09
N THR C 119 33.86 -33.26 -1.03
CA THR C 119 33.90 -34.71 -0.83
C THR C 119 34.65 -35.31 -2.01
N LEU C 120 35.75 -35.99 -1.74
CA LEU C 120 36.53 -36.68 -2.78
C LEU C 120 35.87 -37.99 -3.19
N VAL C 121 35.73 -38.17 -4.51
CA VAL C 121 35.18 -39.36 -5.07
C VAL C 121 36.12 -39.78 -6.19
N THR C 122 36.67 -40.98 -6.06
CA THR C 122 37.54 -41.55 -7.09
C THR C 122 36.94 -42.87 -7.60
N VAL C 123 36.72 -42.97 -8.91
CA VAL C 123 36.21 -44.18 -9.54
C VAL C 123 37.32 -44.73 -10.40
N SER C 124 37.85 -45.89 -10.02
CA SER C 124 38.99 -46.45 -10.71
C SER C 124 38.62 -47.71 -11.45
N SER C 125 39.29 -47.94 -12.58
CA SER C 125 39.35 -49.24 -13.22
C SER C 125 40.78 -49.44 -13.70
N ALA C 126 41.46 -50.45 -13.15
CA ALA C 126 42.84 -50.74 -13.48
C ALA C 126 43.00 -51.72 -14.64
N SER C 127 41.89 -52.19 -15.21
CA SER C 127 41.92 -53.31 -16.15
C SER C 127 42.63 -52.92 -17.42
N THR C 128 43.46 -53.81 -17.90
CA THR C 128 44.14 -53.63 -19.15
C THR C 128 43.13 -53.55 -20.24
N LYS C 129 43.27 -52.54 -21.10
CA LYS C 129 42.26 -52.27 -22.10
C LYS C 129 42.93 -51.92 -23.42
N GLY C 130 42.61 -52.68 -24.45
CA GLY C 130 43.20 -52.44 -25.75
C GLY C 130 42.54 -51.29 -26.46
N PRO C 131 43.25 -50.67 -27.41
CA PRO C 131 42.71 -49.51 -28.09
C PRO C 131 41.69 -49.82 -29.17
N SER C 132 40.78 -48.88 -29.39
CA SER C 132 39.97 -48.86 -30.60
C SER C 132 40.66 -47.94 -31.60
N VAL C 133 40.89 -48.43 -32.81
CA VAL C 133 41.63 -47.69 -33.81
C VAL C 133 40.71 -47.21 -34.93
N PHE C 134 40.65 -45.90 -35.11
CA PHE C 134 39.76 -45.31 -36.09
C PHE C 134 40.55 -44.53 -37.12
N PRO C 135 40.06 -44.50 -38.37
CA PRO C 135 40.75 -43.71 -39.36
C PRO C 135 40.52 -42.21 -39.20
N LEU C 136 41.58 -41.45 -39.50
CA LEU C 136 41.46 -40.02 -39.75
C LEU C 136 41.60 -39.87 -41.26
N ALA C 137 40.47 -39.84 -41.96
CA ALA C 137 40.46 -40.01 -43.43
C ALA C 137 40.82 -38.71 -44.12
N PRO C 138 41.71 -38.78 -45.12
CA PRO C 138 42.14 -37.56 -45.79
C PRO C 138 40.99 -36.89 -46.53
N SER C 139 41.06 -35.56 -46.58
CA SER C 139 40.06 -34.71 -47.26
C SER C 139 39.85 -35.12 -48.73
N THR C 143 43.54 -29.24 -51.24
CA THR C 143 44.81 -28.63 -50.87
C THR C 143 45.53 -28.23 -52.13
N SER C 144 46.46 -27.29 -51.99
CA SER C 144 46.96 -26.57 -53.14
C SER C 144 48.33 -27.02 -53.56
N GLY C 145 49.26 -27.06 -52.62
CA GLY C 145 50.58 -27.62 -52.89
C GLY C 145 50.47 -29.09 -53.22
N GLY C 146 49.30 -29.69 -52.98
CA GLY C 146 49.01 -31.07 -53.35
C GLY C 146 49.33 -32.05 -52.22
N THR C 147 49.23 -31.58 -50.98
CA THR C 147 49.56 -32.38 -49.80
C THR C 147 48.30 -32.69 -48.98
N ALA C 148 48.12 -33.98 -48.70
CA ALA C 148 47.05 -34.44 -47.82
C ALA C 148 47.60 -34.95 -46.50
N ALA C 149 46.75 -34.89 -45.47
CA ALA C 149 47.05 -35.44 -44.17
C ALA C 149 46.08 -36.55 -43.82
N LEU C 150 46.62 -37.60 -43.25
CA LEU C 150 45.82 -38.75 -42.82
C LEU C 150 46.41 -39.33 -41.55
N GLY C 151 45.67 -40.20 -40.88
CA GLY C 151 46.14 -40.73 -39.65
C GLY C 151 45.24 -41.79 -39.08
N CYS C 152 45.55 -42.17 -37.84
CA CYS C 152 44.77 -43.11 -37.09
C CYS C 152 44.53 -42.48 -35.72
N LEU C 153 43.28 -42.56 -35.26
CA LEU C 153 42.92 -42.20 -33.91
C LEU C 153 42.87 -43.46 -33.05
N VAL C 154 43.73 -43.50 -32.03
CA VAL C 154 43.88 -44.66 -31.16
C VAL C 154 43.29 -44.30 -29.82
N LYS C 155 42.09 -44.78 -29.56
CA LYS C 155 41.26 -44.34 -28.48
C LYS C 155 41.10 -45.41 -27.39
N ASP C 156 41.05 -44.94 -26.13
CA ASP C 156 40.58 -45.69 -24.96
C ASP C 156 41.35 -46.96 -24.67
N TYR C 157 42.64 -46.81 -24.42
CA TYR C 157 43.46 -47.92 -24.00
C TYR C 157 44.04 -47.63 -22.62
N PHE C 158 44.61 -48.66 -22.02
CA PHE C 158 45.23 -48.52 -20.74
C PHE C 158 45.99 -49.79 -20.44
N PRO C 159 47.19 -49.70 -19.85
CA PRO C 159 47.96 -48.50 -19.60
C PRO C 159 48.70 -48.04 -20.86
N GLU C 160 49.58 -47.05 -20.73
CA GLU C 160 50.51 -46.74 -21.78
C GLU C 160 51.55 -47.83 -21.83
N PRO C 161 52.29 -47.97 -22.94
CA PRO C 161 52.16 -47.11 -24.14
C PRO C 161 51.53 -47.84 -25.30
N VAL C 162 51.11 -47.10 -26.32
CA VAL C 162 51.00 -47.69 -27.66
C VAL C 162 52.03 -47.04 -28.53
N THR C 163 52.42 -47.76 -29.56
CA THR C 163 53.28 -47.18 -30.56
C THR C 163 52.61 -47.43 -31.91
N VAL C 164 52.96 -46.60 -32.88
CA VAL C 164 52.35 -46.67 -34.19
C VAL C 164 53.39 -46.54 -35.27
N SER C 165 53.56 -47.58 -36.07
CA SER C 165 54.38 -47.48 -37.26
C SER C 165 53.44 -47.36 -38.45
N TRP C 166 53.99 -46.89 -39.57
CA TRP C 166 53.25 -46.83 -40.84
C TRP C 166 53.88 -47.77 -41.86
N ASN C 167 53.06 -48.61 -42.47
CA ASN C 167 53.47 -49.60 -43.47
C ASN C 167 54.67 -50.39 -42.97
N SER C 168 54.55 -50.85 -41.73
CA SER C 168 55.53 -51.73 -41.10
C SER C 168 56.92 -51.12 -41.01
N GLY C 169 56.98 -49.79 -40.95
CA GLY C 169 58.24 -49.09 -40.86
C GLY C 169 58.78 -48.51 -42.16
N ALA C 170 58.14 -48.82 -43.29
CA ALA C 170 58.63 -48.32 -44.55
C ALA C 170 58.32 -46.85 -44.73
N LEU C 171 57.31 -46.33 -44.02
CA LEU C 171 56.94 -44.92 -44.12
C LEU C 171 57.31 -44.21 -42.82
N THR C 172 58.37 -43.41 -42.88
CA THR C 172 58.89 -42.71 -41.73
C THR C 172 58.84 -41.20 -41.92
N SER C 173 58.99 -40.74 -43.15
CA SER C 173 58.98 -39.31 -43.44
C SER C 173 57.58 -38.73 -43.18
N GLY C 174 57.55 -37.59 -42.49
CA GLY C 174 56.30 -36.84 -42.23
C GLY C 174 55.37 -37.45 -41.19
N VAL C 175 55.85 -38.46 -40.45
CA VAL C 175 55.04 -39.05 -39.38
C VAL C 175 55.14 -38.21 -38.11
N HIS C 176 54.00 -37.87 -37.52
CA HIS C 176 53.90 -37.30 -36.15
C HIS C 176 52.99 -38.16 -35.33
N THR C 177 53.51 -38.82 -34.31
CA THR C 177 52.67 -39.51 -33.34
C THR C 177 52.54 -38.64 -32.11
N PHE C 178 51.31 -38.25 -31.77
CA PHE C 178 51.13 -37.28 -30.68
C PHE C 178 51.27 -37.97 -29.34
N PRO C 179 51.77 -37.23 -28.34
CA PRO C 179 51.72 -37.73 -26.97
C PRO C 179 50.30 -38.09 -26.57
N ALA C 180 50.14 -39.18 -25.83
CA ALA C 180 48.83 -39.59 -25.39
C ALA C 180 48.33 -38.60 -24.36
N VAL C 181 47.02 -38.41 -24.36
CA VAL C 181 46.36 -37.68 -23.29
C VAL C 181 45.53 -38.66 -22.51
N LEU C 182 45.47 -38.43 -21.21
CA LEU C 182 44.66 -39.20 -20.32
C LEU C 182 43.26 -38.57 -20.29
N GLN C 183 42.25 -39.33 -20.67
CA GLN C 183 40.90 -38.81 -20.74
C GLN C 183 40.26 -38.86 -19.36
N SER C 184 39.12 -38.22 -19.19
CA SER C 184 38.41 -38.24 -17.91
C SER C 184 37.93 -39.65 -17.58
N SER C 185 37.74 -40.47 -18.61
CA SER C 185 37.39 -41.87 -18.44
C SER C 185 38.50 -42.74 -17.82
N GLY C 186 39.68 -42.17 -17.61
CA GLY C 186 40.80 -42.92 -17.06
C GLY C 186 41.56 -43.73 -18.10
N LEU C 187 41.22 -43.52 -19.37
CA LEU C 187 41.85 -44.18 -20.50
C LEU C 187 42.60 -43.17 -21.34
N TYR C 188 43.60 -43.65 -22.08
CA TYR C 188 44.41 -42.79 -22.90
C TYR C 188 43.88 -42.79 -24.32
N SER C 189 44.24 -41.73 -25.04
CA SER C 189 43.92 -41.52 -26.44
C SER C 189 45.08 -40.76 -27.13
N LEU C 190 45.40 -41.14 -28.36
CA LEU C 190 46.38 -40.41 -29.16
C LEU C 190 46.03 -40.48 -30.63
N SER C 191 46.68 -39.64 -31.41
CA SER C 191 46.61 -39.74 -32.86
C SER C 191 47.99 -39.82 -33.48
N SER C 192 48.10 -40.60 -34.55
CA SER C 192 49.29 -40.61 -35.37
C SER C 192 48.86 -40.11 -36.71
N VAL C 193 49.63 -39.17 -37.26
CA VAL C 193 49.37 -38.60 -38.57
C VAL C 193 50.61 -38.62 -39.46
N VAL C 194 50.35 -38.53 -40.77
CA VAL C 194 51.39 -38.39 -41.78
C VAL C 194 50.80 -37.51 -42.88
N THR C 195 51.66 -36.71 -43.51
CA THR C 195 51.30 -35.98 -44.73
C THR C 195 51.94 -36.62 -45.95
N VAL C 196 51.15 -36.70 -47.01
CA VAL C 196 51.51 -37.41 -48.23
C VAL C 196 51.03 -36.61 -49.45
N PRO C 197 51.57 -36.92 -50.65
CA PRO C 197 51.04 -36.28 -51.84
C PRO C 197 49.60 -36.74 -52.04
N SER C 198 48.70 -35.81 -52.31
CA SER C 198 47.31 -36.14 -52.64
C SER C 198 47.22 -37.15 -53.77
N SER C 199 48.08 -36.98 -54.78
CA SER C 199 48.12 -37.92 -55.90
C SER C 199 48.33 -39.40 -55.47
N SER C 200 48.92 -39.60 -54.28
CA SER C 200 49.23 -40.95 -53.80
C SER C 200 48.06 -41.65 -53.12
N LEU C 201 46.98 -40.90 -52.87
CA LEU C 201 45.82 -41.47 -52.18
C LEU C 201 45.14 -42.55 -52.99
N GLY C 202 45.11 -42.36 -54.31
CA GLY C 202 44.50 -43.34 -55.21
C GLY C 202 45.47 -44.43 -55.67
N THR C 203 46.72 -44.42 -55.20
CA THR C 203 47.75 -45.33 -55.75
C THR C 203 48.63 -46.10 -54.74
N GLN C 204 48.52 -45.78 -53.45
CA GLN C 204 49.42 -46.29 -52.44
C GLN C 204 48.61 -46.66 -51.21
N THR C 205 49.00 -47.73 -50.54
CA THR C 205 48.25 -48.17 -49.37
C THR C 205 48.92 -47.62 -48.10
N TYR C 206 48.10 -47.05 -47.22
CA TYR C 206 48.57 -46.43 -45.98
C TYR C 206 47.92 -47.12 -44.82
N ILE C 207 48.77 -47.81 -44.05
CA ILE C 207 48.36 -48.65 -42.94
C ILE C 207 49.11 -48.20 -41.72
N CYS C 208 48.38 -47.88 -40.65
CA CYS C 208 49.01 -47.66 -39.37
C CYS C 208 49.03 -48.97 -38.58
N ASN C 209 50.21 -49.30 -38.05
CA ASN C 209 50.39 -50.52 -37.27
C ASN C 209 50.40 -50.11 -35.81
N VAL C 210 49.32 -50.43 -35.12
CA VAL C 210 49.14 -50.02 -33.73
C VAL C 210 49.53 -51.18 -32.84
N ASN C 211 50.37 -50.89 -31.85
CA ASN C 211 50.94 -51.90 -30.98
C ASN C 211 50.66 -51.51 -29.54
N HIS C 212 49.85 -52.31 -28.86
CA HIS C 212 49.59 -52.14 -27.42
C HIS C 212 50.04 -53.41 -26.69
N LYS C 213 51.29 -53.41 -26.28
CA LYS C 213 51.88 -54.60 -25.64
C LYS C 213 51.21 -54.96 -24.32
N PRO C 214 50.81 -53.98 -23.49
CA PRO C 214 50.14 -54.38 -22.26
C PRO C 214 48.94 -55.30 -22.45
N SER C 215 48.18 -55.17 -23.53
CA SER C 215 47.02 -56.04 -23.79
C SER C 215 47.34 -57.06 -24.89
N ASN C 216 48.61 -57.17 -25.27
CA ASN C 216 49.04 -58.08 -26.33
C ASN C 216 48.26 -57.89 -27.63
N THR C 217 48.05 -56.61 -27.96
CA THR C 217 47.24 -56.23 -29.11
C THR C 217 48.11 -55.59 -30.19
N LYS C 218 47.92 -56.09 -31.41
CA LYS C 218 48.49 -55.51 -32.61
C LYS C 218 47.30 -55.28 -33.53
N VAL C 219 47.16 -54.06 -34.02
CA VAL C 219 46.10 -53.79 -34.97
C VAL C 219 46.71 -53.10 -36.18
N ASP C 220 46.40 -53.63 -37.35
CA ASP C 220 46.67 -52.94 -38.61
C ASP C 220 45.37 -52.34 -39.12
N LYS C 221 45.42 -51.11 -39.59
CA LYS C 221 44.22 -50.46 -40.11
C LYS C 221 44.62 -49.64 -41.33
N ARG C 222 44.03 -49.98 -42.48
CA ARG C 222 44.22 -49.23 -43.68
C ARG C 222 43.35 -47.97 -43.68
N VAL C 223 44.00 -46.84 -43.98
CA VAL C 223 43.35 -45.56 -43.99
C VAL C 223 43.25 -45.07 -45.43
N GLU C 224 42.04 -44.68 -45.82
CA GLU C 224 41.79 -44.18 -47.16
C GLU C 224 40.67 -43.14 -47.12
N PRO C 225 40.59 -42.28 -48.15
CA PRO C 225 39.59 -41.21 -48.10
C PRO C 225 38.18 -41.76 -48.03
N LYS C 226 37.22 -40.95 -47.59
CA LYS C 226 35.82 -41.38 -47.51
C LYS C 226 34.98 -40.55 -48.46
N GLN D 1 47.61 -31.35 0.44
CA GLN D 1 46.36 -30.58 0.66
C GLN D 1 46.38 -29.25 -0.09
N VAL D 2 45.24 -28.92 -0.67
CA VAL D 2 45.09 -27.75 -1.50
C VAL D 2 43.90 -26.91 -1.05
N GLN D 3 44.16 -25.64 -0.78
CA GLN D 3 43.11 -24.75 -0.35
C GLN D 3 43.42 -23.38 -0.93
N LEU D 4 42.70 -23.01 -1.99
CA LEU D 4 42.82 -21.69 -2.59
C LEU D 4 41.85 -20.75 -1.89
N VAL D 5 42.40 -19.68 -1.31
CA VAL D 5 41.59 -18.62 -0.71
C VAL D 5 41.56 -17.44 -1.67
N GLN D 6 40.36 -16.99 -2.00
CA GLN D 6 40.21 -15.87 -2.90
C GLN D 6 39.47 -14.76 -2.27
N SER D 7 39.75 -13.56 -2.73
CA SER D 7 38.95 -12.42 -2.36
C SER D 7 38.90 -11.46 -3.52
N GLY D 8 38.06 -10.44 -3.36
CA GLY D 8 37.82 -9.42 -4.36
C GLY D 8 36.43 -9.63 -4.87
N GLY D 9 36.13 -8.97 -5.98
CA GLY D 9 34.84 -9.16 -6.62
C GLY D 9 33.72 -8.39 -5.97
N GLY D 10 32.60 -8.36 -6.69
CA GLY D 10 31.44 -7.53 -6.37
C GLY D 10 30.89 -6.93 -7.65
N LEU D 11 30.02 -5.94 -7.48
CA LEU D 11 29.36 -5.26 -8.55
C LEU D 11 30.04 -3.92 -8.79
N VAL D 12 30.41 -3.64 -10.02
CA VAL D 12 31.11 -2.41 -10.38
C VAL D 12 30.52 -1.90 -11.67
N GLN D 13 30.54 -0.59 -11.87
CA GLN D 13 30.12 -0.04 -13.16
C GLN D 13 31.18 -0.13 -14.22
N ALA D 14 30.73 -0.26 -15.47
CA ALA D 14 31.64 -0.35 -16.58
C ALA D 14 32.63 0.78 -16.50
N GLY D 15 33.89 0.46 -16.74
CA GLY D 15 34.95 1.43 -16.66
C GLY D 15 35.64 1.41 -15.31
N GLY D 16 35.07 0.74 -14.32
CA GLY D 16 35.72 0.66 -13.00
C GLY D 16 36.78 -0.41 -12.94
N SER D 17 37.32 -0.60 -11.72
CA SER D 17 38.37 -1.55 -11.42
C SER D 17 37.95 -2.45 -10.25
N LEU D 18 38.54 -3.63 -10.20
CA LEU D 18 38.53 -4.53 -9.06
C LEU D 18 39.84 -5.28 -9.09
N ARG D 19 40.24 -5.77 -7.92
CA ARG D 19 41.49 -6.51 -7.76
C ARG D 19 41.17 -7.80 -7.05
N LEU D 20 41.48 -8.93 -7.70
CA LEU D 20 41.28 -10.22 -7.10
C LEU D 20 42.57 -10.66 -6.52
N SER D 21 42.47 -11.35 -5.38
CA SER D 21 43.61 -11.93 -4.69
C SER D 21 43.38 -13.42 -4.56
N CYS D 22 44.46 -14.17 -4.54
CA CYS D 22 44.37 -15.60 -4.40
C CYS D 22 45.61 -16.08 -3.65
N ALA D 23 45.41 -17.01 -2.72
CA ALA D 23 46.48 -17.55 -1.91
C ALA D 23 46.39 -19.05 -1.96
N ALA D 24 47.52 -19.69 -2.28
CA ALA D 24 47.62 -21.15 -2.33
C ALA D 24 48.55 -21.69 -1.25
N SER D 25 48.18 -22.83 -0.66
CA SER D 25 48.96 -23.40 0.41
C SER D 25 49.40 -24.78 -0.02
N GLY D 26 50.64 -25.09 0.32
CA GLY D 26 51.17 -26.40 0.07
C GLY D 26 52.27 -26.31 -0.97
N GLY D 27 53.24 -27.22 -0.80
CA GLY D 27 54.51 -27.17 -1.50
C GLY D 27 54.45 -26.81 -2.97
N THR D 28 53.75 -27.64 -3.76
CA THR D 28 53.94 -27.64 -5.20
C THR D 28 53.56 -26.36 -5.93
N PHE D 29 52.66 -25.57 -5.35
CA PHE D 29 52.23 -24.31 -5.99
C PHE D 29 53.37 -23.33 -6.30
N ALA D 30 54.37 -23.27 -5.46
CA ALA D 30 55.44 -22.29 -5.61
C ALA D 30 56.28 -22.52 -6.86
N THR D 31 56.31 -23.73 -7.37
CA THR D 31 57.05 -24.02 -8.61
C THR D 31 56.13 -24.33 -9.79
N SER D 32 54.86 -23.92 -9.70
CA SER D 32 53.89 -24.15 -10.76
C SER D 32 53.39 -22.85 -11.30
N PRO D 33 53.13 -22.77 -12.61
CA PRO D 33 52.44 -21.61 -13.14
C PRO D 33 51.06 -21.52 -12.54
N MET D 34 50.62 -20.32 -12.27
CA MET D 34 49.27 -20.09 -11.73
C MET D 34 48.58 -19.02 -12.56
N GLY D 35 47.26 -18.95 -12.43
CA GLY D 35 46.47 -18.07 -13.27
C GLY D 35 45.00 -17.97 -12.84
N TRP D 36 44.24 -17.30 -13.70
CA TRP D 36 42.85 -17.05 -13.51
C TRP D 36 42.07 -17.59 -14.69
N LEU D 37 40.99 -18.26 -14.39
CA LEU D 37 39.99 -18.67 -15.35
C LEU D 37 38.67 -18.00 -14.96
N ARG D 38 37.68 -18.07 -15.84
CA ARG D 38 36.36 -17.52 -15.54
C ARG D 38 35.26 -18.33 -16.19
N GLN D 39 34.10 -18.35 -15.57
CA GLN D 39 32.90 -18.96 -16.12
C GLN D 39 31.81 -17.90 -16.14
N ALA D 40 31.38 -17.58 -17.35
CA ALA D 40 30.27 -16.70 -17.58
C ALA D 40 29.04 -17.55 -17.85
N PRO D 41 27.86 -17.06 -17.47
CA PRO D 41 26.61 -17.78 -17.77
C PRO D 41 26.50 -18.16 -19.25
N GLY D 42 26.25 -19.45 -19.51
CA GLY D 42 26.06 -19.93 -20.87
C GLY D 42 27.36 -20.27 -21.59
N LYS D 43 28.46 -19.75 -21.08
CA LYS D 43 29.72 -20.06 -21.66
C LYS D 43 30.34 -21.10 -20.78
N GLY D 44 31.33 -21.78 -21.30
CA GLY D 44 31.98 -22.79 -20.50
C GLY D 44 32.99 -22.10 -19.61
N THR D 45 34.22 -22.60 -19.64
CA THR D 45 35.31 -22.03 -18.87
C THR D 45 36.29 -21.40 -19.84
N GLU D 46 36.73 -20.18 -19.57
CA GLU D 46 37.65 -19.52 -20.44
C GLU D 46 38.89 -19.05 -19.70
N PHE D 47 40.00 -19.03 -20.45
CA PHE D 47 41.28 -18.58 -19.94
C PHE D 47 41.26 -17.08 -19.77
N VAL D 48 41.84 -16.59 -18.68
CA VAL D 48 41.94 -15.17 -18.46
C VAL D 48 43.40 -14.70 -18.47
N ALA D 49 44.22 -15.25 -17.57
CA ALA D 49 45.60 -14.82 -17.45
C ALA D 49 46.43 -15.85 -16.69
N ALA D 50 47.73 -15.87 -16.92
CA ALA D 50 48.62 -16.76 -16.17
C ALA D 50 50.01 -16.18 -16.04
N ILE D 51 50.77 -16.74 -15.11
CA ILE D 51 52.05 -16.18 -14.71
C ILE D 51 52.93 -17.33 -14.15
N SER D 52 54.24 -17.27 -14.42
CA SER D 52 55.15 -18.33 -14.05
C SER D 52 55.57 -18.22 -12.59
N PRO D 53 56.17 -19.27 -12.02
CA PRO D 53 56.70 -19.16 -10.64
C PRO D 53 57.72 -18.04 -10.47
N SER D 54 58.41 -17.66 -11.52
CA SER D 54 59.35 -16.55 -11.44
C SER D 54 58.69 -15.21 -11.42
N GLY D 55 57.42 -15.14 -11.81
CA GLY D 55 56.72 -13.87 -11.97
C GLY D 55 56.79 -13.28 -13.37
N GLY D 56 57.40 -14.00 -14.30
CA GLY D 56 57.36 -13.61 -15.70
C GLY D 56 56.43 -14.46 -16.55
N ASP D 57 56.65 -14.44 -17.86
CA ASP D 57 55.84 -15.23 -18.79
C ASP D 57 54.36 -14.92 -18.54
N ARG D 58 54.05 -13.66 -18.25
CA ARG D 58 52.67 -13.22 -17.98
C ARG D 58 51.89 -13.23 -19.29
N ILE D 59 50.79 -13.95 -19.35
CA ILE D 59 49.99 -14.02 -20.58
C ILE D 59 48.52 -13.74 -20.31
N TYR D 60 47.82 -13.28 -21.33
CA TYR D 60 46.45 -12.78 -21.21
C TYR D 60 45.63 -13.23 -22.40
N ALA D 61 44.38 -13.61 -22.13
CA ALA D 61 43.41 -13.81 -23.17
C ALA D 61 43.29 -12.52 -23.93
N ASP D 62 43.01 -12.63 -25.23
CA ASP D 62 42.94 -11.48 -26.09
C ASP D 62 41.93 -10.45 -25.57
N SER D 63 40.79 -10.92 -25.09
CA SER D 63 39.71 -10.03 -24.66
C SER D 63 40.10 -9.14 -23.47
N VAL D 64 41.05 -9.56 -22.66
CA VAL D 64 41.43 -8.78 -21.50
C VAL D 64 42.77 -8.10 -21.63
N LYS D 65 43.54 -8.43 -22.65
CA LYS D 65 44.89 -7.92 -22.79
C LYS D 65 44.83 -6.41 -22.88
N GLY D 66 45.66 -5.74 -22.09
CA GLY D 66 45.68 -4.28 -22.01
C GLY D 66 44.91 -3.74 -20.82
N ARG D 67 43.90 -4.47 -20.35
CA ARG D 67 43.06 -4.03 -19.24
C ARG D 67 43.38 -4.76 -17.93
N PHE D 68 43.75 -6.02 -18.01
CA PHE D 68 44.04 -6.82 -16.82
C PHE D 68 45.54 -7.01 -16.64
N THR D 69 45.96 -7.10 -15.38
CA THR D 69 47.35 -7.36 -15.03
C THR D 69 47.42 -8.40 -13.94
N ILE D 70 48.23 -9.43 -14.17
CA ILE D 70 48.43 -10.51 -13.22
C ILE D 70 49.79 -10.32 -12.62
N SER D 71 49.94 -10.63 -11.35
CA SER D 71 51.20 -10.43 -10.65
C SER D 71 51.36 -11.50 -9.59
N ARG D 72 52.59 -11.67 -9.11
CA ARG D 72 52.95 -12.73 -8.18
C ARG D 72 54.31 -12.39 -7.62
N ASP D 73 54.63 -12.83 -6.41
CA ASP D 73 56.04 -12.82 -5.95
C ASP D 73 56.87 -13.96 -6.53
N ASN D 74 58.19 -13.79 -6.57
CA ASN D 74 59.06 -14.95 -6.82
C ASN D 74 58.79 -16.03 -5.75
N ALA D 75 58.58 -15.59 -4.49
CA ALA D 75 58.00 -16.42 -3.38
C ALA D 75 56.88 -17.34 -3.88
N GLY D 76 55.83 -16.73 -4.39
CA GLY D 76 55.02 -17.38 -5.38
C GLY D 76 53.80 -18.14 -5.00
N TYR D 77 53.25 -17.93 -3.79
CA TYR D 77 51.99 -18.55 -3.37
C TYR D 77 50.75 -17.65 -3.51
N PHE D 78 50.95 -16.35 -3.58
CA PHE D 78 49.88 -15.37 -3.68
C PHE D 78 49.94 -14.74 -5.07
N ILE D 79 48.80 -14.76 -5.77
CA ILE D 79 48.70 -14.11 -7.08
C ILE D 79 47.55 -13.11 -7.07
N TYR D 80 47.61 -12.15 -7.99
CA TYR D 80 46.68 -11.01 -8.02
C TYR D 80 46.28 -10.71 -9.43
N LEU D 81 45.06 -10.26 -9.61
CA LEU D 81 44.56 -9.85 -10.92
C LEU D 81 43.94 -8.47 -10.76
N GLN D 82 44.61 -7.48 -11.33
CA GLN D 82 44.11 -6.12 -11.40
C GLN D 82 43.28 -5.98 -12.68
N MET D 83 41.99 -5.77 -12.52
CA MET D 83 41.05 -5.71 -13.63
C MET D 83 40.66 -4.26 -13.79
N ASN D 84 41.24 -3.60 -14.78
CA ASN D 84 40.91 -2.22 -15.07
C ASN D 84 39.98 -2.17 -16.26
N SER D 85 39.27 -1.04 -16.39
CA SER D 85 38.40 -0.78 -17.54
C SER D 85 37.38 -1.89 -17.77
N LEU D 86 36.70 -2.25 -16.71
CA LEU D 86 35.78 -3.36 -16.80
C LEU D 86 34.61 -3.08 -17.77
N LYS D 87 34.10 -4.16 -18.34
CA LYS D 87 33.01 -4.15 -19.31
C LYS D 87 32.01 -5.19 -18.89
N PRO D 88 30.74 -5.02 -19.31
CA PRO D 88 29.72 -6.03 -19.02
C PRO D 88 30.12 -7.42 -19.49
N GLU D 89 30.92 -7.51 -20.56
CA GLU D 89 31.40 -8.80 -21.04
C GLU D 89 32.29 -9.50 -20.01
N ASP D 90 32.82 -8.76 -19.03
CA ASP D 90 33.66 -9.34 -17.99
C ASP D 90 32.90 -10.05 -16.88
N THR D 91 31.56 -9.94 -16.86
CA THR D 91 30.80 -10.48 -15.78
C THR D 91 30.97 -11.99 -15.76
N ALA D 92 31.46 -12.54 -14.65
CA ALA D 92 31.69 -13.97 -14.56
C ALA D 92 32.10 -14.34 -13.18
N VAL D 93 32.13 -15.64 -12.89
CA VAL D 93 32.78 -16.14 -11.70
C VAL D 93 34.25 -16.38 -12.07
N TYR D 94 35.16 -15.82 -11.30
CA TYR D 94 36.59 -15.94 -11.55
C TYR D 94 37.18 -16.93 -10.58
N TYR D 95 38.00 -17.83 -11.12
CA TYR D 95 38.62 -18.92 -10.39
C TYR D 95 40.14 -18.79 -10.42
N CYS D 96 40.76 -18.80 -9.27
CA CYS D 96 42.19 -18.96 -9.17
C CYS D 96 42.54 -20.39 -9.61
N ALA D 97 43.60 -20.53 -10.38
CA ALA D 97 43.96 -21.84 -10.94
C ALA D 97 45.47 -22.07 -10.97
N VAL D 98 45.84 -23.35 -11.07
CA VAL D 98 47.22 -23.78 -11.09
C VAL D 98 47.43 -24.69 -12.29
N ARG D 99 48.52 -24.47 -13.01
CA ARG D 99 48.85 -25.31 -14.17
C ARG D 99 49.57 -26.57 -13.68
N ARG D 100 48.89 -27.71 -13.81
CA ARG D 100 49.38 -28.98 -13.33
C ARG D 100 49.89 -29.90 -14.44
N ARG D 101 49.48 -29.64 -15.68
CA ARG D 101 49.78 -30.49 -16.83
C ARG D 101 50.29 -29.61 -17.95
N PHE D 102 51.04 -30.22 -18.87
CA PHE D 102 51.63 -29.49 -19.98
C PHE D 102 51.29 -30.13 -21.32
N ASP D 103 50.05 -30.56 -21.44
CA ASP D 103 49.60 -31.22 -22.66
C ASP D 103 49.48 -30.26 -23.80
N GLY D 104 49.06 -29.05 -23.48
CA GLY D 104 48.69 -28.12 -24.50
C GLY D 104 49.51 -26.86 -24.48
N THR D 105 49.00 -25.86 -25.17
CA THR D 105 49.60 -24.53 -25.20
C THR D 105 49.29 -23.85 -23.89
N SER D 106 49.83 -22.67 -23.72
CA SER D 106 49.68 -21.92 -22.48
C SER D 106 48.25 -21.44 -22.24
N TYR D 107 47.47 -21.38 -23.31
CA TYR D 107 46.10 -20.91 -23.29
C TYR D 107 45.06 -22.05 -23.12
N TYR D 108 45.55 -23.27 -22.98
CA TYR D 108 44.72 -24.43 -22.95
C TYR D 108 44.20 -24.60 -21.56
N THR D 109 42.89 -24.53 -21.39
CA THR D 109 42.30 -24.58 -20.06
C THR D 109 42.35 -25.97 -19.43
N GLY D 110 42.46 -27.01 -20.25
CA GLY D 110 42.52 -28.36 -19.76
C GLY D 110 43.77 -28.68 -18.97
N ASP D 111 44.78 -27.82 -19.08
CA ASP D 111 46.01 -27.98 -18.33
C ASP D 111 45.93 -27.37 -16.92
N TYR D 112 44.84 -26.67 -16.61
CA TYR D 112 44.74 -25.95 -15.33
C TYR D 112 43.74 -26.61 -14.39
N ASP D 113 44.06 -26.63 -13.09
CA ASP D 113 43.19 -27.14 -12.06
C ASP D 113 42.67 -25.93 -11.23
N SER D 114 41.38 -25.90 -10.97
CA SER D 114 40.85 -24.93 -10.01
C SER D 114 40.42 -25.67 -8.75
N TRP D 115 40.35 -24.95 -7.65
CA TRP D 115 40.03 -25.57 -6.39
C TRP D 115 39.10 -24.66 -5.68
N GLY D 116 37.95 -25.16 -5.32
CA GLY D 116 37.02 -24.38 -4.49
C GLY D 116 36.26 -23.31 -5.23
N GLN D 117 35.47 -22.60 -4.46
CA GLN D 117 34.53 -21.62 -4.96
C GLN D 117 35.26 -20.43 -5.61
N GLY D 118 34.67 -19.86 -6.64
CA GLY D 118 35.25 -18.72 -7.32
C GLY D 118 34.81 -17.41 -6.70
N THR D 119 35.06 -16.33 -7.43
CA THR D 119 34.70 -14.99 -7.01
C THR D 119 33.82 -14.35 -8.08
N LEU D 120 32.60 -13.98 -7.71
CA LEU D 120 31.68 -13.39 -8.66
C LEU D 120 32.04 -11.92 -8.88
N VAL D 121 32.18 -11.57 -10.16
CA VAL D 121 32.39 -10.20 -10.62
C VAL D 121 31.21 -9.87 -11.54
N THR D 122 30.47 -8.83 -11.19
CA THR D 122 29.36 -8.36 -11.98
C THR D 122 29.63 -6.93 -12.45
N VAL D 123 29.47 -6.70 -13.75
CA VAL D 123 29.74 -5.41 -14.36
C VAL D 123 28.49 -4.88 -15.07
N SER D 124 27.95 -3.79 -14.53
CA SER D 124 26.83 -3.09 -15.14
C SER D 124 27.32 -2.05 -16.12
N SER D 125 26.39 -1.52 -16.90
CA SER D 125 26.65 -0.34 -17.69
C SER D 125 26.99 0.80 -16.72
N ALA D 126 27.47 1.91 -17.28
CA ALA D 126 27.77 3.12 -16.53
C ALA D 126 26.94 4.32 -16.98
N SER D 127 26.56 4.37 -18.26
CA SER D 127 25.83 5.51 -18.79
C SER D 127 24.39 5.46 -18.31
N THR D 128 23.91 6.60 -17.85
CA THR D 128 22.49 6.79 -17.56
C THR D 128 21.73 6.66 -18.88
N LYS D 129 20.72 5.80 -18.90
CA LYS D 129 19.95 5.57 -20.11
C LYS D 129 18.51 5.24 -19.74
N GLY D 130 17.58 5.88 -20.43
CA GLY D 130 16.18 5.64 -20.20
C GLY D 130 15.69 4.40 -20.90
N PRO D 131 14.59 3.84 -20.42
CA PRO D 131 14.12 2.58 -20.90
C PRO D 131 13.40 2.67 -22.23
N SER D 132 13.41 1.59 -22.99
CA SER D 132 12.46 1.35 -24.05
C SER D 132 11.25 0.67 -23.43
N VAL D 133 10.04 1.02 -23.89
CA VAL D 133 8.83 0.45 -23.35
C VAL D 133 7.97 -0.21 -24.44
N PHE D 134 7.71 -1.51 -24.27
CA PHE D 134 6.98 -2.30 -25.26
C PHE D 134 5.71 -2.88 -24.67
N PRO D 135 4.65 -2.94 -25.47
CA PRO D 135 3.42 -3.45 -24.93
C PRO D 135 3.42 -4.95 -24.75
N LEU D 136 2.75 -5.42 -23.70
CA LEU D 136 2.39 -6.80 -23.56
C LEU D 136 0.89 -6.88 -23.83
N ALA D 137 0.53 -7.12 -25.09
CA ALA D 137 -0.86 -6.97 -25.54
C ALA D 137 -1.72 -8.10 -25.04
N PRO D 138 -2.96 -7.80 -24.61
CA PRO D 138 -3.84 -8.88 -24.12
C PRO D 138 -4.17 -9.93 -25.16
N SER D 139 -4.38 -11.15 -24.69
CA SER D 139 -4.65 -12.29 -25.55
C SER D 139 -5.98 -12.11 -26.32
N SER D 140 -6.08 -12.80 -27.45
CA SER D 140 -7.32 -12.82 -28.22
C SER D 140 -8.26 -13.94 -27.76
N GLY D 145 -12.97 -16.51 -16.26
CA GLY D 145 -14.10 -16.01 -15.51
C GLY D 145 -14.22 -14.55 -15.87
N GLY D 146 -13.82 -14.22 -17.11
CA GLY D 146 -13.88 -12.87 -17.66
C GLY D 146 -12.69 -12.01 -17.31
N THR D 147 -11.49 -12.59 -17.30
CA THR D 147 -10.30 -11.87 -16.83
C THR D 147 -9.19 -11.89 -17.86
N ALA D 148 -8.64 -10.71 -18.16
CA ALA D 148 -7.53 -10.64 -19.10
C ALA D 148 -6.35 -9.97 -18.45
N ALA D 149 -5.16 -10.31 -18.97
CA ALA D 149 -3.90 -9.77 -18.50
C ALA D 149 -3.24 -8.94 -19.60
N LEU D 150 -2.65 -7.81 -19.21
CA LEU D 150 -1.90 -6.98 -20.14
C LEU D 150 -0.76 -6.31 -19.39
N GLY D 151 0.17 -5.72 -20.11
CA GLY D 151 1.32 -5.14 -19.41
C GLY D 151 2.21 -4.30 -20.28
N CYS D 152 3.35 -3.90 -19.70
CA CYS D 152 4.44 -3.21 -20.38
C CYS D 152 5.76 -3.84 -20.00
N LEU D 153 6.57 -4.05 -21.03
CA LEU D 153 7.95 -4.46 -20.88
C LEU D 153 8.82 -3.19 -20.92
N VAL D 154 9.61 -3.00 -19.86
CA VAL D 154 10.44 -1.84 -19.68
C VAL D 154 11.90 -2.31 -19.74
N LYS D 155 12.55 -2.07 -20.87
CA LYS D 155 13.80 -2.74 -21.16
C LYS D 155 14.97 -1.75 -21.33
N ASP D 156 16.15 -2.16 -20.89
CA ASP D 156 17.42 -1.51 -21.15
C ASP D 156 17.58 -0.11 -20.60
N TYR D 157 17.53 -0.01 -19.28
CA TYR D 157 17.75 1.24 -18.61
C TYR D 157 18.83 1.12 -17.54
N PHE D 158 19.35 2.27 -17.13
CA PHE D 158 20.36 2.35 -16.08
C PHE D 158 20.49 3.79 -15.63
N PRO D 159 20.65 4.04 -14.32
CA PRO D 159 20.58 3.07 -13.23
C PRO D 159 19.15 2.72 -12.81
N GLU D 160 19.01 1.96 -11.73
CA GLU D 160 17.70 1.85 -11.07
C GLU D 160 17.37 3.18 -10.39
N PRO D 161 16.09 3.50 -10.17
CA PRO D 161 14.91 2.70 -10.43
C PRO D 161 14.04 3.28 -11.55
N VAL D 162 13.10 2.48 -12.04
CA VAL D 162 11.96 3.01 -12.79
C VAL D 162 10.73 2.86 -11.93
N THR D 163 9.71 3.64 -12.24
CA THR D 163 8.39 3.46 -11.59
C THR D 163 7.35 3.33 -12.67
N VAL D 164 6.39 2.43 -12.48
CA VAL D 164 5.35 2.21 -13.47
C VAL D 164 4.03 2.44 -12.77
N SER D 165 3.21 3.31 -13.34
CA SER D 165 1.82 3.42 -12.92
C SER D 165 0.99 3.12 -14.14
N TRP D 166 -0.32 2.98 -13.92
CA TRP D 166 -1.27 2.62 -14.96
C TRP D 166 -2.39 3.64 -14.96
N ASN D 167 -2.71 4.09 -16.16
CA ASN D 167 -3.73 5.10 -16.38
C ASN D 167 -3.54 6.29 -15.43
N SER D 168 -2.30 6.78 -15.44
CA SER D 168 -1.88 7.96 -14.69
C SER D 168 -2.11 7.81 -13.18
N GLY D 169 -2.18 6.58 -12.70
CA GLY D 169 -2.34 6.32 -11.28
C GLY D 169 -3.72 5.86 -10.90
N ALA D 170 -4.66 5.93 -11.84
CA ALA D 170 -6.06 5.60 -11.57
C ALA D 170 -6.35 4.10 -11.55
N LEU D 171 -5.42 3.30 -12.06
CA LEU D 171 -5.54 1.85 -12.00
C LEU D 171 -4.43 1.28 -11.11
N THR D 172 -4.79 0.88 -9.90
CA THR D 172 -3.86 0.24 -8.97
C THR D 172 -4.23 -1.21 -8.66
N SER D 173 -5.51 -1.52 -8.62
CA SER D 173 -5.92 -2.90 -8.30
C SER D 173 -5.47 -3.89 -9.39
N GLY D 174 -4.89 -5.00 -8.96
CA GLY D 174 -4.43 -6.06 -9.87
C GLY D 174 -3.09 -5.82 -10.55
N VAL D 175 -2.35 -4.79 -10.12
CA VAL D 175 -1.09 -4.42 -10.72
C VAL D 175 0.06 -5.16 -10.02
N HIS D 176 0.90 -5.79 -10.82
CA HIS D 176 2.17 -6.38 -10.34
C HIS D 176 3.29 -5.81 -11.17
N THR D 177 4.21 -5.09 -10.52
CA THR D 177 5.41 -4.62 -11.18
C THR D 177 6.62 -5.37 -10.63
N PHE D 178 7.30 -6.12 -11.48
CA PHE D 178 8.32 -7.04 -11.04
C PHE D 178 9.63 -6.35 -10.71
N PRO D 179 10.41 -6.95 -9.80
CA PRO D 179 11.77 -6.47 -9.59
C PRO D 179 12.58 -6.54 -10.85
N ALA D 180 13.41 -5.54 -11.06
CA ALA D 180 14.28 -5.46 -12.20
C ALA D 180 15.35 -6.54 -12.11
N VAL D 181 15.81 -6.96 -13.29
CA VAL D 181 16.90 -7.89 -13.40
C VAL D 181 18.01 -7.22 -14.18
N LEU D 182 19.24 -7.39 -13.76
CA LEU D 182 20.35 -6.89 -14.54
C LEU D 182 20.64 -7.84 -15.69
N GLN D 183 20.51 -7.35 -16.91
CA GLN D 183 20.77 -8.18 -18.08
C GLN D 183 22.28 -8.36 -18.29
N SER D 184 22.64 -9.28 -19.18
CA SER D 184 24.05 -9.51 -19.49
C SER D 184 24.70 -8.26 -20.07
N SER D 185 23.92 -7.46 -20.76
CA SER D 185 24.36 -6.17 -21.31
C SER D 185 24.75 -5.18 -20.22
N GLY D 186 24.33 -5.43 -19.00
CA GLY D 186 24.56 -4.49 -17.89
C GLY D 186 23.51 -3.41 -17.75
N LEU D 187 22.39 -3.60 -18.43
CA LEU D 187 21.26 -2.70 -18.35
C LEU D 187 20.12 -3.49 -17.68
N TYR D 188 19.22 -2.78 -17.01
CA TYR D 188 18.11 -3.38 -16.33
C TYR D 188 16.87 -3.55 -17.20
N SER D 189 16.02 -4.50 -16.80
CA SER D 189 14.77 -4.75 -17.50
C SER D 189 13.73 -5.22 -16.49
N LEU D 190 12.49 -4.81 -16.69
CA LEU D 190 11.39 -5.34 -15.92
C LEU D 190 10.11 -5.27 -16.68
N SER D 191 9.12 -5.95 -16.16
CA SER D 191 7.78 -5.92 -16.71
C SER D 191 6.81 -5.49 -15.65
N SER D 192 5.74 -4.83 -16.08
CA SER D 192 4.60 -4.49 -15.21
C SER D 192 3.35 -4.98 -15.87
N VAL D 193 2.50 -5.64 -15.08
CA VAL D 193 1.31 -6.25 -15.60
C VAL D 193 0.13 -5.90 -14.69
N VAL D 194 -1.07 -6.08 -15.25
CA VAL D 194 -2.31 -5.84 -14.55
C VAL D 194 -3.38 -6.71 -15.17
N THR D 195 -4.29 -7.18 -14.34
CA THR D 195 -5.42 -7.99 -14.81
C THR D 195 -6.66 -7.18 -14.68
N VAL D 196 -7.52 -7.25 -15.71
CA VAL D 196 -8.70 -6.41 -15.81
C VAL D 196 -9.86 -7.25 -16.37
N PRO D 197 -11.10 -6.80 -16.13
CA PRO D 197 -12.19 -7.50 -16.76
C PRO D 197 -12.00 -7.59 -18.29
N SER D 198 -12.15 -8.79 -18.83
CA SER D 198 -12.17 -8.98 -20.28
C SER D 198 -13.11 -7.99 -21.02
N SER D 199 -14.34 -7.89 -20.54
CA SER D 199 -15.34 -6.96 -21.12
C SER D 199 -14.81 -5.52 -21.23
N SER D 200 -13.93 -5.10 -20.33
CA SER D 200 -13.42 -3.72 -20.31
C SER D 200 -12.51 -3.38 -21.48
N LEU D 201 -11.99 -4.38 -22.17
CA LEU D 201 -11.14 -4.12 -23.34
C LEU D 201 -11.93 -3.49 -24.49
N GLY D 202 -13.24 -3.66 -24.50
CA GLY D 202 -14.08 -3.06 -25.51
C GLY D 202 -14.41 -1.60 -25.26
N THR D 203 -14.06 -1.08 -24.08
CA THR D 203 -14.34 0.32 -23.75
C THR D 203 -13.15 1.06 -23.17
N GLN D 204 -12.45 0.44 -22.25
CA GLN D 204 -11.39 1.10 -21.48
C GLN D 204 -10.05 1.06 -22.18
N THR D 205 -9.34 2.20 -22.10
CA THR D 205 -7.99 2.33 -22.60
C THR D 205 -7.03 2.08 -21.44
N TYR D 206 -5.91 1.43 -21.75
CA TYR D 206 -4.89 1.13 -20.72
C TYR D 206 -3.56 1.62 -21.17
N ILE D 207 -2.98 2.50 -20.35
CA ILE D 207 -1.71 3.08 -20.67
C ILE D 207 -0.80 2.90 -19.48
N CYS D 208 0.40 2.41 -19.73
CA CYS D 208 1.39 2.35 -18.66
C CYS D 208 2.26 3.59 -18.72
N ASN D 209 2.49 4.17 -17.56
CA ASN D 209 3.27 5.35 -17.44
C ASN D 209 4.59 5.02 -16.76
N VAL D 210 5.68 5.06 -17.54
CA VAL D 210 6.97 4.62 -17.05
C VAL D 210 7.81 5.86 -16.85
N ASN D 211 8.29 6.07 -15.63
CA ASN D 211 9.11 7.19 -15.29
C ASN D 211 10.47 6.70 -14.83
N HIS D 212 11.52 7.21 -15.47
CA HIS D 212 12.93 6.89 -15.08
C HIS D 212 13.58 8.17 -14.59
N LYS D 213 13.38 8.42 -13.29
CA LYS D 213 13.89 9.63 -12.70
C LYS D 213 15.39 9.93 -12.98
N PRO D 214 16.31 8.93 -12.89
CA PRO D 214 17.69 9.22 -13.17
C PRO D 214 17.99 9.93 -14.50
N SER D 215 17.20 9.65 -15.54
CA SER D 215 17.30 10.30 -16.85
C SER D 215 16.18 11.34 -17.12
N ASN D 216 15.31 11.55 -16.14
CA ASN D 216 14.12 12.40 -16.30
C ASN D 216 13.26 12.00 -17.48
N THR D 217 13.22 10.71 -17.79
CA THR D 217 12.43 10.19 -18.89
C THR D 217 11.06 9.77 -18.43
N LYS D 218 10.07 10.13 -19.21
CA LYS D 218 8.68 9.68 -19.02
C LYS D 218 8.16 9.14 -20.33
N VAL D 219 7.63 7.93 -20.27
CA VAL D 219 7.11 7.27 -21.47
C VAL D 219 5.76 6.66 -21.18
N ASP D 220 4.75 7.09 -21.92
CA ASP D 220 3.46 6.43 -21.89
C ASP D 220 3.38 5.52 -23.09
N LYS D 221 2.96 4.29 -22.87
CA LYS D 221 2.72 3.35 -23.97
C LYS D 221 1.33 2.84 -23.84
N ARG D 222 0.56 2.96 -24.93
CA ARG D 222 -0.78 2.41 -24.97
C ARG D 222 -0.71 0.92 -25.19
N VAL D 223 -1.44 0.17 -24.38
CA VAL D 223 -1.51 -1.25 -24.55
C VAL D 223 -2.96 -1.58 -24.95
N GLU D 224 -3.07 -2.35 -26.02
CA GLU D 224 -4.38 -2.70 -26.59
C GLU D 224 -4.24 -4.03 -27.36
N PRO D 225 -5.33 -4.77 -27.54
CA PRO D 225 -5.20 -6.06 -28.25
C PRO D 225 -4.75 -5.84 -29.69
N LYS D 226 -3.91 -6.74 -30.21
CA LYS D 226 -3.34 -6.62 -31.56
C LYS D 226 -4.34 -7.03 -32.67
N SER D 227 -4.37 -6.27 -33.76
CA SER D 227 -5.38 -6.46 -34.83
C SER D 227 -5.17 -7.77 -35.60
N GLU E 1 -42.18 10.29 -17.07
CA GLU E 1 -40.97 9.42 -17.26
C GLU E 1 -41.07 8.19 -16.37
N ILE E 2 -40.27 7.19 -16.69
CA ILE E 2 -40.26 5.96 -15.92
C ILE E 2 -39.28 6.07 -14.76
N VAL E 3 -39.81 5.93 -13.55
CA VAL E 3 -38.99 5.95 -12.35
C VAL E 3 -38.66 4.51 -11.96
N LEU E 4 -37.37 4.25 -11.80
CA LEU E 4 -36.88 2.95 -11.42
C LEU E 4 -36.41 3.00 -9.98
N THR E 5 -36.77 1.99 -9.21
CA THR E 5 -36.32 1.87 -7.82
C THR E 5 -35.70 0.50 -7.60
N GLN E 6 -34.62 0.45 -6.85
CA GLN E 6 -33.94 -0.79 -6.60
C GLN E 6 -34.06 -1.18 -5.16
N SER E 7 -34.08 -2.49 -4.92
CA SER E 7 -34.15 -3.02 -3.58
C SER E 7 -33.34 -4.31 -3.51
N PRO E 8 -32.71 -4.58 -2.36
CA PRO E 8 -32.56 -3.66 -1.24
C PRO E 8 -31.49 -2.63 -1.57
N GLY E 9 -31.32 -1.64 -0.69
CA GLY E 9 -30.28 -0.61 -0.88
C GLY E 9 -28.88 -1.22 -0.71
N THR E 10 -28.75 -2.12 0.25
CA THR E 10 -27.47 -2.80 0.50
C THR E 10 -27.69 -4.30 0.69
N LEU E 11 -26.86 -5.12 0.03
CA LEU E 11 -26.79 -6.53 0.30
C LEU E 11 -25.45 -6.84 0.96
N SER E 12 -25.50 -7.55 2.09
CA SER E 12 -24.31 -8.01 2.81
C SER E 12 -24.23 -9.51 2.69
N LEU E 13 -23.22 -9.97 1.96
CA LEU E 13 -23.13 -11.38 1.60
C LEU E 13 -21.69 -11.85 1.63
N SER E 14 -21.50 -13.13 1.83
CA SER E 14 -20.17 -13.71 1.92
C SER E 14 -19.70 -14.09 0.52
N PRO E 15 -18.39 -14.12 0.32
CA PRO E 15 -17.89 -14.57 -0.98
C PRO E 15 -18.40 -15.94 -1.33
N GLY E 16 -18.83 -16.11 -2.56
CA GLY E 16 -19.38 -17.36 -3.02
C GLY E 16 -20.89 -17.48 -2.94
N GLU E 17 -21.53 -16.65 -2.14
CA GLU E 17 -22.99 -16.64 -2.05
C GLU E 17 -23.60 -16.06 -3.31
N ARG E 18 -24.88 -16.36 -3.49
CA ARG E 18 -25.70 -15.81 -4.53
C ARG E 18 -26.30 -14.46 -4.09
N ALA E 19 -26.32 -13.50 -5.01
CA ALA E 19 -26.96 -12.23 -4.79
C ALA E 19 -28.15 -12.05 -5.73
N THR E 20 -29.27 -11.60 -5.19
CA THR E 20 -30.44 -11.34 -5.96
C THR E 20 -30.81 -9.88 -5.81
N LEU E 21 -30.78 -9.14 -6.92
CA LEU E 21 -31.03 -7.72 -6.90
C LEU E 21 -32.27 -7.42 -7.72
N SER E 22 -33.12 -6.54 -7.16
CA SER E 22 -34.43 -6.18 -7.71
C SER E 22 -34.50 -4.78 -8.26
N CYS E 23 -35.23 -4.65 -9.37
CA CYS E 23 -35.48 -3.38 -10.03
C CYS E 23 -36.97 -3.31 -10.36
N ARG E 24 -37.60 -2.28 -9.81
CA ARG E 24 -39.01 -2.05 -10.06
C ARG E 24 -39.21 -0.75 -10.85
N ALA E 25 -40.10 -0.81 -11.84
CA ALA E 25 -40.39 0.31 -12.70
C ALA E 25 -41.74 0.90 -12.37
N SER E 26 -41.87 2.21 -12.51
CA SER E 26 -43.13 2.87 -12.13
C SER E 26 -44.22 2.61 -13.15
N GLN E 27 -43.84 2.18 -14.34
CA GLN E 27 -44.78 1.72 -15.36
C GLN E 27 -44.04 0.75 -16.28
N SER E 28 -44.79 0.08 -17.16
CA SER E 28 -44.24 -1.04 -17.91
C SER E 28 -43.06 -0.65 -18.80
N VAL E 29 -42.01 -1.47 -18.78
CA VAL E 29 -40.83 -1.25 -19.62
C VAL E 29 -40.97 -2.10 -20.87
N SER E 30 -41.36 -1.46 -21.96
CA SER E 30 -41.74 -2.14 -23.21
C SER E 30 -40.57 -2.90 -23.80
N SER E 31 -40.86 -4.07 -24.34
CA SER E 31 -39.90 -4.91 -25.04
C SER E 31 -38.71 -5.31 -24.16
N SER E 32 -38.88 -5.17 -22.86
CA SER E 32 -37.84 -5.53 -21.90
C SER E 32 -36.50 -4.81 -22.18
N TYR E 33 -36.60 -3.55 -22.60
CA TYR E 33 -35.44 -2.72 -22.78
C TYR E 33 -34.91 -2.22 -21.42
N LEU E 34 -34.32 -3.16 -20.70
CA LEU E 34 -33.78 -2.97 -19.39
C LEU E 34 -32.34 -3.45 -19.38
N ALA E 35 -31.43 -2.64 -18.84
CA ALA E 35 -30.03 -3.02 -18.73
C ALA E 35 -29.54 -2.94 -17.28
N TRP E 36 -28.52 -3.75 -16.97
CA TRP E 36 -27.86 -3.71 -15.68
C TRP E 36 -26.39 -3.36 -15.86
N TYR E 37 -25.88 -2.57 -14.91
CA TYR E 37 -24.51 -2.11 -14.86
C TYR E 37 -23.87 -2.42 -13.49
N GLN E 38 -22.56 -2.61 -13.50
CA GLN E 38 -21.74 -2.70 -12.28
C GLN E 38 -20.93 -1.45 -12.22
N GLN E 39 -20.80 -0.89 -11.03
CA GLN E 39 -20.04 0.32 -10.88
C GLN E 39 -19.09 0.23 -9.68
N LYS E 40 -17.85 0.60 -9.94
CA LYS E 40 -16.82 0.65 -8.93
C LYS E 40 -16.28 2.06 -8.87
N PRO E 41 -15.76 2.46 -7.70
CA PRO E 41 -15.35 3.86 -7.53
C PRO E 41 -14.33 4.31 -8.58
N GLY E 42 -14.55 5.49 -9.14
CA GLY E 42 -13.64 6.04 -10.13
C GLY E 42 -13.75 5.42 -11.51
N GLN E 43 -14.72 4.56 -11.70
CA GLN E 43 -14.88 3.88 -12.98
C GLN E 43 -16.28 4.05 -13.52
N ALA E 44 -16.34 4.21 -14.84
CA ALA E 44 -17.61 4.29 -15.52
C ALA E 44 -18.34 2.99 -15.34
N PRO E 45 -19.67 3.05 -15.27
CA PRO E 45 -20.40 1.79 -15.13
C PRO E 45 -20.12 0.86 -16.28
N ARG E 46 -20.16 -0.43 -16.00
CA ARG E 46 -19.79 -1.50 -16.89
C ARG E 46 -21.07 -2.26 -17.19
N LEU E 47 -21.45 -2.32 -18.46
CA LEU E 47 -22.67 -2.96 -18.86
C LEU E 47 -22.56 -4.46 -18.68
N LEU E 48 -23.47 -5.01 -17.91
CA LEU E 48 -23.57 -6.44 -17.65
C LEU E 48 -24.59 -7.13 -18.55
N ILE E 49 -25.80 -6.58 -18.56
CA ILE E 49 -26.95 -7.18 -19.18
C ILE E 49 -27.73 -6.09 -19.93
N TYR E 50 -28.26 -6.45 -21.13
CA TYR E 50 -29.22 -5.63 -21.88
C TYR E 50 -30.33 -6.51 -22.34
N ASP E 51 -31.43 -5.89 -22.78
CA ASP E 51 -32.65 -6.61 -23.13
C ASP E 51 -33.08 -7.52 -22.00
N ALA E 52 -32.87 -7.05 -20.77
CA ALA E 52 -33.22 -7.70 -19.52
C ALA E 52 -32.45 -8.98 -19.17
N SER E 53 -31.98 -9.73 -20.18
CA SER E 53 -31.42 -11.06 -19.93
C SER E 53 -30.28 -11.45 -20.86
N SER E 54 -29.80 -10.53 -21.69
CA SER E 54 -28.66 -10.81 -22.56
C SER E 54 -27.34 -10.26 -21.99
N ARG E 55 -26.35 -11.14 -21.86
CA ARG E 55 -25.05 -10.74 -21.35
C ARG E 55 -24.36 -9.94 -22.42
N ALA E 56 -23.67 -8.89 -22.05
CA ALA E 56 -22.78 -8.21 -22.97
C ALA E 56 -21.54 -9.07 -23.19
N THR E 57 -20.77 -8.74 -24.21
CA THR E 57 -19.64 -9.58 -24.58
C THR E 57 -18.58 -9.61 -23.48
N GLY E 58 -18.13 -10.82 -23.15
CA GLY E 58 -17.13 -11.01 -22.14
C GLY E 58 -17.61 -11.00 -20.69
N ILE E 59 -18.91 -10.80 -20.49
CA ILE E 59 -19.46 -10.83 -19.15
C ILE E 59 -19.61 -12.28 -18.72
N PRO E 60 -19.11 -12.62 -17.52
CA PRO E 60 -19.16 -14.01 -17.04
C PRO E 60 -20.57 -14.57 -16.83
N ASP E 61 -20.68 -15.88 -16.96
CA ASP E 61 -21.95 -16.62 -16.89
C ASP E 61 -22.72 -16.35 -15.62
N ARG E 62 -22.01 -16.09 -14.54
CA ARG E 62 -22.63 -15.91 -13.22
C ARG E 62 -23.51 -14.67 -13.11
N PHE E 63 -23.44 -13.76 -14.08
CA PHE E 63 -24.40 -12.65 -14.14
C PHE E 63 -25.57 -13.02 -15.06
N SER E 64 -26.77 -13.07 -14.51
CA SER E 64 -27.94 -13.39 -15.31
C SER E 64 -29.12 -12.48 -14.94
N GLY E 65 -29.91 -12.13 -15.94
CA GLY E 65 -31.02 -11.20 -15.76
C GLY E 65 -32.32 -11.85 -16.16
N SER E 66 -33.40 -11.42 -15.51
CA SER E 66 -34.73 -11.89 -15.80
C SER E 66 -35.72 -10.80 -15.47
N GLY E 67 -36.98 -11.06 -15.79
CA GLY E 67 -38.08 -10.15 -15.45
C GLY E 67 -38.76 -9.60 -16.69
N SER E 68 -39.86 -8.90 -16.47
CA SER E 68 -40.54 -8.14 -17.50
C SER E 68 -41.58 -7.26 -16.83
N GLY E 69 -42.20 -6.40 -17.62
CA GLY E 69 -43.21 -5.51 -17.13
C GLY E 69 -42.62 -4.43 -16.26
N THR E 70 -42.86 -4.54 -14.96
CA THR E 70 -42.40 -3.59 -13.97
C THR E 70 -41.46 -4.21 -12.91
N ASP E 71 -41.03 -5.47 -13.10
CA ASP E 71 -40.20 -6.16 -12.12
C ASP E 71 -39.10 -6.96 -12.81
N PHE E 72 -37.86 -6.58 -12.50
CA PHE E 72 -36.69 -7.20 -13.04
C PHE E 72 -35.74 -7.63 -11.95
N THR E 73 -34.92 -8.62 -12.28
CA THR E 73 -33.98 -9.19 -11.35
C THR E 73 -32.61 -9.41 -11.99
N LEU E 74 -31.56 -9.05 -11.25
CA LEU E 74 -30.20 -9.43 -11.57
C LEU E 74 -29.77 -10.46 -10.54
N THR E 75 -29.31 -11.60 -11.04
CA THR E 75 -28.76 -12.64 -10.20
C THR E 75 -27.27 -12.72 -10.41
N ILE E 76 -26.51 -12.71 -9.33
CA ILE E 76 -25.09 -13.02 -9.39
C ILE E 76 -24.96 -14.33 -8.66
N SER E 77 -24.76 -15.42 -9.43
CA SER E 77 -25.00 -16.77 -8.92
C SER E 77 -23.93 -17.19 -7.92
N ARG E 78 -22.79 -16.51 -8.00
CA ARG E 78 -21.66 -16.75 -7.11
C ARG E 78 -20.90 -15.44 -6.99
N LEU E 79 -20.70 -14.93 -5.76
CA LEU E 79 -19.96 -13.68 -5.62
C LEU E 79 -18.46 -13.90 -5.61
N GLU E 80 -17.78 -13.48 -6.66
CA GLU E 80 -16.33 -13.45 -6.66
C GLU E 80 -15.83 -12.15 -5.97
N PRO E 81 -14.58 -12.15 -5.51
CA PRO E 81 -14.07 -10.93 -4.84
C PRO E 81 -14.29 -9.63 -5.62
N GLU E 82 -14.13 -9.71 -6.95
CA GLU E 82 -14.33 -8.56 -7.84
C GLU E 82 -15.80 -8.11 -8.06
N ASP E 83 -16.77 -8.85 -7.54
CA ASP E 83 -18.19 -8.60 -7.75
C ASP E 83 -18.84 -7.68 -6.72
N PHE E 84 -18.16 -7.43 -5.62
CA PHE E 84 -18.69 -6.54 -4.57
C PHE E 84 -18.53 -5.12 -5.09
N ALA E 85 -19.64 -4.50 -5.43
CA ALA E 85 -19.63 -3.22 -6.10
C ALA E 85 -21.05 -2.67 -6.00
N VAL E 86 -21.32 -1.59 -6.73
CA VAL E 86 -22.67 -1.05 -6.84
C VAL E 86 -23.28 -1.48 -8.16
N TYR E 87 -24.55 -1.84 -8.14
CA TYR E 87 -25.24 -2.31 -9.34
C TYR E 87 -26.43 -1.44 -9.61
N TYR E 88 -26.58 -1.05 -10.88
CA TYR E 88 -27.65 -0.14 -11.35
C TYR E 88 -28.47 -0.79 -12.47
N CYS E 89 -29.79 -0.56 -12.41
CA CYS E 89 -30.68 -0.86 -13.51
C CYS E 89 -30.97 0.43 -14.26
N GLN E 90 -31.26 0.28 -15.54
CA GLN E 90 -31.50 1.36 -16.48
C GLN E 90 -32.58 0.90 -17.48
N GLN E 91 -33.57 1.75 -17.75
CA GLN E 91 -34.51 1.48 -18.82
C GLN E 91 -34.25 2.38 -20.01
N TYR E 92 -34.33 1.80 -21.20
CA TYR E 92 -34.18 2.55 -22.45
C TYR E 92 -35.35 2.31 -23.38
N SER E 93 -36.52 2.13 -22.79
CA SER E 93 -37.80 1.96 -23.50
C SER E 93 -38.47 3.29 -23.84
N TYR E 94 -38.41 4.26 -22.95
CA TYR E 94 -39.00 5.59 -23.21
C TYR E 94 -38.01 6.66 -22.82
N SER E 95 -37.95 7.71 -23.62
CA SER E 95 -37.11 8.85 -23.30
C SER E 95 -37.74 9.67 -22.19
N PRO E 96 -36.94 10.15 -21.23
CA PRO E 96 -35.52 9.93 -21.14
C PRO E 96 -35.19 8.55 -20.57
N VAL E 97 -34.05 8.02 -21.00
CA VAL E 97 -33.43 6.90 -20.32
C VAL E 97 -33.27 7.25 -18.85
N THR E 98 -33.67 6.32 -17.98
CA THR E 98 -33.58 6.56 -16.56
C THR E 98 -32.82 5.46 -15.87
N PHE E 99 -32.31 5.79 -14.70
CA PHE E 99 -31.47 4.88 -13.92
C PHE E 99 -32.06 4.69 -12.52
N GLY E 100 -31.88 3.51 -11.95
CA GLY E 100 -32.19 3.27 -10.56
C GLY E 100 -31.16 3.96 -9.68
N GLN E 101 -31.35 3.89 -8.36
CA GLN E 101 -30.46 4.57 -7.43
C GLN E 101 -29.36 3.66 -6.89
N GLY E 102 -29.31 2.40 -7.36
CA GLY E 102 -28.22 1.50 -7.03
C GLY E 102 -28.48 0.57 -5.87
N THR E 103 -27.91 -0.63 -5.94
CA THR E 103 -27.84 -1.55 -4.81
C THR E 103 -26.36 -1.87 -4.58
N LYS E 104 -25.88 -1.60 -3.39
CA LYS E 104 -24.51 -1.92 -3.01
C LYS E 104 -24.43 -3.35 -2.50
N VAL E 105 -23.50 -4.12 -3.04
CA VAL E 105 -23.21 -5.46 -2.57
C VAL E 105 -21.85 -5.39 -1.85
N GLU E 106 -21.88 -5.62 -0.55
CA GLU E 106 -20.72 -5.55 0.32
C GLU E 106 -20.45 -6.90 0.92
N ILE E 107 -19.25 -7.03 1.48
CA ILE E 107 -18.82 -8.27 2.04
C ILE E 107 -19.30 -8.32 3.47
N LYS E 108 -19.95 -9.41 3.84
CA LYS E 108 -20.31 -9.61 5.21
C LYS E 108 -19.17 -10.27 5.96
N ARG E 109 -18.83 -9.72 7.10
CA ARG E 109 -17.84 -10.30 8.00
C ARG E 109 -18.44 -10.22 9.43
N THR E 110 -17.69 -10.74 10.41
CA THR E 110 -18.17 -10.76 11.77
C THR E 110 -18.17 -9.35 12.27
N VAL E 111 -19.06 -9.08 13.23
CA VAL E 111 -19.18 -7.74 13.79
C VAL E 111 -17.86 -7.41 14.46
N ALA E 112 -17.34 -6.22 14.21
CA ALA E 112 -16.07 -5.76 14.76
C ALA E 112 -16.27 -4.34 15.28
N ALA E 113 -15.97 -4.12 16.54
CA ALA E 113 -16.16 -2.81 17.15
C ALA E 113 -15.06 -1.87 16.69
N PRO E 114 -15.35 -0.56 16.64
CA PRO E 114 -14.33 0.38 16.21
C PRO E 114 -13.37 0.71 17.32
N SER E 115 -12.10 0.89 16.96
CA SER E 115 -11.11 1.54 17.83
C SER E 115 -11.20 3.04 17.62
N VAL E 116 -11.38 3.79 18.70
CA VAL E 116 -11.69 5.21 18.60
C VAL E 116 -10.50 6.00 19.10
N PHE E 117 -10.15 7.03 18.36
CA PHE E 117 -9.07 7.92 18.70
C PHE E 117 -9.60 9.32 18.44
N ILE E 118 -9.08 10.26 19.22
CA ILE E 118 -9.39 11.67 19.04
C ILE E 118 -8.09 12.46 18.90
N PHE E 119 -8.09 13.44 17.99
CA PHE E 119 -6.91 14.24 17.71
C PHE E 119 -7.23 15.71 17.88
N PRO E 120 -6.49 16.39 18.74
CA PRO E 120 -6.70 17.83 18.86
C PRO E 120 -6.14 18.54 17.64
N PRO E 121 -6.48 19.81 17.43
CA PRO E 121 -5.87 20.59 16.37
C PRO E 121 -4.47 20.96 16.73
N SER E 122 -3.61 21.05 15.73
CA SER E 122 -2.21 21.28 15.93
C SER E 122 -1.99 22.75 16.29
N ASP E 123 -0.86 23.03 16.93
CA ASP E 123 -0.46 24.41 17.17
C ASP E 123 -0.46 25.17 15.85
N GLU E 124 0.25 24.62 14.87
CA GLU E 124 0.31 25.16 13.51
C GLU E 124 -1.07 25.65 13.05
N GLN E 125 -2.08 24.78 13.12
CA GLN E 125 -3.37 25.12 12.52
C GLN E 125 -4.08 26.25 13.25
N LEU E 126 -4.06 26.21 14.57
CA LEU E 126 -4.72 27.25 15.33
C LEU E 126 -4.21 28.63 14.88
N LYS E 127 -2.91 28.73 14.58
CA LYS E 127 -2.31 30.00 14.17
C LYS E 127 -2.96 30.54 12.89
N SER E 128 -3.59 29.66 12.13
CA SER E 128 -4.38 30.07 10.97
C SER E 128 -5.77 30.60 11.35
N GLY E 129 -6.13 30.53 12.63
CA GLY E 129 -7.45 31.00 13.13
C GLY E 129 -8.55 29.96 13.15
N THR E 130 -8.27 28.78 12.62
CA THR E 130 -9.25 27.69 12.56
C THR E 130 -8.74 26.47 13.33
N ALA E 131 -9.67 25.74 13.93
CA ALA E 131 -9.34 24.51 14.63
C ALA E 131 -10.18 23.33 14.16
N SER E 132 -9.50 22.25 13.77
CA SER E 132 -10.16 21.02 13.36
C SER E 132 -9.83 19.98 14.40
N VAL E 133 -10.86 19.31 14.90
N VAL E 133 -10.87 19.30 14.88
CA VAL E 133 -10.65 18.19 15.81
CA VAL E 133 -10.72 18.21 15.82
C VAL E 133 -11.19 16.97 15.10
C VAL E 133 -11.23 16.95 15.15
N VAL E 134 -10.39 15.91 15.09
CA VAL E 134 -10.72 14.74 14.33
C VAL E 134 -10.99 13.56 15.24
N CYS E 135 -12.08 12.86 14.98
CA CYS E 135 -12.39 11.63 15.69
C CYS E 135 -12.30 10.49 14.67
N LEU E 136 -11.48 9.48 14.99
CA LEU E 136 -11.28 8.36 14.11
C LEU E 136 -11.93 7.11 14.68
N LEU E 137 -12.75 6.47 13.87
CA LEU E 137 -13.32 5.17 14.17
C LEU E 137 -12.63 4.18 13.24
N ASN E 138 -11.82 3.30 13.79
CA ASN E 138 -10.97 2.45 12.98
C ASN E 138 -11.38 1.00 12.91
N ASN E 139 -11.49 0.48 11.70
CA ASN E 139 -11.68 -0.93 11.46
C ASN E 139 -12.88 -1.54 12.16
N PHE E 140 -14.06 -1.12 11.75
CA PHE E 140 -15.30 -1.64 12.31
C PHE E 140 -16.19 -2.27 11.25
N TYR E 141 -17.18 -3.01 11.70
CA TYR E 141 -18.17 -3.59 10.81
C TYR E 141 -19.36 -4.01 11.66
N PRO E 142 -20.60 -3.76 11.23
CA PRO E 142 -21.03 -3.21 9.95
C PRO E 142 -20.84 -1.73 9.87
N ARG E 143 -21.22 -1.16 8.74
CA ARG E 143 -20.87 0.21 8.41
C ARG E 143 -21.55 1.26 9.29
N GLU E 144 -22.67 0.92 9.89
CA GLU E 144 -23.48 1.92 10.59
C GLU E 144 -22.88 2.28 11.95
N ALA E 145 -22.87 3.56 12.27
CA ALA E 145 -22.47 4.02 13.60
C ALA E 145 -23.08 5.39 13.85
N LYS E 146 -23.01 5.81 15.11
CA LYS E 146 -23.40 7.17 15.48
C LYS E 146 -22.21 7.84 16.15
N VAL E 147 -21.94 9.07 15.74
CA VAL E 147 -20.81 9.81 16.27
C VAL E 147 -21.32 11.19 16.66
N GLN E 148 -21.33 11.48 17.94
CA GLN E 148 -21.69 12.82 18.42
C GLN E 148 -20.51 13.55 19.02
N TRP E 149 -20.39 14.81 18.67
CA TRP E 149 -19.46 15.69 19.32
C TRP E 149 -20.15 16.33 20.52
N LYS E 150 -19.46 16.37 21.67
CA LYS E 150 -19.92 17.13 22.83
C LYS E 150 -18.84 18.08 23.31
N VAL E 151 -19.19 19.36 23.41
CA VAL E 151 -18.26 20.36 23.92
C VAL E 151 -18.83 20.91 25.22
N ASP E 152 -18.14 20.64 26.33
CA ASP E 152 -18.69 20.85 27.68
C ASP E 152 -20.08 20.24 27.83
N ASN E 153 -20.18 18.96 27.47
CA ASN E 153 -21.45 18.22 27.53
C ASN E 153 -22.55 18.73 26.57
N ALA E 154 -22.21 19.71 25.72
CA ALA E 154 -23.15 20.29 24.77
C ALA E 154 -23.10 19.56 23.44
N LEU E 155 -24.21 18.89 23.11
CA LEU E 155 -24.36 18.22 21.83
C LEU E 155 -24.20 19.23 20.71
N GLN E 156 -23.30 18.92 19.77
CA GLN E 156 -23.00 19.82 18.67
C GLN E 156 -23.71 19.35 17.41
N SER E 157 -23.98 20.30 16.53
CA SER E 157 -24.75 20.02 15.32
C SER E 157 -24.36 21.01 14.26
N GLY E 158 -24.36 20.57 13.01
CA GLY E 158 -24.11 21.45 11.87
C GLY E 158 -22.67 21.83 11.59
N ASN E 159 -21.75 21.51 12.49
CA ASN E 159 -20.35 21.93 12.34
C ASN E 159 -19.37 20.76 12.23
N SER E 160 -19.85 19.57 11.90
CA SER E 160 -18.98 18.40 11.77
C SER E 160 -19.17 17.69 10.45
N GLN E 161 -18.11 17.14 9.89
CA GLN E 161 -18.21 16.41 8.61
C GLN E 161 -17.67 15.02 8.77
N GLU E 162 -18.37 14.05 8.17
CA GLU E 162 -18.01 12.66 8.23
C GLU E 162 -17.50 12.20 6.88
N SER E 163 -16.65 11.17 6.91
CA SER E 163 -16.16 10.51 5.73
C SER E 163 -15.88 9.05 6.07
N VAL E 164 -16.16 8.14 5.14
CA VAL E 164 -16.03 6.72 5.37
C VAL E 164 -15.22 6.06 4.24
N THR E 165 -14.23 5.23 4.59
CA THR E 165 -13.46 4.54 3.60
C THR E 165 -14.28 3.46 2.89
N GLU E 166 -13.82 3.05 1.73
CA GLU E 166 -14.39 1.87 1.10
C GLU E 166 -14.01 0.65 1.91
N GLN E 167 -14.82 -0.38 1.80
CA GLN E 167 -14.58 -1.57 2.53
C GLN E 167 -13.17 -2.07 2.30
N ASP E 168 -12.46 -2.33 3.38
CA ASP E 168 -11.06 -2.70 3.27
C ASP E 168 -10.92 -4.01 2.52
N SER E 169 -10.01 -4.03 1.55
CA SER E 169 -9.84 -5.21 0.71
C SER E 169 -9.20 -6.41 1.43
N LYS E 170 -8.60 -6.19 2.59
CA LYS E 170 -7.98 -7.29 3.33
C LYS E 170 -8.92 -7.85 4.40
N ASP E 171 -9.50 -6.98 5.22
CA ASP E 171 -10.28 -7.44 6.37
C ASP E 171 -11.75 -7.06 6.36
N SER E 172 -12.22 -6.41 5.29
CA SER E 172 -13.64 -6.10 5.06
C SER E 172 -14.27 -5.17 6.11
N THR E 173 -13.43 -4.42 6.78
CA THR E 173 -13.88 -3.41 7.72
C THR E 173 -14.02 -2.05 7.06
N TYR E 174 -14.61 -1.13 7.81
CA TYR E 174 -14.73 0.25 7.43
C TYR E 174 -14.03 1.11 8.49
N SER E 175 -13.58 2.28 8.07
CA SER E 175 -13.13 3.28 9.02
C SER E 175 -13.85 4.58 8.72
N LEU E 176 -14.00 5.41 9.74
CA LEU E 176 -14.78 6.64 9.65
C LEU E 176 -14.03 7.78 10.36
N SER E 177 -14.08 8.95 9.75
CA SER E 177 -13.57 10.17 10.33
C SER E 177 -14.70 11.15 10.50
N SER E 178 -14.80 11.76 11.67
CA SER E 178 -15.69 12.91 11.90
C SER E 178 -14.80 14.06 12.30
N THR E 179 -14.93 15.17 11.58
CA THR E 179 -14.10 16.35 11.82
C THR E 179 -14.95 17.53 12.21
N LEU E 180 -14.78 17.98 13.44
CA LEU E 180 -15.48 19.15 13.93
C LEU E 180 -14.61 20.37 13.65
N THR E 181 -15.14 21.32 12.89
CA THR E 181 -14.41 22.54 12.53
C THR E 181 -15.06 23.76 13.16
N LEU E 182 -14.25 24.53 13.86
CA LEU E 182 -14.69 25.80 14.45
C LEU E 182 -13.53 26.78 14.44
N SER E 183 -13.83 28.07 14.61
CA SER E 183 -12.78 29.08 14.67
C SER E 183 -11.96 28.95 15.97
N LYS E 184 -10.77 29.53 15.97
CA LYS E 184 -9.91 29.53 17.15
C LYS E 184 -10.60 30.21 18.33
N ALA E 185 -11.36 31.27 18.04
CA ALA E 185 -12.14 31.97 19.05
C ALA E 185 -13.07 30.97 19.75
N ASP E 186 -13.94 30.36 18.97
CA ASP E 186 -14.90 29.39 19.49
C ASP E 186 -14.21 28.17 20.13
N TYR E 187 -12.94 27.93 19.79
CA TYR E 187 -12.19 26.77 20.31
C TYR E 187 -11.75 26.96 21.74
N GLU E 188 -11.09 28.08 22.00
CA GLU E 188 -10.54 28.30 23.33
C GLU E 188 -11.54 29.02 24.25
N LYS E 189 -12.79 29.14 23.80
CA LYS E 189 -13.92 29.47 24.67
C LYS E 189 -14.45 28.24 25.41
N HIS E 190 -13.78 27.09 25.28
CA HIS E 190 -14.33 25.84 25.79
C HIS E 190 -13.25 24.86 26.26
N LYS E 191 -13.67 23.92 27.09
CA LYS E 191 -12.76 23.08 27.87
C LYS E 191 -12.74 21.61 27.39
N VAL E 192 -13.88 20.93 27.56
CA VAL E 192 -13.96 19.50 27.27
C VAL E 192 -14.36 19.27 25.81
N TYR E 193 -13.52 18.54 25.10
CA TYR E 193 -13.82 18.09 23.73
C TYR E 193 -13.90 16.58 23.71
N ALA E 194 -15.09 16.08 23.38
CA ALA E 194 -15.37 14.67 23.46
C ALA E 194 -16.01 14.18 22.18
N CYS E 195 -15.69 12.93 21.86
CA CYS E 195 -16.25 12.20 20.76
C CYS E 195 -16.97 10.99 21.32
N GLU E 196 -18.28 10.85 21.06
CA GLU E 196 -19.03 9.71 21.56
C GLU E 196 -19.48 8.81 20.42
N VAL E 197 -19.21 7.52 20.56
CA VAL E 197 -19.39 6.55 19.49
C VAL E 197 -20.29 5.41 19.93
N THR E 198 -21.33 5.20 19.16
CA THR E 198 -22.22 4.07 19.38
C THR E 198 -22.09 3.13 18.22
N HIS E 199 -21.91 1.85 18.52
CA HIS E 199 -21.75 0.84 17.48
C HIS E 199 -22.15 -0.51 18.04
N GLN E 200 -22.65 -1.36 17.15
CA GLN E 200 -23.18 -2.66 17.52
C GLN E 200 -22.15 -3.55 18.21
N GLY E 201 -20.91 -3.41 17.82
CA GLY E 201 -19.82 -4.18 18.44
C GLY E 201 -19.45 -3.78 19.85
N LEU E 202 -19.96 -2.64 20.32
CA LEU E 202 -19.67 -2.12 21.63
C LEU E 202 -20.85 -2.40 22.53
N SER E 203 -20.55 -2.80 23.77
CA SER E 203 -21.57 -3.05 24.81
C SER E 203 -22.22 -1.76 25.29
N SER E 204 -21.48 -0.66 25.21
CA SER E 204 -22.04 0.66 25.47
C SER E 204 -21.17 1.71 24.78
N PRO E 205 -21.73 2.89 24.50
CA PRO E 205 -20.99 3.88 23.73
C PRO E 205 -19.65 4.24 24.33
N VAL E 206 -18.63 4.31 23.49
CA VAL E 206 -17.30 4.72 23.92
C VAL E 206 -17.14 6.22 23.68
N THR E 207 -16.61 6.91 24.67
CA THR E 207 -16.28 8.31 24.56
C THR E 207 -14.77 8.49 24.72
N LYS E 208 -14.13 9.14 23.75
CA LYS E 208 -12.75 9.59 23.88
C LYS E 208 -12.74 11.10 23.94
N SER E 209 -11.86 11.66 24.74
CA SER E 209 -11.88 13.11 24.98
C SER E 209 -10.55 13.67 25.44
N PHE E 210 -10.43 14.98 25.30
CA PHE E 210 -9.32 15.71 25.85
C PHE E 210 -9.80 17.07 26.35
N ASN E 211 -9.02 17.66 27.25
CA ASN E 211 -9.24 19.03 27.67
C ASN E 211 -8.20 19.88 26.98
N ARG E 212 -8.66 20.95 26.33
CA ARG E 212 -7.77 21.77 25.51
C ARG E 212 -6.58 22.27 26.32
N GLY E 213 -5.37 22.00 25.85
CA GLY E 213 -4.18 22.35 26.62
C GLY E 213 -2.97 22.53 25.74
N GLU F 1 61.62 -24.17 3.56
CA GLU F 1 62.26 -24.92 2.45
C GLU F 1 62.93 -23.98 1.48
N ILE F 2 63.65 -24.57 0.55
CA ILE F 2 64.33 -23.82 -0.49
C ILE F 2 63.59 -24.05 -1.78
N VAL F 3 63.02 -22.98 -2.31
CA VAL F 3 62.30 -23.06 -3.56
C VAL F 3 63.19 -22.52 -4.69
N LEU F 4 63.34 -23.34 -5.73
CA LEU F 4 64.12 -22.98 -6.89
C LEU F 4 63.20 -22.47 -8.01
N THR F 5 63.60 -21.37 -8.61
CA THR F 5 62.85 -20.71 -9.67
C THR F 5 63.73 -20.48 -10.89
N GLN F 6 63.33 -21.01 -12.04
CA GLN F 6 64.11 -20.87 -13.24
C GLN F 6 63.48 -19.90 -14.19
N SER F 7 64.32 -19.11 -14.84
CA SER F 7 63.88 -18.23 -15.92
C SER F 7 64.97 -18.16 -17.02
N PRO F 8 64.57 -17.81 -18.24
CA PRO F 8 63.17 -17.76 -18.66
C PRO F 8 62.56 -19.17 -18.71
N GLY F 9 61.27 -19.27 -19.00
CA GLY F 9 60.60 -20.56 -19.21
C GLY F 9 61.12 -21.24 -20.47
N THR F 10 61.30 -20.46 -21.54
CA THR F 10 61.80 -21.00 -22.82
C THR F 10 62.82 -20.08 -23.41
N LEU F 11 63.90 -20.66 -23.93
CA LEU F 11 64.88 -19.95 -24.71
C LEU F 11 64.76 -20.46 -26.12
N SER F 12 64.73 -19.55 -27.08
CA SER F 12 64.65 -19.88 -28.50
C SER F 12 65.92 -19.40 -29.19
N LEU F 13 66.76 -20.33 -29.59
CA LEU F 13 68.08 -20.02 -30.08
C LEU F 13 68.46 -20.88 -31.26
N SER F 14 69.46 -20.44 -31.99
CA SER F 14 69.94 -21.22 -33.12
C SER F 14 71.14 -22.03 -32.71
N PRO F 15 71.38 -23.16 -33.40
CA PRO F 15 72.63 -23.86 -33.18
C PRO F 15 73.80 -22.90 -33.35
N GLY F 16 74.81 -23.04 -32.49
CA GLY F 16 75.99 -22.18 -32.52
C GLY F 16 75.92 -21.02 -31.56
N GLU F 17 74.72 -20.68 -31.11
CA GLU F 17 74.52 -19.58 -30.16
C GLU F 17 74.75 -20.05 -28.72
N ARG F 18 74.79 -19.07 -27.83
CA ARG F 18 75.05 -19.27 -26.43
C ARG F 18 73.76 -19.19 -25.65
N ALA F 19 73.51 -20.20 -24.82
CA ALA F 19 72.34 -20.21 -23.95
C ALA F 19 72.79 -19.87 -22.54
N THR F 20 72.06 -18.95 -21.93
CA THR F 20 72.33 -18.54 -20.58
C THR F 20 71.05 -18.76 -19.73
N LEU F 21 71.13 -19.70 -18.82
CA LEU F 21 70.00 -20.16 -18.05
C LEU F 21 70.19 -19.75 -16.59
N SER F 22 69.11 -19.28 -15.98
CA SER F 22 69.15 -18.76 -14.62
C SER F 22 68.35 -19.61 -13.64
N CYS F 23 68.92 -19.78 -12.45
CA CYS F 23 68.26 -20.49 -11.38
C CYS F 23 68.37 -19.60 -10.16
N ARG F 24 67.22 -19.21 -9.62
N ARG F 24 67.21 -19.24 -9.62
CA ARG F 24 67.15 -18.39 -8.41
CA ARG F 24 67.12 -18.41 -8.41
C ARG F 24 66.58 -19.21 -7.24
C ARG F 24 66.57 -19.23 -7.24
N ALA F 25 67.24 -19.14 -6.10
CA ALA F 25 66.80 -19.83 -4.89
C ALA F 25 66.11 -18.83 -3.96
N SER F 26 65.12 -19.31 -3.23
CA SER F 26 64.36 -18.48 -2.30
C SER F 26 65.23 -18.01 -1.13
N GLN F 27 66.25 -18.80 -0.80
CA GLN F 27 67.25 -18.44 0.19
C GLN F 27 68.59 -19.03 -0.20
N SER F 28 69.64 -18.62 0.51
CA SER F 28 70.99 -19.07 0.15
C SER F 28 71.10 -20.57 0.17
N VAL F 29 71.63 -21.14 -0.91
CA VAL F 29 71.88 -22.58 -0.95
C VAL F 29 73.24 -22.80 -0.33
N SER F 30 73.26 -23.43 0.84
CA SER F 30 74.50 -23.67 1.58
C SER F 30 75.51 -24.47 0.76
N SER F 31 76.75 -23.99 0.78
CA SER F 31 77.90 -24.64 0.22
C SER F 31 77.72 -24.97 -1.26
N SER F 32 76.98 -24.11 -1.96
CA SER F 32 76.81 -24.21 -3.40
C SER F 32 76.43 -25.65 -3.83
N TYR F 33 75.58 -26.28 -3.01
CA TYR F 33 75.03 -27.59 -3.22
C TYR F 33 73.93 -27.54 -4.28
N LEU F 34 74.36 -27.19 -5.48
CA LEU F 34 73.47 -26.90 -6.61
C LEU F 34 73.89 -27.75 -7.82
N ALA F 35 72.92 -28.42 -8.44
CA ALA F 35 73.18 -29.26 -9.62
C ALA F 35 72.31 -28.84 -10.81
N TRP F 36 72.83 -29.09 -12.02
CA TRP F 36 72.12 -28.89 -13.27
C TRP F 36 71.97 -30.21 -14.02
N TYR F 37 70.76 -30.44 -14.57
CA TYR F 37 70.44 -31.60 -15.36
C TYR F 37 69.95 -31.22 -16.74
N GLN F 38 70.22 -32.08 -17.71
CA GLN F 38 69.59 -32.05 -19.00
C GLN F 38 68.51 -33.11 -19.07
N GLN F 39 67.38 -32.77 -19.67
CA GLN F 39 66.29 -33.71 -19.79
C GLN F 39 65.75 -33.72 -21.21
N LYS F 40 65.80 -34.88 -21.85
CA LYS F 40 65.25 -35.09 -23.18
C LYS F 40 64.12 -36.08 -23.09
N PRO F 41 63.15 -36.00 -24.00
CA PRO F 41 61.98 -36.84 -23.81
C PRO F 41 62.29 -38.35 -23.74
N GLY F 42 61.71 -39.00 -22.73
CA GLY F 42 61.85 -40.44 -22.57
C GLY F 42 63.21 -40.91 -22.09
N GLN F 43 64.10 -39.97 -21.80
CA GLN F 43 65.45 -40.29 -21.40
C GLN F 43 65.64 -39.94 -19.95
N ALA F 44 66.48 -40.71 -19.29
CA ALA F 44 66.78 -40.43 -17.90
C ALA F 44 67.45 -39.08 -17.80
N PRO F 45 67.23 -38.35 -16.70
CA PRO F 45 67.87 -37.05 -16.59
C PRO F 45 69.37 -37.23 -16.55
N ARG F 46 70.09 -36.32 -17.18
CA ARG F 46 71.53 -36.38 -17.28
C ARG F 46 72.16 -35.30 -16.44
N LEU F 47 72.97 -35.67 -15.45
CA LEU F 47 73.64 -34.69 -14.60
C LEU F 47 74.76 -34.04 -15.36
N LEU F 48 74.72 -32.72 -15.39
CA LEU F 48 75.68 -31.93 -16.12
C LEU F 48 76.72 -31.31 -15.19
N ILE F 49 76.24 -30.72 -14.10
CA ILE F 49 77.02 -29.90 -13.20
C ILE F 49 76.53 -30.17 -11.77
N TYR F 50 77.48 -30.20 -10.84
CA TYR F 50 77.17 -30.24 -9.41
C TYR F 50 78.13 -29.33 -8.67
N ASP F 51 77.88 -29.14 -7.38
CA ASP F 51 78.64 -28.18 -6.57
C ASP F 51 78.69 -26.83 -7.29
N ALA F 52 77.59 -26.51 -7.97
CA ALA F 52 77.40 -25.26 -8.73
C ALA F 52 78.23 -25.08 -9.99
N SER F 53 79.46 -25.58 -9.98
CA SER F 53 80.38 -25.31 -11.06
C SER F 53 81.25 -26.47 -11.51
N SER F 54 81.06 -27.67 -10.96
CA SER F 54 81.91 -28.78 -11.30
C SER F 54 81.24 -29.60 -12.40
N ARG F 55 81.89 -29.75 -13.53
CA ARG F 55 81.36 -30.55 -14.60
C ARG F 55 81.45 -32.02 -14.26
N ALA F 56 80.37 -32.76 -14.52
CA ALA F 56 80.38 -34.18 -14.33
C ALA F 56 81.33 -34.77 -15.37
N THR F 57 81.91 -35.89 -15.05
CA THR F 57 82.84 -36.53 -15.94
C THR F 57 82.15 -36.85 -17.25
N GLY F 58 82.80 -36.55 -18.34
CA GLY F 58 82.27 -36.85 -19.64
C GLY F 58 81.33 -35.78 -20.18
N ILE F 59 81.09 -34.72 -19.44
CA ILE F 59 80.25 -33.65 -19.93
C ILE F 59 81.12 -32.67 -20.71
N PRO F 60 80.66 -32.24 -21.90
CA PRO F 60 81.48 -31.36 -22.74
C PRO F 60 81.79 -30.00 -22.12
N ASP F 61 82.98 -29.48 -22.41
CA ASP F 61 83.44 -28.16 -21.90
C ASP F 61 82.45 -27.02 -22.16
N ARG F 62 81.61 -27.16 -23.17
CA ARG F 62 80.74 -26.03 -23.51
C ARG F 62 79.68 -25.72 -22.46
N PHE F 63 79.40 -26.70 -21.60
CA PHE F 63 78.53 -26.55 -20.47
C PHE F 63 79.36 -26.03 -19.29
N SER F 64 78.93 -24.90 -18.74
CA SER F 64 79.63 -24.26 -17.63
C SER F 64 78.59 -23.78 -16.61
N GLY F 65 78.79 -24.11 -15.33
CA GLY F 65 77.93 -23.60 -14.25
C GLY F 65 78.63 -22.58 -13.37
N SER F 66 77.89 -21.62 -12.88
CA SER F 66 78.44 -20.59 -12.03
C SER F 66 77.39 -20.04 -11.10
N GLY F 67 77.82 -19.12 -10.22
CA GLY F 67 76.93 -18.48 -9.28
C GLY F 67 77.12 -18.99 -7.88
N SER F 68 76.44 -18.36 -6.94
CA SER F 68 76.50 -18.76 -5.55
C SER F 68 75.34 -18.10 -4.83
N GLY F 69 75.08 -18.51 -3.60
CA GLY F 69 74.04 -17.91 -2.78
C GLY F 69 72.64 -18.20 -3.30
N THR F 70 72.03 -17.18 -3.89
CA THR F 70 70.67 -17.30 -4.42
C THR F 70 70.63 -17.24 -5.93
N ASP F 71 71.75 -17.05 -6.60
CA ASP F 71 71.73 -16.86 -8.03
C ASP F 71 72.72 -17.80 -8.67
N PHE F 72 72.20 -18.65 -9.55
CA PHE F 72 73.02 -19.60 -10.28
C PHE F 72 72.77 -19.52 -11.77
N THR F 73 73.76 -19.96 -12.53
CA THR F 73 73.71 -19.82 -13.94
C THR F 73 74.31 -21.01 -14.63
N LEU F 74 73.58 -21.54 -15.62
CA LEU F 74 74.11 -22.55 -16.51
C LEU F 74 74.31 -21.90 -17.85
N THR F 75 75.57 -21.86 -18.30
CA THR F 75 75.90 -21.33 -19.62
C THR F 75 76.30 -22.44 -20.59
N ILE F 76 75.60 -22.52 -21.72
CA ILE F 76 75.89 -23.48 -22.76
C ILE F 76 76.36 -22.74 -24.00
N SER F 77 77.65 -22.82 -24.26
CA SER F 77 78.23 -22.14 -25.42
C SER F 77 78.06 -23.00 -26.65
N ARG F 78 77.99 -22.35 -27.79
CA ARG F 78 78.03 -23.06 -29.06
C ARG F 78 77.07 -24.26 -29.06
N LEU F 79 75.79 -23.98 -28.87
CA LEU F 79 74.77 -24.99 -28.84
C LEU F 79 74.87 -25.95 -30.02
N GLU F 80 74.86 -27.24 -29.75
CA GLU F 80 74.78 -28.27 -30.74
C GLU F 80 73.33 -28.73 -30.85
N PRO F 81 72.98 -29.39 -31.96
CA PRO F 81 71.61 -29.89 -32.09
C PRO F 81 71.13 -30.81 -30.96
N GLU F 82 72.04 -31.62 -30.40
CA GLU F 82 71.73 -32.45 -29.24
C GLU F 82 71.56 -31.70 -27.88
N ASP F 83 71.89 -30.41 -27.83
CA ASP F 83 71.76 -29.60 -26.61
C ASP F 83 70.41 -28.94 -26.44
N PHE F 84 69.55 -29.03 -27.44
CA PHE F 84 68.19 -28.53 -27.31
C PHE F 84 67.34 -29.53 -26.51
N ALA F 85 66.88 -29.08 -25.35
CA ALA F 85 66.33 -29.95 -24.32
C ALA F 85 65.79 -29.07 -23.22
N VAL F 86 65.29 -29.70 -22.17
CA VAL F 86 64.84 -29.01 -20.96
C VAL F 86 65.93 -29.18 -19.91
N TYR F 87 66.26 -28.10 -19.23
CA TYR F 87 67.34 -28.07 -18.25
C TYR F 87 66.75 -27.73 -16.89
N TYR F 88 67.12 -28.50 -15.89
CA TYR F 88 66.64 -28.32 -14.53
C TYR F 88 67.77 -28.03 -13.58
N CYS F 89 67.55 -27.12 -12.63
CA CYS F 89 68.42 -26.99 -11.48
C CYS F 89 67.85 -27.78 -10.30
N GLN F 90 68.75 -28.13 -9.40
CA GLN F 90 68.42 -28.91 -8.22
C GLN F 90 69.32 -28.46 -7.08
N GLN F 91 68.75 -28.33 -5.88
CA GLN F 91 69.54 -28.14 -4.70
C GLN F 91 69.47 -29.36 -3.79
N TYR F 92 70.60 -29.69 -3.17
CA TYR F 92 70.68 -30.88 -2.34
C TYR F 92 71.33 -30.56 -1.01
N SER F 93 71.12 -29.35 -0.53
CA SER F 93 71.60 -28.98 0.78
C SER F 93 70.79 -29.61 1.92
N TYR F 94 69.57 -30.08 1.61
N TYR F 94 69.57 -30.07 1.61
CA TYR F 94 68.77 -30.83 2.58
CA TYR F 94 68.74 -30.81 2.55
C TYR F 94 68.00 -31.92 1.86
C TYR F 94 68.19 -32.05 1.85
N SER F 95 67.51 -32.89 2.62
CA SER F 95 66.61 -33.91 2.08
C SER F 95 65.26 -33.51 2.60
N PRO F 96 64.25 -33.36 1.75
CA PRO F 96 64.27 -33.72 0.34
C PRO F 96 64.97 -32.70 -0.55
N VAL F 97 65.55 -33.17 -1.65
CA VAL F 97 66.04 -32.24 -2.66
C VAL F 97 64.82 -31.50 -3.22
N THR F 98 65.08 -30.36 -3.83
CA THR F 98 64.07 -29.67 -4.59
C THR F 98 64.61 -29.32 -5.97
N PHE F 99 63.68 -29.17 -6.90
CA PHE F 99 63.99 -28.91 -8.31
C PHE F 99 63.36 -27.59 -8.73
N GLY F 100 64.02 -26.89 -9.62
CA GLY F 100 63.34 -25.88 -10.37
C GLY F 100 62.35 -26.49 -11.35
N GLN F 101 61.56 -25.63 -11.97
CA GLN F 101 60.48 -26.05 -12.84
C GLN F 101 60.96 -26.26 -14.28
N GLY F 102 62.20 -25.89 -14.58
CA GLY F 102 62.79 -26.17 -15.88
C GLY F 102 62.78 -25.01 -16.84
N THR F 103 63.82 -24.93 -17.66
CA THR F 103 63.86 -24.03 -18.82
C THR F 103 64.05 -24.87 -20.07
N LYS F 104 63.15 -24.70 -21.03
CA LYS F 104 63.24 -25.37 -22.33
C LYS F 104 64.11 -24.55 -23.25
N VAL F 105 65.08 -25.21 -23.88
CA VAL F 105 65.89 -24.60 -24.90
C VAL F 105 65.47 -25.27 -26.21
N GLU F 106 64.87 -24.46 -27.09
CA GLU F 106 64.33 -24.91 -28.37
C GLU F 106 65.05 -24.21 -29.52
N ILE F 107 64.92 -24.77 -30.69
CA ILE F 107 65.53 -24.23 -31.90
C ILE F 107 64.65 -23.10 -32.41
N LYS F 108 65.25 -21.94 -32.62
CA LYS F 108 64.58 -20.83 -33.22
C LYS F 108 64.64 -21.00 -34.72
N ARG F 109 63.52 -20.79 -35.38
CA ARG F 109 63.52 -20.78 -36.82
C ARG F 109 62.56 -19.71 -37.26
N THR F 110 62.43 -19.54 -38.55
CA THR F 110 61.54 -18.55 -39.10
C THR F 110 60.13 -18.96 -38.81
N VAL F 111 59.27 -17.97 -38.65
CA VAL F 111 57.88 -18.21 -38.35
C VAL F 111 57.24 -19.10 -39.45
N ALA F 112 56.41 -20.05 -39.04
CA ALA F 112 55.76 -20.95 -39.98
C ALA F 112 54.32 -21.14 -39.54
N ALA F 113 53.37 -20.83 -40.42
CA ALA F 113 51.97 -20.97 -40.08
C ALA F 113 51.58 -22.45 -40.13
N PRO F 114 50.62 -22.85 -39.32
CA PRO F 114 50.21 -24.25 -39.38
C PRO F 114 49.42 -24.56 -40.65
N SER F 115 49.64 -25.74 -41.21
CA SER F 115 48.70 -26.32 -42.16
C SER F 115 47.60 -26.98 -41.34
N VAL F 116 46.37 -26.54 -41.54
CA VAL F 116 45.27 -26.99 -40.69
C VAL F 116 44.42 -28.03 -41.43
N PHE F 117 44.06 -29.12 -40.77
CA PHE F 117 43.19 -30.13 -41.38
C PHE F 117 42.19 -30.54 -40.32
N ILE F 118 40.95 -30.73 -40.74
CA ILE F 118 39.91 -31.18 -39.84
C ILE F 118 39.45 -32.57 -40.28
N PHE F 119 39.21 -33.43 -39.29
CA PHE F 119 38.81 -34.81 -39.55
C PHE F 119 37.49 -35.09 -38.84
N PRO F 120 36.50 -35.57 -39.61
CA PRO F 120 35.23 -35.87 -39.04
C PRO F 120 35.28 -37.23 -38.35
N PRO F 121 34.32 -37.53 -37.47
CA PRO F 121 34.19 -38.87 -36.87
C PRO F 121 34.04 -39.97 -37.92
N SER F 122 34.78 -41.08 -37.76
CA SER F 122 34.61 -42.19 -38.68
C SER F 122 33.28 -42.83 -38.40
N ASP F 123 32.75 -43.54 -39.39
CA ASP F 123 31.46 -44.21 -39.23
C ASP F 123 31.55 -45.35 -38.23
N GLU F 124 32.69 -46.05 -38.20
N GLU F 124 32.71 -46.01 -38.18
CA GLU F 124 32.91 -47.15 -37.25
CA GLU F 124 32.91 -47.14 -37.28
C GLU F 124 32.77 -46.67 -35.82
C GLU F 124 32.79 -46.68 -35.82
N GLN F 125 33.41 -45.54 -35.50
CA GLN F 125 33.32 -44.98 -34.15
C GLN F 125 31.89 -44.55 -33.82
N LEU F 126 31.18 -44.05 -34.80
CA LEU F 126 29.82 -43.57 -34.57
C LEU F 126 28.87 -44.66 -34.09
N LYS F 127 29.16 -45.93 -34.42
CA LYS F 127 28.34 -47.04 -33.92
C LYS F 127 28.44 -47.20 -32.41
N SER F 128 29.62 -46.93 -31.86
CA SER F 128 29.87 -47.12 -30.43
C SER F 128 29.17 -46.11 -29.53
N GLY F 129 28.64 -45.04 -30.12
CA GLY F 129 27.92 -44.01 -29.36
C GLY F 129 28.68 -42.72 -29.05
N THR F 130 29.91 -42.58 -29.57
CA THR F 130 30.68 -41.36 -29.33
C THR F 130 31.32 -40.92 -30.64
N ALA F 131 31.51 -39.61 -30.78
CA ALA F 131 32.12 -39.04 -31.96
C ALA F 131 33.30 -38.19 -31.55
N SER F 132 34.44 -38.46 -32.19
CA SER F 132 35.64 -37.69 -32.00
C SER F 132 35.91 -36.88 -33.27
N VAL F 133 36.02 -35.56 -33.09
CA VAL F 133 36.38 -34.64 -34.18
C VAL F 133 37.80 -34.16 -33.91
N VAL F 134 38.71 -34.44 -34.84
CA VAL F 134 40.11 -34.10 -34.64
C VAL F 134 40.47 -32.93 -35.54
N CYS F 135 41.19 -31.97 -34.98
CA CYS F 135 41.76 -30.87 -35.72
C CYS F 135 43.27 -30.89 -35.58
N LEU F 136 43.96 -30.84 -36.71
CA LEU F 136 45.41 -30.96 -36.80
C LEU F 136 46.04 -29.66 -37.35
N LEU F 137 47.02 -29.17 -36.59
CA LEU F 137 47.83 -28.02 -36.92
C LEU F 137 49.20 -28.57 -37.16
N ASN F 138 49.61 -28.61 -38.41
CA ASN F 138 50.84 -29.29 -38.77
C ASN F 138 51.97 -28.34 -39.08
N ASN F 139 53.14 -28.66 -38.55
CA ASN F 139 54.42 -28.06 -38.95
C ASN F 139 54.47 -26.56 -38.82
N PHE F 140 54.25 -26.09 -37.60
CA PHE F 140 54.26 -24.66 -37.34
C PHE F 140 55.34 -24.24 -36.32
N TYR F 141 55.60 -22.94 -36.27
CA TYR F 141 56.54 -22.36 -35.36
C TYR F 141 56.22 -20.88 -35.18
N PRO F 142 56.19 -20.36 -33.95
CA PRO F 142 56.56 -21.00 -32.70
C PRO F 142 55.43 -21.88 -32.11
N ARG F 143 55.67 -22.43 -30.92
CA ARG F 143 54.76 -23.42 -30.36
C ARG F 143 53.37 -22.88 -30.00
N GLU F 144 53.27 -21.61 -29.63
CA GLU F 144 51.99 -21.08 -29.13
C GLU F 144 51.00 -20.98 -30.25
N ALA F 145 49.79 -21.44 -30.00
CA ALA F 145 48.72 -21.37 -30.95
C ALA F 145 47.45 -21.53 -30.16
N LYS F 146 46.38 -20.90 -30.63
CA LYS F 146 45.09 -20.94 -29.99
C LYS F 146 44.15 -21.66 -30.94
N VAL F 147 43.44 -22.65 -30.43
CA VAL F 147 42.52 -23.44 -31.20
C VAL F 147 41.15 -23.24 -30.63
N GLN F 148 40.19 -22.94 -31.48
CA GLN F 148 38.85 -22.62 -31.05
C GLN F 148 37.88 -23.52 -31.84
N TRP F 149 37.08 -24.29 -31.12
CA TRP F 149 36.09 -25.17 -31.75
C TRP F 149 34.75 -24.44 -31.87
N LYS F 150 34.12 -24.56 -33.04
CA LYS F 150 32.79 -23.99 -33.23
C LYS F 150 31.85 -25.02 -33.87
N VAL F 151 30.68 -25.19 -33.25
CA VAL F 151 29.66 -26.12 -33.75
C VAL F 151 28.43 -25.31 -34.15
N ASP F 152 28.18 -25.20 -35.46
CA ASP F 152 27.18 -24.28 -35.97
C ASP F 152 27.43 -22.87 -35.40
N ASN F 153 28.68 -22.44 -35.44
CA ASN F 153 29.12 -21.16 -34.87
C ASN F 153 28.88 -21.00 -33.36
N ALA F 154 28.53 -22.09 -32.68
CA ALA F 154 28.48 -22.12 -31.22
C ALA F 154 29.87 -22.45 -30.70
N LEU F 155 30.38 -21.59 -29.81
CA LEU F 155 31.68 -21.78 -29.17
C LEU F 155 31.66 -22.99 -28.26
N GLN F 156 32.76 -23.72 -28.23
CA GLN F 156 32.91 -24.88 -27.36
C GLN F 156 33.93 -24.59 -26.29
N SER F 157 33.84 -25.35 -25.20
CA SER F 157 34.90 -25.35 -24.18
C SER F 157 34.66 -26.49 -23.19
N GLY F 158 35.74 -27.05 -22.64
CA GLY F 158 35.62 -28.11 -21.63
C GLY F 158 35.31 -29.50 -22.15
N ASN F 159 35.24 -29.64 -23.47
CA ASN F 159 34.98 -30.93 -24.13
C ASN F 159 35.97 -31.21 -25.26
N SER F 160 37.14 -30.61 -25.16
CA SER F 160 38.25 -30.88 -26.07
C SER F 160 39.58 -31.01 -25.32
N GLN F 161 40.47 -31.82 -25.88
CA GLN F 161 41.77 -32.02 -25.35
C GLN F 161 42.78 -31.84 -26.47
N GLU F 162 43.96 -31.40 -26.09
CA GLU F 162 45.00 -31.21 -27.07
C GLU F 162 46.32 -31.81 -26.63
N SER F 163 47.14 -32.16 -27.61
CA SER F 163 48.52 -32.42 -27.34
C SER F 163 49.38 -31.93 -28.47
N VAL F 164 50.66 -31.75 -28.17
CA VAL F 164 51.61 -31.11 -29.05
C VAL F 164 52.84 -32.02 -29.16
N THR F 165 53.40 -32.15 -30.35
CA THR F 165 54.60 -32.95 -30.51
C THR F 165 55.83 -32.20 -29.98
N GLU F 166 56.91 -32.95 -29.80
CA GLU F 166 58.19 -32.33 -29.58
C GLU F 166 58.64 -31.64 -30.86
N GLN F 167 59.59 -30.75 -30.71
CA GLN F 167 60.10 -30.02 -31.84
C GLN F 167 60.74 -31.00 -32.81
N ASP F 168 60.37 -30.91 -34.07
CA ASP F 168 60.94 -31.78 -35.08
C ASP F 168 62.42 -31.59 -35.20
N SER F 169 63.18 -32.68 -35.24
CA SER F 169 64.65 -32.57 -35.28
C SER F 169 65.14 -31.96 -36.61
N LYS F 170 64.40 -32.20 -37.69
CA LYS F 170 64.85 -31.77 -39.02
C LYS F 170 64.37 -30.39 -39.47
N ASP F 171 63.12 -30.02 -39.18
CA ASP F 171 62.62 -28.71 -39.63
C ASP F 171 62.24 -27.76 -38.49
N SER F 172 62.50 -28.17 -37.25
CA SER F 172 62.28 -27.33 -36.06
C SER F 172 60.85 -26.86 -35.84
N THR F 173 59.87 -27.57 -36.40
CA THR F 173 58.48 -27.18 -36.23
C THR F 173 57.78 -28.04 -35.19
N TYR F 174 56.59 -27.60 -34.82
CA TYR F 174 55.71 -28.33 -33.93
C TYR F 174 54.46 -28.69 -34.69
N SER F 175 53.77 -29.71 -34.20
CA SER F 175 52.43 -30.00 -34.65
C SER F 175 51.52 -30.18 -33.43
N LEU F 176 50.24 -29.92 -33.61
CA LEU F 176 49.28 -29.95 -32.51
C LEU F 176 48.01 -30.68 -32.94
N SER F 177 47.44 -31.47 -32.02
CA SER F 177 46.19 -32.16 -32.20
C SER F 177 45.17 -31.53 -31.24
N SER F 178 43.94 -31.34 -31.70
CA SER F 178 42.85 -31.00 -30.80
C SER F 178 41.67 -31.91 -31.11
N THR F 179 41.15 -32.53 -30.07
CA THR F 179 40.12 -33.51 -30.24
C THR F 179 38.92 -33.05 -29.47
N LEU F 180 37.85 -32.83 -30.20
CA LEU F 180 36.56 -32.56 -29.63
C LEU F 180 35.79 -33.85 -29.51
N THR F 181 35.31 -34.17 -28.31
CA THR F 181 34.55 -35.40 -28.09
C THR F 181 33.12 -35.08 -27.69
N LEU F 182 32.19 -35.71 -28.39
CA LEU F 182 30.75 -35.58 -28.12
C LEU F 182 30.09 -36.94 -28.20
N SER F 183 28.98 -37.09 -27.47
CA SER F 183 28.15 -38.27 -27.60
C SER F 183 27.60 -38.30 -29.03
N LYS F 184 27.22 -39.49 -29.49
CA LYS F 184 26.54 -39.63 -30.77
C LYS F 184 25.28 -38.76 -30.81
N ALA F 185 24.56 -38.67 -29.69
CA ALA F 185 23.31 -37.90 -29.64
C ALA F 185 23.55 -36.45 -30.03
N ASP F 186 24.48 -35.81 -29.33
CA ASP F 186 24.77 -34.41 -29.58
C ASP F 186 25.32 -34.17 -30.98
N TYR F 187 26.22 -35.04 -31.45
CA TYR F 187 26.81 -34.87 -32.76
C TYR F 187 25.76 -34.74 -33.84
N GLU F 188 24.66 -35.48 -33.68
CA GLU F 188 23.56 -35.44 -34.64
C GLU F 188 22.80 -34.12 -34.61
N LYS F 189 22.64 -33.56 -33.42
CA LYS F 189 21.85 -32.35 -33.22
C LYS F 189 22.39 -31.10 -33.91
N HIS F 190 23.52 -31.20 -34.62
CA HIS F 190 24.15 -30.04 -35.26
C HIS F 190 24.83 -30.41 -36.55
N LYS F 191 25.12 -29.42 -37.40
CA LYS F 191 25.55 -29.64 -38.79
C LYS F 191 26.97 -29.18 -39.11
N VAL F 192 27.36 -28.00 -38.63
CA VAL F 192 28.64 -27.40 -39.04
C VAL F 192 29.67 -27.48 -37.93
N TYR F 193 30.79 -28.12 -38.25
CA TYR F 193 31.84 -28.35 -37.27
C TYR F 193 33.11 -27.65 -37.69
N ALA F 194 33.55 -26.70 -36.88
CA ALA F 194 34.67 -25.81 -37.27
C ALA F 194 35.81 -25.75 -36.27
N CYS F 195 37.01 -25.66 -36.81
CA CYS F 195 38.24 -25.50 -36.07
C CYS F 195 38.82 -24.15 -36.51
N GLU F 196 38.89 -23.19 -35.58
CA GLU F 196 39.48 -21.89 -35.85
C GLU F 196 40.82 -21.68 -35.13
N VAL F 197 41.84 -21.39 -35.92
CA VAL F 197 43.22 -21.37 -35.48
C VAL F 197 43.78 -19.95 -35.52
N THR F 198 44.46 -19.58 -34.45
CA THR F 198 45.19 -18.34 -34.34
C THR F 198 46.64 -18.69 -34.16
N HIS F 199 47.52 -17.99 -34.86
CA HIS F 199 48.95 -18.26 -34.79
C HIS F 199 49.72 -17.10 -35.39
N GLN F 200 50.91 -16.90 -34.87
CA GLN F 200 51.79 -15.79 -35.28
C GLN F 200 51.99 -15.70 -36.79
N GLY F 201 52.07 -16.85 -37.43
CA GLY F 201 52.28 -16.94 -38.86
C GLY F 201 51.04 -16.76 -39.70
N LEU F 202 49.88 -16.50 -39.08
CA LEU F 202 48.64 -16.25 -39.81
C LEU F 202 48.17 -14.84 -39.58
N SER F 203 48.17 -14.03 -40.65
CA SER F 203 47.80 -12.63 -40.52
C SER F 203 46.39 -12.45 -39.93
N SER F 204 45.53 -13.44 -40.11
CA SER F 204 44.21 -13.52 -39.49
C SER F 204 43.86 -14.99 -39.25
N PRO F 205 42.93 -15.26 -38.33
CA PRO F 205 42.59 -16.67 -38.03
C PRO F 205 42.19 -17.48 -39.26
N VAL F 206 42.60 -18.74 -39.29
CA VAL F 206 42.24 -19.70 -40.32
C VAL F 206 41.19 -20.65 -39.76
N THR F 207 40.21 -21.01 -40.57
CA THR F 207 39.14 -21.92 -40.15
C THR F 207 38.91 -23.02 -41.15
N LYS F 208 38.96 -24.26 -40.69
CA LYS F 208 38.61 -25.38 -41.51
C LYS F 208 37.38 -25.98 -40.89
N SER F 209 36.47 -26.49 -41.69
CA SER F 209 35.21 -27.02 -41.17
C SER F 209 34.60 -28.05 -42.12
N PHE F 210 33.57 -28.74 -41.64
CA PHE F 210 32.80 -29.63 -42.48
C PHE F 210 31.36 -29.58 -42.03
N ASN F 211 30.50 -30.08 -42.91
CA ASN F 211 29.10 -30.32 -42.60
C ASN F 211 28.86 -31.79 -42.38
N ARG F 212 28.05 -32.12 -41.38
CA ARG F 212 27.80 -33.52 -41.01
C ARG F 212 26.96 -34.21 -42.10
N GLY F 213 27.66 -34.74 -43.11
CA GLY F 213 27.04 -35.31 -44.31
C GLY F 213 27.32 -34.46 -45.55
N GLU F 214 28.27 -34.92 -46.36
CA GLU F 214 28.55 -34.30 -47.66
C GLU F 214 29.37 -35.22 -48.57
N GLU G 1 34.63 -13.37 18.49
CA GLU G 1 33.30 -12.79 18.73
C GLU G 1 32.34 -13.93 18.97
N ILE G 2 31.26 -13.65 19.66
CA ILE G 2 30.21 -14.65 19.75
C ILE G 2 29.42 -14.60 18.45
N VAL G 3 29.36 -15.73 17.80
CA VAL G 3 28.58 -15.88 16.57
C VAL G 3 27.23 -16.44 16.94
N LEU G 4 26.17 -15.80 16.43
CA LEU G 4 24.80 -16.16 16.71
C LEU G 4 24.18 -16.77 15.48
N THR G 5 23.63 -17.96 15.65
CA THR G 5 23.05 -18.68 14.54
C THR G 5 21.57 -18.83 14.79
N GLN G 6 20.77 -18.30 13.88
CA GLN G 6 19.36 -18.39 14.02
C GLN G 6 18.80 -19.49 13.14
N SER G 7 17.85 -20.22 13.70
CA SER G 7 17.09 -21.23 13.00
C SER G 7 15.58 -21.10 13.25
N PRO G 8 14.78 -21.37 12.23
CA PRO G 8 15.28 -21.65 10.89
C PRO G 8 15.50 -20.33 10.19
N GLY G 9 15.96 -20.37 8.94
CA GLY G 9 16.10 -19.16 8.13
C GLY G 9 14.75 -18.50 7.86
N THR G 10 13.74 -19.34 7.63
CA THR G 10 12.40 -18.92 7.23
C THR G 10 11.33 -19.79 7.91
N LEU G 11 10.27 -19.16 8.39
CA LEU G 11 9.12 -19.86 8.97
C LEU G 11 7.91 -19.46 8.19
N SER G 12 7.18 -20.44 7.67
CA SER G 12 5.95 -20.23 6.97
C SER G 12 4.78 -20.61 7.86
N LEU G 13 3.99 -19.64 8.28
CA LEU G 13 2.92 -19.94 9.28
C LEU G 13 1.66 -19.16 8.99
N SER G 14 0.52 -19.74 9.39
CA SER G 14 -0.77 -19.12 9.19
C SER G 14 -1.02 -18.10 10.27
N PRO G 15 -1.74 -17.02 9.93
CA PRO G 15 -2.14 -16.08 10.96
C PRO G 15 -2.73 -16.77 12.19
N GLY G 16 -2.38 -16.28 13.38
CA GLY G 16 -2.87 -16.85 14.63
C GLY G 16 -2.09 -18.04 15.15
N GLU G 17 -1.18 -18.63 14.37
CA GLU G 17 -0.37 -19.75 14.85
C GLU G 17 0.80 -19.29 15.69
N ARG G 18 1.40 -20.25 16.37
CA ARG G 18 2.53 -20.04 17.25
C ARG G 18 3.83 -20.15 16.47
N ALA G 19 4.71 -19.17 16.67
CA ALA G 19 6.04 -19.19 16.06
C ALA G 19 7.09 -19.37 17.15
N THR G 20 8.03 -20.28 16.91
CA THR G 20 9.13 -20.56 17.79
C THR G 20 10.47 -20.35 17.07
N LEU G 21 11.25 -19.40 17.56
CA LEU G 21 12.43 -18.97 16.90
C LEU G 21 13.66 -19.29 17.74
N SER G 22 14.72 -19.74 17.09
CA SER G 22 15.93 -20.17 17.80
C SER G 22 17.12 -19.30 17.48
N CYS G 23 17.96 -19.14 18.50
CA CYS G 23 19.20 -18.39 18.40
C CYS G 23 20.25 -19.17 19.20
N ARG G 24 21.29 -19.66 18.51
CA ARG G 24 22.36 -20.37 19.20
C ARG G 24 23.63 -19.56 19.14
N ALA G 25 24.30 -19.50 20.28
CA ALA G 25 25.49 -18.70 20.44
C ALA G 25 26.71 -19.60 20.42
N SER G 26 27.80 -19.09 19.86
CA SER G 26 29.03 -19.90 19.71
C SER G 26 29.75 -20.11 21.03
N GLN G 27 29.46 -19.30 22.06
CA GLN G 27 29.77 -19.66 23.44
C GLN G 27 28.79 -19.00 24.38
N SER G 28 28.87 -19.35 25.66
CA SER G 28 27.89 -18.89 26.67
C SER G 28 27.71 -17.38 26.64
N VAL G 29 26.47 -16.94 26.65
CA VAL G 29 26.18 -15.53 26.70
C VAL G 29 26.06 -15.15 28.15
N SER G 30 27.15 -14.64 28.72
CA SER G 30 27.20 -14.33 30.15
C SER G 30 26.08 -13.38 30.55
N SER G 31 25.49 -13.68 31.69
CA SER G 31 24.43 -12.90 32.30
C SER G 31 23.14 -12.81 31.46
N SER G 32 23.03 -13.63 30.42
CA SER G 32 21.85 -13.68 29.55
C SER G 32 21.60 -12.34 28.83
N TYR G 33 22.69 -11.64 28.50
CA TYR G 33 22.61 -10.38 27.80
C TYR G 33 22.32 -10.62 26.32
N LEU G 34 21.12 -11.11 26.08
CA LEU G 34 20.61 -11.45 24.74
C LEU G 34 19.32 -10.64 24.48
N ALA G 35 19.23 -10.08 23.28
CA ALA G 35 18.08 -9.27 22.89
C ALA G 35 17.47 -9.77 21.60
N TRP G 36 16.18 -9.59 21.46
CA TRP G 36 15.42 -9.92 20.30
C TRP G 36 14.80 -8.66 19.69
N TYR G 37 14.88 -8.54 18.35
CA TYR G 37 14.39 -7.43 17.57
C TYR G 37 13.47 -7.90 16.45
N GLN G 38 12.49 -7.05 16.11
CA GLN G 38 11.65 -7.25 14.98
C GLN G 38 12.03 -6.19 13.95
N GLN G 39 12.14 -6.61 12.70
CA GLN G 39 12.50 -5.70 11.61
C GLN G 39 11.56 -5.83 10.43
N LYS G 40 11.12 -4.68 9.94
CA LYS G 40 10.25 -4.57 8.75
C LYS G 40 10.91 -3.66 7.73
N PRO G 41 10.58 -3.84 6.44
CA PRO G 41 11.31 -3.10 5.42
C PRO G 41 11.29 -1.59 5.67
N GLY G 42 12.43 -0.96 5.48
CA GLY G 42 12.55 0.48 5.59
C GLY G 42 12.57 0.97 7.02
N GLN G 43 12.58 0.07 7.98
CA GLN G 43 12.55 0.44 9.39
C GLN G 43 13.73 -0.17 10.14
N ALA G 44 14.27 0.58 11.09
CA ALA G 44 15.26 0.05 11.97
C ALA G 44 14.62 -1.08 12.80
N PRO G 45 15.40 -2.09 13.19
CA PRO G 45 14.84 -3.14 14.04
C PRO G 45 14.30 -2.58 15.33
N ARG G 46 13.19 -3.13 15.79
CA ARG G 46 12.49 -2.69 16.95
C ARG G 46 12.71 -3.63 18.12
N LEU G 47 13.21 -3.13 19.23
CA LEU G 47 13.55 -3.99 20.35
C LEU G 47 12.32 -4.64 20.96
N LEU G 48 12.33 -5.95 21.03
CA LEU G 48 11.25 -6.73 21.62
C LEU G 48 11.53 -7.26 23.04
N ILE G 49 12.67 -7.91 23.19
CA ILE G 49 13.07 -8.56 24.44
C ILE G 49 14.52 -8.19 24.74
N TYR G 50 14.80 -7.91 26.00
CA TYR G 50 16.19 -7.79 26.47
C TYR G 50 16.44 -8.68 27.67
N ASP G 51 17.72 -8.90 27.96
CA ASP G 51 18.14 -9.80 29.05
C ASP G 51 17.50 -11.18 28.87
N ALA G 52 17.31 -11.55 27.60
CA ALA G 52 16.73 -12.82 27.17
C ALA G 52 15.24 -13.01 27.41
N SER G 53 14.70 -12.41 28.46
CA SER G 53 13.33 -12.67 28.82
C SER G 53 12.55 -11.47 29.35
N SER G 54 13.15 -10.27 29.41
CA SER G 54 12.45 -9.05 29.78
C SER G 54 11.86 -8.38 28.55
N ARG G 55 10.53 -8.26 28.49
CA ARG G 55 9.88 -7.53 27.40
C ARG G 55 10.22 -6.07 27.52
N ALA G 56 10.54 -5.43 26.42
CA ALA G 56 10.67 -3.99 26.41
C ALA G 56 9.30 -3.34 26.63
N THR G 57 9.33 -2.11 27.13
CA THR G 57 8.08 -1.46 27.54
C THR G 57 7.16 -1.29 26.32
N GLY G 58 5.89 -1.59 26.54
CA GLY G 58 4.89 -1.50 25.50
C GLY G 58 4.82 -2.68 24.56
N ILE G 59 5.66 -3.69 24.76
CA ILE G 59 5.63 -4.84 23.85
C ILE G 59 4.56 -5.83 24.31
N PRO G 60 3.68 -6.27 23.39
CA PRO G 60 2.61 -7.17 23.81
C PRO G 60 3.12 -8.50 24.40
N ASP G 61 2.27 -9.13 25.19
CA ASP G 61 2.62 -10.33 25.95
C ASP G 61 2.75 -11.59 25.11
N ARG G 62 2.29 -11.56 23.88
CA ARG G 62 2.42 -12.70 23.02
C ARG G 62 3.88 -12.94 22.63
N PHE G 63 4.74 -11.95 22.84
CA PHE G 63 6.17 -12.12 22.61
C PHE G 63 6.82 -12.49 23.93
N SER G 64 7.47 -13.64 23.98
CA SER G 64 8.21 -14.04 25.19
C SER G 64 9.54 -14.67 24.79
N GLY G 65 10.58 -14.28 25.52
CA GLY G 65 11.93 -14.81 25.32
C GLY G 65 12.31 -15.74 26.47
N SER G 66 13.10 -16.75 26.15
CA SER G 66 13.58 -17.69 27.15
C SER G 66 14.95 -18.22 26.73
N GLY G 67 15.54 -19.04 27.60
CA GLY G 67 16.83 -19.64 27.33
C GLY G 67 17.94 -19.08 28.20
N SER G 68 19.13 -19.61 27.98
CA SER G 68 20.33 -19.17 28.65
C SER G 68 21.51 -19.90 28.01
N GLY G 69 22.70 -19.49 28.39
CA GLY G 69 23.89 -20.22 27.96
C GLY G 69 24.13 -19.95 26.50
N THR G 70 23.92 -20.95 25.66
CA THR G 70 24.11 -20.80 24.24
C THR G 70 22.84 -21.05 23.42
N ASP G 71 21.72 -21.33 24.10
CA ASP G 71 20.49 -21.69 23.43
C ASP G 71 19.35 -20.80 23.91
N PHE G 72 18.85 -19.97 23.00
CA PHE G 72 17.81 -19.00 23.34
C PHE G 72 16.63 -19.14 22.37
N THR G 73 15.45 -18.76 22.82
CA THR G 73 14.24 -18.89 22.03
C THR G 73 13.34 -17.66 22.17
N LEU G 74 12.77 -17.23 21.07
CA LEU G 74 11.68 -16.26 21.05
C LEU G 74 10.39 -16.95 20.63
N THR G 75 9.37 -16.87 21.47
CA THR G 75 8.09 -17.43 21.17
C THR G 75 7.07 -16.29 20.98
N ILE G 76 6.38 -16.35 19.85
CA ILE G 76 5.24 -15.52 19.55
C ILE G 76 4.03 -16.46 19.63
N SER G 77 3.23 -16.28 20.66
CA SER G 77 2.18 -17.25 20.97
C SER G 77 1.08 -17.25 19.92
N ARG G 78 0.88 -16.11 19.26
CA ARG G 78 -0.08 -15.99 18.14
C ARG G 78 0.41 -14.92 17.17
N LEU G 79 0.34 -15.21 15.89
CA LEU G 79 0.86 -14.28 14.89
C LEU G 79 -0.24 -13.37 14.40
N GLU G 80 -0.22 -12.13 14.87
CA GLU G 80 -1.10 -11.09 14.36
C GLU G 80 -0.54 -10.69 13.00
N PRO G 81 -1.35 -10.02 12.17
CA PRO G 81 -0.86 -9.73 10.81
C PRO G 81 0.36 -8.83 10.80
N GLU G 82 0.47 -7.94 11.77
CA GLU G 82 1.62 -7.05 11.85
C GLU G 82 2.90 -7.77 12.35
N ASP G 83 2.81 -9.05 12.71
CA ASP G 83 3.94 -9.82 13.24
C ASP G 83 4.79 -10.52 12.18
N PHE G 84 4.31 -10.58 10.95
CA PHE G 84 5.07 -11.21 9.89
C PHE G 84 6.19 -10.26 9.45
N ALA G 85 7.40 -10.68 9.75
CA ALA G 85 8.54 -9.77 9.69
C ALA G 85 9.80 -10.61 9.87
N VAL G 86 10.95 -9.95 9.94
CA VAL G 86 12.21 -10.65 10.14
C VAL G 86 12.60 -10.44 11.57
N TYR G 87 13.00 -11.50 12.25
CA TYR G 87 13.38 -11.38 13.65
C TYR G 87 14.85 -11.67 13.83
N TYR G 88 15.51 -10.85 14.67
CA TYR G 88 16.95 -10.91 14.90
C TYR G 88 17.24 -11.07 16.38
N CYS G 89 18.23 -11.88 16.71
CA CYS G 89 18.77 -11.95 18.07
C CYS G 89 20.12 -11.24 18.12
N GLN G 90 20.50 -10.80 19.30
CA GLN G 90 21.71 -10.00 19.48
C GLN G 90 22.27 -10.25 20.88
N GLN G 91 23.57 -10.34 20.97
CA GLN G 91 24.21 -10.46 22.27
C GLN G 91 25.02 -9.22 22.52
N TYR G 92 24.97 -8.74 23.75
CA TYR G 92 25.75 -7.63 24.19
C TYR G 92 26.48 -8.05 25.47
N SER G 93 26.85 -9.33 25.53
CA SER G 93 27.59 -9.83 26.67
C SER G 93 29.07 -9.52 26.52
N TYR G 94 29.60 -9.70 25.32
CA TYR G 94 31.01 -9.44 25.04
C TYR G 94 31.15 -8.47 23.89
N SER G 95 32.30 -7.82 23.82
CA SER G 95 32.64 -6.96 22.68
C SER G 95 33.26 -7.80 21.58
N PRO G 96 32.87 -7.56 20.33
CA PRO G 96 31.87 -6.59 19.99
C PRO G 96 30.46 -7.17 20.09
N VAL G 97 29.47 -6.30 20.20
CA VAL G 97 28.09 -6.70 20.06
C VAL G 97 27.87 -7.34 18.70
N THR G 98 27.16 -8.47 18.66
CA THR G 98 26.94 -9.21 17.44
C THR G 98 25.49 -9.57 17.26
N PHE G 99 25.18 -9.94 16.03
CA PHE G 99 23.84 -10.04 15.54
C PHE G 99 23.65 -11.34 14.82
N GLY G 100 22.55 -12.04 15.05
CA GLY G 100 22.20 -13.22 14.26
C GLY G 100 21.90 -12.80 12.83
N GLN G 101 21.67 -13.77 11.95
CA GLN G 101 21.40 -13.44 10.54
C GLN G 101 19.92 -13.33 10.22
N GLY G 102 19.06 -13.63 11.18
CA GLY G 102 17.64 -13.33 11.08
C GLY G 102 16.81 -14.55 10.75
N THR G 103 15.56 -14.54 11.20
CA THR G 103 14.55 -15.49 10.79
C THR G 103 13.34 -14.77 10.21
N LYS G 104 12.99 -15.10 8.97
CA LYS G 104 11.89 -14.45 8.30
C LYS G 104 10.64 -15.21 8.56
N VAL G 105 9.61 -14.52 9.03
CA VAL G 105 8.32 -15.16 9.31
C VAL G 105 7.32 -14.70 8.26
N GLU G 106 6.83 -15.64 7.46
CA GLU G 106 6.01 -15.35 6.30
C GLU G 106 4.65 -16.00 6.42
N ILE G 107 3.65 -15.35 5.82
CA ILE G 107 2.30 -15.83 5.88
C ILE G 107 2.15 -17.10 5.03
N LYS G 108 1.58 -18.12 5.66
CA LYS G 108 1.13 -19.33 4.97
C LYS G 108 -0.32 -19.18 4.67
N ARG G 109 -0.71 -19.58 3.46
CA ARG G 109 -2.09 -19.54 3.08
C ARG G 109 -2.39 -20.81 2.27
N THR G 110 -3.65 -20.94 1.87
CA THR G 110 -4.05 -22.10 1.07
C THR G 110 -3.41 -22.05 -0.30
N VAL G 111 -3.28 -23.24 -0.89
CA VAL G 111 -2.65 -23.35 -2.19
C VAL G 111 -3.50 -22.64 -3.23
N ALA G 112 -2.84 -21.87 -4.10
CA ALA G 112 -3.53 -21.17 -5.18
C ALA G 112 -2.77 -21.34 -6.47
N ALA G 113 -3.46 -21.83 -7.48
CA ALA G 113 -2.84 -22.13 -8.76
C ALA G 113 -2.59 -20.83 -9.51
N PRO G 114 -1.49 -20.76 -10.24
CA PRO G 114 -1.24 -19.55 -11.03
C PRO G 114 -2.23 -19.43 -12.19
N SER G 115 -2.61 -18.21 -12.54
CA SER G 115 -3.24 -17.95 -13.85
C SER G 115 -2.09 -17.62 -14.79
N VAL G 116 -2.01 -18.34 -15.90
CA VAL G 116 -0.90 -18.23 -16.83
C VAL G 116 -1.30 -17.44 -18.07
N PHE G 117 -0.45 -16.52 -18.46
CA PHE G 117 -0.64 -15.76 -19.69
C PHE G 117 0.68 -15.69 -20.42
N ILE G 118 0.63 -15.78 -21.74
CA ILE G 118 1.83 -15.61 -22.58
C ILE G 118 1.61 -14.39 -23.47
N PHE G 119 2.68 -13.64 -23.68
CA PHE G 119 2.69 -12.45 -24.53
C PHE G 119 3.81 -12.54 -25.57
N PRO G 120 3.45 -12.46 -26.86
CA PRO G 120 4.47 -12.41 -27.91
C PRO G 120 5.24 -11.11 -27.88
N PRO G 121 6.38 -11.04 -28.57
CA PRO G 121 7.06 -9.74 -28.68
C PRO G 121 6.26 -8.75 -29.52
N SER G 122 6.38 -7.48 -29.19
CA SER G 122 5.71 -6.43 -29.94
C SER G 122 6.39 -6.23 -31.29
N ASP G 123 5.60 -5.87 -32.29
CA ASP G 123 6.17 -5.60 -33.59
C ASP G 123 7.15 -4.42 -33.47
N GLU G 124 6.86 -3.48 -32.57
CA GLU G 124 7.78 -2.39 -32.29
C GLU G 124 9.18 -2.93 -31.95
N GLN G 125 9.26 -3.87 -31.00
CA GLN G 125 10.57 -4.42 -30.56
C GLN G 125 11.28 -5.19 -31.68
N LEU G 126 10.52 -5.95 -32.45
CA LEU G 126 11.09 -6.76 -33.52
C LEU G 126 11.88 -5.94 -34.52
N LYS G 127 11.47 -4.69 -34.69
CA LYS G 127 12.22 -3.73 -35.49
C LYS G 127 13.64 -3.54 -34.99
N SER G 128 13.86 -3.63 -33.68
CA SER G 128 15.17 -3.37 -33.10
C SER G 128 16.16 -4.54 -33.22
N GLY G 129 15.67 -5.70 -33.71
CA GLY G 129 16.52 -6.88 -33.84
C GLY G 129 16.47 -7.87 -32.68
N THR G 130 15.79 -7.51 -31.59
CA THR G 130 15.60 -8.39 -30.43
C THR G 130 14.12 -8.74 -30.29
N ALA G 131 13.84 -9.93 -29.75
CA ALA G 131 12.49 -10.40 -29.45
C ALA G 131 12.38 -10.94 -28.01
N SER G 132 11.51 -10.32 -27.22
CA SER G 132 11.24 -10.77 -25.86
C SER G 132 9.86 -11.42 -25.79
N VAL G 133 9.82 -12.67 -25.35
CA VAL G 133 8.56 -13.37 -25.09
C VAL G 133 8.38 -13.54 -23.60
N VAL G 134 7.21 -13.16 -23.09
CA VAL G 134 6.98 -13.09 -21.66
C VAL G 134 5.87 -14.01 -21.23
N CYS G 135 6.14 -14.75 -20.17
CA CYS G 135 5.15 -15.64 -19.59
C CYS G 135 4.88 -15.19 -18.16
N LEU G 136 3.61 -14.97 -17.85
CA LEU G 136 3.16 -14.46 -16.54
C LEU G 136 2.42 -15.54 -15.75
N LEU G 137 2.82 -15.69 -14.50
CA LEU G 137 2.18 -16.55 -13.55
C LEU G 137 1.60 -15.64 -12.47
N ASN G 138 0.29 -15.52 -12.41
CA ASN G 138 -0.36 -14.53 -11.58
C ASN G 138 -1.03 -15.12 -10.36
N ASN G 139 -0.64 -14.61 -9.18
CA ASN G 139 -1.36 -14.81 -7.95
C ASN G 139 -1.46 -16.26 -7.54
N PHE G 140 -0.29 -16.83 -7.24
CA PHE G 140 -0.19 -18.23 -6.82
C PHE G 140 0.51 -18.40 -5.47
N TYR G 141 0.30 -19.56 -4.89
CA TYR G 141 0.90 -19.95 -3.63
C TYR G 141 0.89 -21.48 -3.54
N PRO G 142 2.01 -22.13 -3.14
CA PRO G 142 3.26 -21.54 -2.64
C PRO G 142 4.17 -21.00 -3.72
N ARG G 143 5.32 -20.51 -3.30
CA ARG G 143 6.25 -19.82 -4.15
C ARG G 143 6.91 -20.69 -5.19
N GLU G 144 7.18 -21.94 -4.86
CA GLU G 144 7.86 -22.81 -5.81
C GLU G 144 7.01 -22.99 -7.08
N ALA G 145 7.62 -22.74 -8.22
CA ALA G 145 7.00 -22.98 -9.51
C ALA G 145 8.08 -23.34 -10.50
N LYS G 146 7.71 -24.10 -11.52
CA LYS G 146 8.62 -24.41 -12.60
C LYS G 146 8.03 -23.84 -13.90
N VAL G 147 8.84 -23.11 -14.65
CA VAL G 147 8.45 -22.57 -15.93
C VAL G 147 9.44 -23.09 -16.97
N GLN G 148 8.91 -23.69 -18.02
CA GLN G 148 9.73 -24.17 -19.13
C GLN G 148 9.22 -23.58 -20.42
N TRP G 149 10.15 -23.08 -21.22
CA TRP G 149 9.88 -22.50 -22.54
C TRP G 149 10.15 -23.54 -23.61
N LYS G 150 9.20 -23.68 -24.53
CA LYS G 150 9.40 -24.57 -25.67
C LYS G 150 9.21 -23.78 -26.95
N VAL G 151 10.07 -24.06 -27.93
CA VAL G 151 10.06 -23.41 -29.22
C VAL G 151 9.97 -24.48 -30.31
N ASP G 152 8.79 -24.61 -30.91
CA ASP G 152 8.45 -25.77 -31.73
C ASP G 152 8.85 -27.07 -31.02
N ASN G 153 8.38 -27.21 -29.79
CA ASN G 153 8.63 -28.39 -28.94
C ASN G 153 10.07 -28.63 -28.45
N ALA G 154 11.02 -27.81 -28.88
CA ALA G 154 12.40 -27.91 -28.39
C ALA G 154 12.52 -27.13 -27.09
N LEU G 155 12.87 -27.84 -26.02
CA LEU G 155 13.05 -27.22 -24.70
C LEU G 155 14.16 -26.17 -24.74
N GLN G 156 13.96 -25.05 -24.06
CA GLN G 156 14.89 -23.94 -24.09
C GLN G 156 15.80 -23.93 -22.88
N SER G 157 17.02 -23.43 -23.05
CA SER G 157 17.99 -23.43 -21.97
C SER G 157 18.82 -22.17 -21.98
N GLY G 158 18.94 -21.54 -20.83
CA GLY G 158 19.89 -20.44 -20.63
C GLY G 158 19.62 -19.17 -21.41
N ASN G 159 18.40 -19.01 -21.90
CA ASN G 159 18.01 -17.79 -22.62
C ASN G 159 16.74 -17.18 -22.04
N SER G 160 16.51 -17.40 -20.76
CA SER G 160 15.34 -16.87 -20.07
C SER G 160 15.73 -16.43 -18.67
N GLN G 161 15.06 -15.39 -18.19
CA GLN G 161 15.25 -14.85 -16.85
C GLN G 161 13.88 -14.68 -16.23
N GLU G 162 13.77 -15.05 -14.96
CA GLU G 162 12.53 -14.89 -14.27
C GLU G 162 12.65 -13.99 -13.05
N SER G 163 11.54 -13.37 -12.71
CA SER G 163 11.46 -12.46 -11.60
C SER G 163 10.18 -12.73 -10.85
N VAL G 164 10.24 -12.62 -9.53
CA VAL G 164 9.13 -12.93 -8.65
C VAL G 164 8.84 -11.73 -7.77
N THR G 165 7.57 -11.44 -7.57
CA THR G 165 7.18 -10.38 -6.66
C THR G 165 7.23 -10.85 -5.22
N GLU G 166 7.20 -9.88 -4.32
CA GLU G 166 7.05 -10.18 -2.90
C GLU G 166 5.61 -10.59 -2.60
N GLN G 167 5.43 -11.27 -1.49
CA GLN G 167 4.12 -11.78 -1.15
C GLN G 167 3.12 -10.64 -1.10
N ASP G 168 2.02 -10.78 -1.81
CA ASP G 168 1.04 -9.72 -1.93
C ASP G 168 0.46 -9.38 -0.57
N SER G 169 0.28 -8.10 -0.30
CA SER G 169 -0.15 -7.65 1.00
C SER G 169 -1.63 -7.93 1.23
N LYS G 170 -2.43 -8.03 0.16
CA LYS G 170 -3.87 -8.23 0.32
C LYS G 170 -4.27 -9.69 0.28
N ASP G 171 -3.54 -10.54 -0.43
CA ASP G 171 -3.93 -11.96 -0.54
C ASP G 171 -2.78 -12.97 -0.38
N SER G 172 -1.59 -12.50 -0.02
CA SER G 172 -0.44 -13.36 0.29
C SER G 172 0.06 -14.26 -0.83
N THR G 173 -0.26 -13.91 -2.07
CA THR G 173 0.18 -14.70 -3.22
C THR G 173 1.46 -14.14 -3.81
N TYR G 174 2.05 -14.91 -4.72
CA TYR G 174 3.20 -14.48 -5.48
C TYR G 174 2.75 -14.32 -6.94
N SER G 175 3.48 -13.51 -7.67
CA SER G 175 3.39 -13.53 -9.13
C SER G 175 4.79 -13.60 -9.67
N LEU G 176 4.91 -14.13 -10.88
CA LEU G 176 6.21 -14.43 -11.48
C LEU G 176 6.19 -14.15 -12.98
N SER G 177 7.27 -13.55 -13.47
CA SER G 177 7.46 -13.30 -14.90
C SER G 177 8.62 -14.13 -15.36
N SER G 178 8.47 -14.83 -16.49
CA SER G 178 9.60 -15.44 -17.18
C SER G 178 9.74 -14.82 -18.55
N THR G 179 10.92 -14.28 -18.84
CA THR G 179 11.19 -13.60 -20.07
C THR G 179 12.21 -14.35 -20.90
N LEU G 180 11.77 -14.82 -22.06
CA LEU G 180 12.64 -15.46 -23.04
C LEU G 180 13.12 -14.42 -24.06
N THR G 181 14.42 -14.30 -24.19
CA THR G 181 15.02 -13.30 -25.06
C THR G 181 15.87 -13.97 -26.14
N LEU G 182 15.61 -13.58 -27.38
CA LEU G 182 16.37 -14.08 -28.51
C LEU G 182 16.35 -13.06 -29.64
N SER G 183 17.18 -13.31 -30.66
CA SER G 183 17.30 -12.35 -31.75
C SER G 183 16.07 -12.43 -32.61
N LYS G 184 15.84 -11.34 -33.33
CA LYS G 184 14.76 -11.30 -34.30
C LYS G 184 14.93 -12.46 -35.27
N ALA G 185 16.16 -12.67 -35.72
CA ALA G 185 16.47 -13.73 -36.69
C ALA G 185 16.00 -15.09 -36.18
N ASP G 186 16.44 -15.45 -34.98
CA ASP G 186 16.08 -16.73 -34.37
C ASP G 186 14.60 -16.83 -34.07
N TYR G 187 13.97 -15.70 -33.75
CA TYR G 187 12.55 -15.69 -33.45
C TYR G 187 11.75 -16.08 -34.69
N GLU G 188 12.17 -15.60 -35.85
CA GLU G 188 11.44 -15.89 -37.07
C GLU G 188 11.75 -17.26 -37.66
N LYS G 189 12.80 -17.93 -37.17
CA LYS G 189 13.08 -19.29 -37.59
C LYS G 189 11.93 -20.25 -37.25
N HIS G 190 11.34 -20.09 -36.07
CA HIS G 190 10.36 -21.06 -35.54
C HIS G 190 8.92 -20.49 -35.46
N LYS G 191 7.96 -21.34 -35.12
CA LYS G 191 6.55 -20.98 -35.23
C LYS G 191 5.77 -21.04 -33.90
N VAL G 192 5.93 -22.12 -33.14
CA VAL G 192 5.19 -22.34 -31.91
C VAL G 192 6.03 -21.93 -30.69
N TYR G 193 5.49 -21.01 -29.90
CA TYR G 193 6.14 -20.55 -28.68
C TYR G 193 5.25 -20.85 -27.50
N ALA G 194 5.79 -21.62 -26.56
CA ALA G 194 5.01 -22.18 -25.47
C ALA G 194 5.69 -21.99 -24.14
N CYS G 195 4.86 -21.83 -23.12
CA CYS G 195 5.28 -21.68 -21.75
C CYS G 195 4.55 -22.74 -20.95
N GLU G 196 5.32 -23.63 -20.31
CA GLU G 196 4.75 -24.73 -19.52
C GLU G 196 5.03 -24.51 -18.03
N VAL G 197 3.95 -24.50 -17.25
CA VAL G 197 3.99 -24.16 -15.83
C VAL G 197 3.60 -25.34 -14.95
N THR G 198 4.43 -25.65 -13.96
CA THR G 198 4.14 -26.69 -12.98
C THR G 198 4.04 -26.05 -11.60
N HIS G 199 2.97 -26.36 -10.88
CA HIS G 199 2.75 -25.79 -9.57
C HIS G 199 1.83 -26.70 -8.77
N GLN G 200 1.99 -26.65 -7.45
CA GLN G 200 1.22 -27.48 -6.56
C GLN G 200 -0.30 -27.31 -6.70
N GLY G 201 -0.73 -26.11 -7.07
CA GLY G 201 -2.13 -25.84 -7.33
C GLY G 201 -2.65 -26.38 -8.65
N LEU G 202 -1.77 -26.90 -9.50
CA LEU G 202 -2.19 -27.44 -10.79
C LEU G 202 -2.09 -28.95 -10.72
N SER G 203 -3.18 -29.65 -11.03
CA SER G 203 -3.17 -31.10 -10.98
C SER G 203 -2.25 -31.68 -12.06
N SER G 204 -2.05 -30.94 -13.14
CA SER G 204 -1.05 -31.29 -14.14
C SER G 204 -0.61 -30.00 -14.84
N PRO G 205 0.61 -29.97 -15.39
CA PRO G 205 1.18 -28.70 -15.87
C PRO G 205 0.25 -27.98 -16.83
N VAL G 206 0.38 -26.66 -16.89
CA VAL G 206 -0.44 -25.83 -17.77
C VAL G 206 0.47 -25.23 -18.81
N THR G 207 0.03 -25.26 -20.07
CA THR G 207 0.78 -24.74 -21.20
C THR G 207 -0.04 -23.66 -21.88
N LYS G 208 0.54 -22.48 -22.04
CA LYS G 208 -0.02 -21.41 -22.86
C LYS G 208 0.96 -21.15 -24.03
N SER G 209 0.41 -20.97 -25.22
CA SER G 209 1.24 -20.84 -26.41
C SER G 209 0.57 -19.97 -27.45
N PHE G 210 1.36 -19.55 -28.43
CA PHE G 210 0.87 -18.85 -29.60
C PHE G 210 1.71 -19.21 -30.82
N ASN G 211 1.15 -18.97 -31.99
CA ASN G 211 1.87 -19.14 -33.22
C ASN G 211 2.26 -17.78 -33.78
N ARG G 212 3.54 -17.60 -34.05
CA ARG G 212 4.03 -16.37 -34.65
C ARG G 212 3.22 -16.04 -35.91
N GLY G 213 2.47 -14.94 -35.87
CA GLY G 213 1.63 -14.50 -37.00
C GLY G 213 0.45 -15.42 -37.29
N GLU H 1 -62.92 34.06 1.07
CA GLU H 1 -62.70 34.50 2.45
C GLU H 1 -62.05 35.88 2.38
N ILE H 2 -62.33 36.67 3.40
CA ILE H 2 -61.79 38.00 3.48
C ILE H 2 -60.66 37.97 4.50
N VAL H 3 -59.44 38.16 4.02
CA VAL H 3 -58.28 38.13 4.89
C VAL H 3 -58.07 39.51 5.48
N LEU H 4 -57.87 39.55 6.80
CA LEU H 4 -57.65 40.80 7.54
C LEU H 4 -56.23 40.90 8.05
N THR H 5 -55.52 41.93 7.62
CA THR H 5 -54.13 42.13 8.03
C THR H 5 -54.02 43.42 8.82
N GLN H 6 -53.53 43.28 10.05
CA GLN H 6 -53.34 44.39 10.95
C GLN H 6 -51.91 44.92 10.96
N SER H 7 -51.81 46.23 11.17
CA SER H 7 -50.54 46.90 11.38
C SER H 7 -50.73 47.97 12.46
N PRO H 8 -49.68 48.34 13.17
CA PRO H 8 -48.41 47.67 13.22
C PRO H 8 -48.53 46.39 14.04
N GLY H 9 -47.49 45.60 14.14
CA GLY H 9 -47.51 44.43 15.01
C GLY H 9 -47.48 44.79 16.49
N THR H 10 -46.77 45.85 16.83
CA THR H 10 -46.66 46.29 18.22
C THR H 10 -46.75 47.80 18.29
N LEU H 11 -47.24 48.26 19.43
CA LEU H 11 -47.16 49.66 19.80
C LEU H 11 -46.70 49.72 21.25
N SER H 12 -45.79 50.64 21.55
CA SER H 12 -45.39 50.96 22.90
C SER H 12 -45.64 52.45 23.10
N LEU H 13 -46.65 52.79 23.88
CA LEU H 13 -47.06 54.18 24.04
C LEU H 13 -47.40 54.50 25.47
N SER H 14 -47.07 55.72 25.87
CA SER H 14 -47.23 56.18 27.25
C SER H 14 -48.68 56.50 27.52
N PRO H 15 -49.10 56.40 28.78
CA PRO H 15 -50.43 56.82 29.14
C PRO H 15 -50.69 58.26 28.71
N GLY H 16 -51.90 58.51 28.21
CA GLY H 16 -52.26 59.83 27.68
C GLY H 16 -52.06 59.98 26.17
N GLU H 17 -51.24 59.12 25.56
CA GLU H 17 -51.02 59.23 24.13
C GLU H 17 -52.15 58.54 23.35
N ARG H 18 -52.19 58.84 22.06
CA ARG H 18 -53.16 58.27 21.12
C ARG H 18 -52.56 57.02 20.49
N ALA H 19 -53.33 55.95 20.40
CA ALA H 19 -52.90 54.75 19.66
C ALA H 19 -53.77 54.60 18.43
N THR H 20 -53.16 54.37 17.28
CA THR H 20 -53.92 54.17 16.03
C THR H 20 -53.57 52.79 15.44
N LEU H 21 -54.61 51.95 15.26
CA LEU H 21 -54.45 50.55 14.87
C LEU H 21 -55.16 50.35 13.56
N SER H 22 -54.45 49.80 12.57
CA SER H 22 -55.00 49.58 11.24
C SER H 22 -55.37 48.13 10.99
N CYS H 23 -56.44 47.95 10.23
CA CYS H 23 -56.91 46.65 9.77
C CYS H 23 -57.23 46.77 8.29
N ARG H 24 -56.49 46.01 7.47
CA ARG H 24 -56.70 46.00 6.04
C ARG H 24 -57.31 44.68 5.57
N ALA H 25 -58.30 44.77 4.70
CA ALA H 25 -59.05 43.60 4.28
C ALA H 25 -58.72 43.24 2.85
N SER H 26 -58.80 41.95 2.52
CA SER H 26 -58.58 41.47 1.13
C SER H 26 -59.54 42.10 0.15
N GLN H 27 -60.83 41.96 0.42
CA GLN H 27 -61.83 42.58 -0.41
C GLN H 27 -62.70 43.49 0.45
N SER H 28 -63.48 44.31 -0.22
CA SER H 28 -64.31 45.28 0.48
C SER H 28 -65.14 44.53 1.50
N VAL H 29 -65.09 44.97 2.76
CA VAL H 29 -65.87 44.34 3.81
C VAL H 29 -67.27 44.91 3.74
N SER H 30 -68.12 44.18 3.06
CA SER H 30 -69.47 44.64 2.74
C SER H 30 -70.24 45.12 3.97
N SER H 31 -70.91 46.25 3.82
CA SER H 31 -71.75 46.86 4.88
C SER H 31 -71.00 47.21 6.18
N SER H 32 -69.67 47.17 6.15
CA SER H 32 -68.90 47.53 7.33
C SER H 32 -69.27 46.69 8.56
N TYR H 33 -69.54 45.43 8.31
CA TYR H 33 -69.68 44.42 9.35
C TYR H 33 -68.30 44.06 9.91
N LEU H 34 -67.68 45.03 10.56
CA LEU H 34 -66.33 44.93 11.09
C LEU H 34 -66.41 45.23 12.59
N ALA H 35 -65.77 44.37 13.39
CA ALA H 35 -65.66 44.57 14.82
C ALA H 35 -64.22 44.56 15.31
N TRP H 36 -64.01 45.21 16.45
CA TRP H 36 -62.73 45.27 17.10
C TRP H 36 -62.88 44.69 18.50
N TYR H 37 -61.91 43.87 18.88
CA TYR H 37 -61.87 43.24 20.18
C TYR H 37 -60.58 43.55 20.89
N GLN H 38 -60.66 43.54 22.22
CA GLN H 38 -59.51 43.70 23.09
C GLN H 38 -59.31 42.39 23.84
N GLN H 39 -58.13 41.80 23.67
CA GLN H 39 -57.80 40.55 24.31
C GLN H 39 -56.73 40.77 25.40
N LYS H 40 -57.13 40.50 26.63
CA LYS H 40 -56.26 40.41 27.81
C LYS H 40 -55.82 38.96 28.03
N PRO H 41 -54.59 38.73 28.51
CA PRO H 41 -54.16 37.37 28.85
C PRO H 41 -55.16 36.63 29.74
N GLY H 42 -55.48 35.40 29.36
CA GLY H 42 -56.33 34.54 30.15
C GLY H 42 -57.76 35.00 30.32
N GLN H 43 -58.26 35.78 29.38
CA GLN H 43 -59.64 36.28 29.43
C GLN H 43 -60.25 36.23 28.04
N ALA H 44 -61.55 36.00 27.98
CA ALA H 44 -62.23 36.01 26.71
C ALA H 44 -62.11 37.42 26.14
N PRO H 45 -61.96 37.53 24.82
CA PRO H 45 -61.89 38.86 24.26
C PRO H 45 -63.11 39.69 24.56
N ARG H 46 -62.91 41.01 24.56
CA ARG H 46 -63.97 41.96 24.86
C ARG H 46 -64.29 42.77 23.61
N LEU H 47 -65.57 42.83 23.29
CA LEU H 47 -66.03 43.60 22.13
C LEU H 47 -65.96 45.10 22.40
N LEU H 48 -65.17 45.79 21.60
CA LEU H 48 -65.03 47.23 21.71
C LEU H 48 -65.97 47.97 20.77
N ILE H 49 -65.93 47.59 19.50
CA ILE H 49 -66.54 48.29 18.43
C ILE H 49 -67.23 47.27 17.55
N TYR H 50 -68.43 47.61 17.08
CA TYR H 50 -69.13 46.82 16.09
C TYR H 50 -69.67 47.75 15.00
N ASP H 51 -70.07 47.18 13.87
CA ASP H 51 -70.54 47.95 12.71
C ASP H 51 -69.51 49.01 12.34
N ALA H 52 -68.24 48.69 12.59
CA ALA H 52 -67.08 49.53 12.29
C ALA H 52 -66.89 50.76 13.16
N SER H 53 -67.98 51.35 13.62
CA SER H 53 -67.89 52.60 14.36
C SER H 53 -68.79 52.70 15.59
N SER H 54 -69.61 51.69 15.88
CA SER H 54 -70.46 51.75 17.05
C SER H 54 -69.74 51.16 18.25
N ARG H 55 -69.73 51.90 19.36
CA ARG H 55 -69.14 51.46 20.60
C ARG H 55 -70.07 50.43 21.24
N ALA H 56 -69.49 49.33 21.71
CA ALA H 56 -70.23 48.29 22.42
C ALA H 56 -70.54 48.70 23.86
N THR H 57 -71.34 47.90 24.53
CA THR H 57 -71.83 48.28 25.86
C THR H 57 -70.66 48.28 26.85
N GLY H 58 -70.67 49.25 27.76
CA GLY H 58 -69.61 49.38 28.74
C GLY H 58 -68.31 49.99 28.21
N ILE H 59 -68.27 50.39 26.93
CA ILE H 59 -67.03 50.83 26.30
C ILE H 59 -66.90 52.37 26.32
N PRO H 60 -65.85 52.92 26.95
CA PRO H 60 -65.69 54.38 27.03
C PRO H 60 -65.37 55.05 25.69
N ASP H 61 -65.60 56.37 25.63
CA ASP H 61 -65.50 57.14 24.38
C ASP H 61 -64.11 57.27 23.81
N ARG H 62 -63.09 57.04 24.64
N ARG H 62 -63.08 57.04 24.63
CA ARG H 62 -61.72 57.07 24.14
CA ARG H 62 -61.71 57.07 24.14
C ARG H 62 -61.45 56.00 23.05
C ARG H 62 -61.44 56.00 23.07
N PHE H 63 -62.24 54.94 23.02
CA PHE H 63 -62.16 53.95 21.94
C PHE H 63 -63.13 54.34 20.84
N SER H 64 -62.63 54.52 19.62
CA SER H 64 -63.49 54.76 18.49
C SER H 64 -62.99 54.04 17.21
N GLY H 65 -63.94 53.62 16.40
CA GLY H 65 -63.66 52.95 15.15
C GLY H 65 -64.09 53.80 13.98
N SER H 66 -63.39 53.66 12.87
CA SER H 66 -63.67 54.40 11.65
C SER H 66 -63.23 53.58 10.44
N GLY H 67 -63.61 54.06 9.26
CA GLY H 67 -63.19 53.45 8.00
C GLY H 67 -64.29 52.62 7.37
N SER H 68 -63.99 52.05 6.22
CA SER H 68 -65.00 51.48 5.36
C SER H 68 -64.30 50.79 4.22
N GLY H 69 -64.99 49.84 3.59
CA GLY H 69 -64.49 49.14 2.40
C GLY H 69 -63.35 48.19 2.71
N THR H 70 -62.14 48.63 2.41
CA THR H 70 -60.95 47.82 2.61
C THR H 70 -60.05 48.27 3.79
N ASP H 71 -60.32 49.42 4.41
CA ASP H 71 -59.41 49.93 5.42
C ASP H 71 -60.14 50.49 6.62
N PHE H 72 -59.87 49.87 7.77
CA PHE H 72 -60.53 50.22 9.04
C PHE H 72 -59.50 50.60 10.07
N THR H 73 -59.89 51.50 10.98
CA THR H 73 -59.01 52.02 12.00
C THR H 73 -59.70 51.94 13.37
N LEU H 74 -58.94 51.53 14.38
CA LEU H 74 -59.32 51.71 15.77
C LEU H 74 -58.39 52.71 16.39
N THR H 75 -58.97 53.72 17.02
CA THR H 75 -58.22 54.74 17.72
C THR H 75 -58.54 54.68 19.18
N ILE H 76 -57.50 54.63 20.00
CA ILE H 76 -57.62 54.84 21.45
C ILE H 76 -57.09 56.27 21.67
N SER H 77 -58.00 57.20 21.90
CA SER H 77 -57.63 58.61 21.87
C SER H 77 -56.74 59.00 23.04
N ARG H 78 -56.84 58.29 24.16
CA ARG H 78 -56.12 58.65 25.38
C ARG H 78 -55.84 57.38 26.16
N LEU H 79 -54.64 56.86 26.00
CA LEU H 79 -54.33 55.58 26.58
C LEU H 79 -54.31 55.63 28.11
N GLU H 80 -54.91 54.63 28.71
CA GLU H 80 -54.83 54.39 30.14
C GLU H 80 -53.94 53.18 30.38
N PRO H 81 -53.37 53.06 31.61
CA PRO H 81 -52.42 51.99 31.86
C PRO H 81 -52.99 50.58 31.78
N GLU H 82 -54.30 50.43 32.01
CA GLU H 82 -54.96 49.13 31.85
C GLU H 82 -55.34 48.76 30.41
N ASP H 83 -54.87 49.55 29.43
CA ASP H 83 -55.21 49.34 28.04
C ASP H 83 -54.22 48.45 27.31
N PHE H 84 -53.15 48.00 27.99
CA PHE H 84 -52.27 47.02 27.35
C PHE H 84 -53.06 45.76 27.03
N ALA H 85 -52.94 45.29 25.80
CA ALA H 85 -53.70 44.13 25.34
C ALA H 85 -53.26 43.81 23.93
N VAL H 86 -53.82 42.74 23.39
CA VAL H 86 -53.78 42.50 21.96
C VAL H 86 -55.15 42.88 21.45
N TYR H 87 -55.15 43.82 20.51
CA TYR H 87 -56.34 44.28 19.85
C TYR H 87 -56.41 43.67 18.45
N TYR H 88 -57.54 43.09 18.10
CA TYR H 88 -57.70 42.63 16.73
C TYR H 88 -59.06 42.95 16.15
N CYS H 89 -59.10 42.94 14.81
CA CYS H 89 -60.32 43.17 14.05
C CYS H 89 -60.88 41.84 13.62
N GLN H 90 -62.15 41.86 13.30
CA GLN H 90 -62.91 40.68 12.91
C GLN H 90 -64.06 41.08 11.99
N GLN H 91 -64.27 40.32 10.92
CA GLN H 91 -65.40 40.57 10.04
C GLN H 91 -66.49 39.51 10.18
N TYR H 92 -67.72 39.99 10.12
CA TYR H 92 -68.86 39.12 10.10
C TYR H 92 -69.73 39.39 8.88
N SER H 93 -69.12 39.87 7.77
CA SER H 93 -69.80 40.01 6.47
C SER H 93 -70.10 38.67 5.85
N TYR H 94 -69.12 37.78 5.86
CA TYR H 94 -69.21 36.52 5.12
C TYR H 94 -68.58 35.39 5.90
N SER H 95 -69.01 34.18 5.66
CA SER H 95 -68.30 33.01 6.17
C SER H 95 -67.14 32.70 5.26
N PRO H 96 -66.07 32.14 5.80
CA PRO H 96 -65.89 31.87 7.23
C PRO H 96 -65.56 33.14 7.99
N VAL H 97 -65.73 33.10 9.31
CA VAL H 97 -65.28 34.19 10.14
C VAL H 97 -63.76 34.38 9.99
N THR H 98 -63.34 35.61 9.76
CA THR H 98 -61.94 35.92 9.67
C THR H 98 -61.63 37.10 10.61
N PHE H 99 -60.34 37.30 10.85
CA PHE H 99 -59.90 38.21 11.90
C PHE H 99 -58.44 38.49 11.72
N GLY H 100 -58.00 39.65 12.18
CA GLY H 100 -56.62 40.02 12.07
C GLY H 100 -55.78 39.18 13.01
N GLN H 101 -54.47 39.26 12.83
CA GLN H 101 -53.55 38.52 13.69
C GLN H 101 -53.20 39.32 14.97
N GLY H 102 -53.72 40.55 15.08
CA GLY H 102 -53.59 41.32 16.31
C GLY H 102 -52.53 42.39 16.26
N THR H 103 -52.68 43.39 17.12
CA THR H 103 -51.67 44.40 17.37
C THR H 103 -51.48 44.42 18.88
N LYS H 104 -50.24 44.23 19.32
CA LYS H 104 -49.92 44.21 20.71
C LYS H 104 -49.61 45.63 21.16
N VAL H 105 -50.34 46.08 22.16
CA VAL H 105 -50.13 47.41 22.73
C VAL H 105 -49.55 47.25 24.14
N GLU H 106 -48.35 47.83 24.31
CA GLU H 106 -47.66 47.91 25.58
C GLU H 106 -47.68 49.36 26.07
N ILE H 107 -47.78 49.53 27.37
CA ILE H 107 -47.82 50.84 27.97
C ILE H 107 -46.41 51.25 28.37
N LYS H 108 -45.94 52.34 27.76
CA LYS H 108 -44.60 52.87 27.99
C LYS H 108 -44.55 53.73 29.27
N ARG H 109 -43.55 53.49 30.09
CA ARG H 109 -43.37 54.25 31.30
C ARG H 109 -41.87 54.56 31.42
N THR H 110 -41.51 55.30 32.44
CA THR H 110 -40.11 55.62 32.68
C THR H 110 -39.32 54.33 33.00
N VAL H 111 -38.08 54.32 32.56
CA VAL H 111 -37.23 53.17 32.74
C VAL H 111 -37.08 52.93 34.24
N ALA H 112 -37.30 51.71 34.69
CA ALA H 112 -37.18 51.37 36.10
C ALA H 112 -36.31 50.14 36.26
N ALA H 113 -35.25 50.26 37.03
CA ALA H 113 -34.32 49.16 37.29
C ALA H 113 -34.99 48.08 38.14
N PRO H 114 -34.64 46.82 37.90
CA PRO H 114 -35.23 45.76 38.74
C PRO H 114 -34.66 45.71 40.15
N SER H 115 -35.51 45.49 41.15
CA SER H 115 -35.08 45.03 42.46
C SER H 115 -34.78 43.52 42.34
N VAL H 116 -33.55 43.14 42.68
CA VAL H 116 -33.10 41.76 42.50
C VAL H 116 -32.97 41.02 43.83
N PHE H 117 -33.52 39.81 43.88
CA PHE H 117 -33.54 38.96 45.08
C PHE H 117 -33.15 37.56 44.65
N ILE H 118 -32.32 36.89 45.44
CA ILE H 118 -31.94 35.51 45.15
C ILE H 118 -32.40 34.60 46.28
N PHE H 119 -32.96 33.44 45.92
CA PHE H 119 -33.48 32.48 46.89
C PHE H 119 -32.76 31.16 46.73
N PRO H 120 -32.14 30.67 47.83
CA PRO H 120 -31.54 29.34 47.77
C PRO H 120 -32.60 28.26 47.73
N PRO H 121 -32.22 27.04 47.30
CA PRO H 121 -33.15 25.94 47.42
C PRO H 121 -33.49 25.72 48.89
N SER H 122 -34.76 25.42 49.15
CA SER H 122 -35.24 25.13 50.49
C SER H 122 -34.71 23.80 50.94
N ASP H 123 -34.49 23.67 52.24
CA ASP H 123 -34.09 22.37 52.79
C ASP H 123 -35.13 21.29 52.46
N GLU H 124 -36.39 21.68 52.32
CA GLU H 124 -37.45 20.75 51.99
C GLU H 124 -37.23 20.15 50.60
N GLN H 125 -36.92 20.99 49.63
CA GLN H 125 -36.69 20.48 48.29
C GLN H 125 -35.39 19.66 48.24
N LEU H 126 -34.37 20.12 48.98
CA LEU H 126 -33.06 19.47 48.90
C LEU H 126 -33.15 18.01 49.30
N LYS H 127 -34.11 17.66 50.14
CA LYS H 127 -34.28 16.25 50.51
C LYS H 127 -34.66 15.32 49.35
N SER H 128 -35.01 15.89 48.20
CA SER H 128 -35.34 15.14 46.99
C SER H 128 -34.15 14.82 46.09
N GLY H 129 -33.01 15.46 46.33
CA GLY H 129 -31.87 15.31 45.42
C GLY H 129 -31.94 16.25 44.21
N THR H 130 -32.92 17.14 44.21
CA THR H 130 -33.03 18.20 43.20
C THR H 130 -33.02 19.58 43.89
N ALA H 131 -32.35 20.54 43.24
CA ALA H 131 -32.21 21.88 43.78
C ALA H 131 -32.70 22.86 42.73
N SER H 132 -33.55 23.79 43.17
CA SER H 132 -33.95 24.93 42.33
C SER H 132 -33.50 26.21 42.98
N VAL H 133 -32.74 27.02 42.23
CA VAL H 133 -32.34 28.36 42.71
C VAL H 133 -33.10 29.38 41.91
N VAL H 134 -33.65 30.36 42.62
CA VAL H 134 -34.58 31.30 41.99
C VAL H 134 -34.04 32.69 42.15
N CYS H 135 -34.00 33.39 41.02
CA CYS H 135 -33.63 34.81 40.98
C CYS H 135 -34.84 35.64 40.53
N LEU H 136 -35.20 36.63 41.33
CA LEU H 136 -36.36 37.48 41.08
C LEU H 136 -35.92 38.89 40.68
N LEU H 137 -36.48 39.36 39.58
CA LEU H 137 -36.29 40.74 39.14
C LEU H 137 -37.67 41.36 39.29
N ASN H 138 -37.81 42.31 40.21
CA ASN H 138 -39.12 42.86 40.54
C ASN H 138 -39.33 44.29 40.07
N ASN H 139 -40.43 44.50 39.37
CA ASN H 139 -40.94 45.83 39.09
C ASN H 139 -39.99 46.66 38.25
N PHE H 140 -39.74 46.20 37.03
CA PHE H 140 -38.83 46.90 36.15
C PHE H 140 -39.48 47.23 34.80
N TYR H 141 -38.83 48.13 34.07
CA TYR H 141 -39.22 48.47 32.73
C TYR H 141 -38.01 49.09 32.01
N PRO H 142 -37.72 48.75 30.75
CA PRO H 142 -38.47 47.88 29.83
C PRO H 142 -38.34 46.40 30.11
N ARG H 143 -39.03 45.58 29.31
CA ARG H 143 -39.13 44.15 29.54
C ARG H 143 -37.84 43.43 29.30
N GLU H 144 -37.02 43.96 28.41
CA GLU H 144 -35.77 43.31 28.04
C GLU H 144 -34.82 43.36 29.22
N ALA H 145 -34.42 42.18 29.67
CA ALA H 145 -33.41 42.01 30.71
C ALA H 145 -32.60 40.73 30.45
N LYS H 146 -31.37 40.72 30.92
CA LYS H 146 -30.54 39.55 30.81
C LYS H 146 -30.16 39.06 32.21
N VAL H 147 -30.37 37.76 32.45
CA VAL H 147 -29.98 37.11 33.70
C VAL H 147 -29.01 35.98 33.40
N GLN H 148 -27.83 36.02 34.03
CA GLN H 148 -26.82 34.95 33.92
C GLN H 148 -26.53 34.37 35.28
N TRP H 149 -26.41 33.05 35.31
CA TRP H 149 -26.10 32.35 36.55
C TRP H 149 -24.61 32.02 36.60
N LYS H 150 -24.00 32.31 37.74
CA LYS H 150 -22.60 31.95 37.99
C LYS H 150 -22.56 31.01 39.19
N VAL H 151 -22.00 29.83 38.98
CA VAL H 151 -21.77 28.87 40.05
C VAL H 151 -20.26 28.79 40.25
N ASP H 152 -19.79 29.28 41.40
CA ASP H 152 -18.35 29.46 41.63
C ASP H 152 -17.70 30.07 40.38
N ASN H 153 -18.28 31.19 39.95
CA ASN H 153 -17.83 31.97 38.79
C ASN H 153 -17.96 31.30 37.42
N ALA H 154 -18.62 30.14 37.36
CA ALA H 154 -18.82 29.45 36.09
C ALA H 154 -20.18 29.81 35.51
N LEU H 155 -20.17 30.39 34.31
CA LEU H 155 -21.40 30.68 33.57
C LEU H 155 -22.10 29.37 33.22
N GLN H 156 -23.42 29.38 33.39
CA GLN H 156 -24.26 28.20 33.24
C GLN H 156 -25.09 28.31 31.97
N SER H 157 -25.40 27.16 31.38
CA SER H 157 -26.07 27.14 30.09
C SER H 157 -27.04 25.96 30.04
N GLY H 158 -28.23 26.20 29.51
CA GLY H 158 -29.21 25.14 29.29
C GLY H 158 -29.87 24.61 30.54
N ASN H 159 -29.58 25.19 31.69
CA ASN H 159 -30.08 24.68 32.98
C ASN H 159 -30.94 25.69 33.70
N SER H 160 -31.47 26.68 32.97
CA SER H 160 -32.37 27.65 33.58
C SER H 160 -33.54 27.98 32.68
N GLN H 161 -34.65 28.40 33.30
CA GLN H 161 -35.85 28.81 32.59
C GLN H 161 -36.38 30.06 33.26
N GLU H 162 -37.04 30.89 32.47
CA GLU H 162 -37.53 32.13 33.04
C GLU H 162 -38.93 32.40 32.61
N SER H 163 -39.61 33.26 33.35
CA SER H 163 -40.93 33.70 32.96
C SER H 163 -41.19 35.10 33.50
N VAL H 164 -42.02 35.84 32.78
CA VAL H 164 -42.24 37.25 33.03
C VAL H 164 -43.72 37.45 33.22
N THR H 165 -44.08 38.24 34.20
CA THR H 165 -45.47 38.58 34.40
C THR H 165 -45.93 39.51 33.29
N GLU H 166 -47.24 39.66 33.15
CA GLU H 166 -47.74 40.70 32.28
C GLU H 166 -47.54 42.05 32.98
N GLN H 167 -47.65 43.14 32.23
CA GLN H 167 -47.48 44.45 32.83
C GLN H 167 -48.49 44.62 33.93
N ASP H 168 -48.06 45.23 35.02
CA ASP H 168 -48.94 45.65 36.09
C ASP H 168 -49.95 46.67 35.57
N SER H 169 -51.22 46.44 35.88
CA SER H 169 -52.25 47.30 35.31
C SER H 169 -52.21 48.72 35.86
N LYS H 170 -51.49 48.92 36.97
CA LYS H 170 -51.38 50.22 37.61
C LYS H 170 -50.06 50.94 37.36
N ASP H 171 -48.92 50.24 37.50
CA ASP H 171 -47.61 50.90 37.37
C ASP H 171 -46.82 50.53 36.12
N SER H 172 -47.37 49.65 35.29
CA SER H 172 -46.81 49.30 34.01
C SER H 172 -45.45 48.61 34.07
N THR H 173 -45.08 48.07 35.23
CA THR H 173 -43.83 47.37 35.33
C THR H 173 -43.99 45.88 35.06
N TYR H 174 -42.85 45.23 34.84
CA TYR H 174 -42.79 43.78 34.70
C TYR H 174 -42.09 43.23 35.92
N SER H 175 -42.30 41.94 36.16
CA SER H 175 -41.41 41.17 37.00
C SER H 175 -41.01 39.90 36.28
N LEU H 176 -39.86 39.35 36.67
CA LEU H 176 -39.30 38.19 36.02
C LEU H 176 -38.71 37.23 37.04
N SER H 177 -38.94 35.94 36.82
CA SER H 177 -38.29 34.90 37.60
C SER H 177 -37.37 34.10 36.71
N SER H 178 -36.17 33.83 37.19
CA SER H 178 -35.26 32.91 36.52
C SER H 178 -34.97 31.77 37.47
N THR H 179 -35.23 30.55 37.02
CA THR H 179 -35.06 29.34 37.83
C THR H 179 -33.92 28.47 37.34
N LEU H 180 -32.92 28.29 38.19
CA LEU H 180 -31.76 27.45 37.91
C LEU H 180 -31.95 26.08 38.55
N THR H 181 -31.95 25.02 37.73
CA THR H 181 -32.19 23.66 38.20
C THR H 181 -30.90 22.82 38.19
N LEU H 182 -30.58 22.24 39.33
CA LEU H 182 -29.42 21.39 39.48
C LEU H 182 -29.79 20.18 40.29
N SER H 183 -28.95 19.16 40.24
CA SER H 183 -29.04 18.04 41.16
C SER H 183 -28.42 18.48 42.48
N LYS H 184 -28.90 17.90 43.56
CA LYS H 184 -28.34 18.19 44.86
C LYS H 184 -26.86 17.85 44.83
N ALA H 185 -26.51 16.78 44.13
CA ALA H 185 -25.09 16.43 43.97
C ALA H 185 -24.28 17.63 43.46
N ASP H 186 -24.67 18.16 42.31
CA ASP H 186 -23.98 19.31 41.72
C ASP H 186 -24.06 20.52 42.64
N TYR H 187 -25.22 20.72 43.25
CA TYR H 187 -25.41 21.84 44.16
C TYR H 187 -24.41 21.77 45.32
N GLU H 188 -24.26 20.59 45.91
CA GLU H 188 -23.38 20.43 47.06
C GLU H 188 -21.89 20.53 46.69
N LYS H 189 -21.58 20.40 45.41
CA LYS H 189 -20.18 20.45 44.96
C LYS H 189 -19.60 21.87 44.77
N HIS H 190 -20.42 22.90 45.00
CA HIS H 190 -19.97 24.28 44.81
C HIS H 190 -20.52 25.17 45.92
N LYS H 191 -19.89 26.32 46.13
CA LYS H 191 -20.24 27.16 47.29
C LYS H 191 -21.00 28.42 46.91
N VAL H 192 -20.45 29.19 45.97
CA VAL H 192 -21.01 30.51 45.62
C VAL H 192 -21.99 30.40 44.45
N TYR H 193 -23.17 30.97 44.65
CA TYR H 193 -24.25 30.99 43.66
C TYR H 193 -24.63 32.44 43.44
N ALA H 194 -24.53 32.88 42.20
CA ALA H 194 -24.78 34.28 41.87
C ALA H 194 -25.73 34.41 40.71
N CYS H 195 -26.46 35.51 40.72
CA CYS H 195 -27.43 35.84 39.72
C CYS H 195 -27.03 37.22 39.20
N GLU H 196 -26.55 37.27 37.96
CA GLU H 196 -26.15 38.55 37.35
C GLU H 196 -27.21 39.12 36.41
N VAL H 197 -27.57 40.39 36.66
CA VAL H 197 -28.70 41.07 35.99
C VAL H 197 -28.18 42.26 35.17
N THR H 198 -28.49 42.26 33.87
CA THR H 198 -28.23 43.41 33.00
C THR H 198 -29.57 44.03 32.65
N HIS H 199 -29.63 45.35 32.69
CA HIS H 199 -30.87 46.03 32.35
C HIS H 199 -30.54 47.47 31.98
N GLN H 200 -31.33 48.04 31.09
CA GLN H 200 -31.13 49.41 30.65
C GLN H 200 -31.16 50.41 31.82
N GLY H 201 -31.95 50.12 32.85
CA GLY H 201 -32.04 50.93 34.06
C GLY H 201 -30.85 50.79 35.02
N LEU H 202 -29.91 49.92 34.69
CA LEU H 202 -28.72 49.70 35.52
C LEU H 202 -27.48 50.17 34.80
N SER H 203 -26.72 51.04 35.44
CA SER H 203 -25.47 51.54 34.86
C SER H 203 -24.55 50.39 34.49
N SER H 204 -24.34 49.48 35.43
CA SER H 204 -23.58 48.24 35.20
C SER H 204 -24.37 47.08 35.78
N PRO H 205 -24.05 45.85 35.38
CA PRO H 205 -24.80 44.72 35.93
C PRO H 205 -24.76 44.62 37.44
N VAL H 206 -25.87 44.19 38.02
CA VAL H 206 -26.01 44.01 39.46
C VAL H 206 -26.01 42.51 39.76
N THR H 207 -25.34 42.14 40.83
CA THR H 207 -25.24 40.75 41.24
C THR H 207 -25.78 40.55 42.65
N LYS H 208 -26.62 39.56 42.80
CA LYS H 208 -26.98 39.09 44.13
C LYS H 208 -26.47 37.66 44.23
N SER H 209 -25.92 37.32 45.39
CA SER H 209 -25.41 35.97 45.57
C SER H 209 -25.62 35.44 46.98
N PHE H 210 -25.33 34.16 47.16
CA PHE H 210 -25.25 33.56 48.48
C PHE H 210 -24.21 32.46 48.45
N ASN H 211 -23.65 32.16 49.62
CA ASN H 211 -22.77 31.00 49.80
C ASN H 211 -23.58 29.89 50.43
N ARG H 212 -23.56 28.71 49.83
CA ARG H 212 -24.30 27.59 50.40
C ARG H 212 -23.83 27.29 51.84
N GLY H 213 -24.64 27.63 52.84
CA GLY H 213 -24.36 27.37 54.27
C GLY H 213 -23.60 28.48 54.97
S SO4 I . -28.85 48.64 2.27
O1 SO4 I . -29.23 49.58 1.19
O2 SO4 I . -27.77 47.78 1.80
O3 SO4 I . -28.41 49.40 3.46
O4 SO4 I . -30.02 47.80 2.62
S SO4 J . -36.98 -2.96 5.18
O1 SO4 J . -36.46 -2.57 3.86
O2 SO4 J . -35.94 -3.79 5.84
O3 SO4 J . -37.29 -1.75 5.99
O4 SO4 J . -38.20 -3.76 4.97
CL CL K . -30.69 7.14 19.77
S SO4 L . 52.20 -6.66 -18.20
O1 SO4 L . 53.61 -6.72 -18.57
O2 SO4 L . 51.73 -7.95 -17.63
O3 SO4 L . 51.97 -5.60 -17.18
O4 SO4 L . 51.43 -6.35 -19.42
S SO4 M . 57.35 -11.09 -18.99
O1 SO4 M . 57.16 -11.22 -20.45
O2 SO4 M . 58.33 -12.13 -18.58
O3 SO4 M . 57.96 -9.76 -18.65
O4 SO4 M . 56.04 -11.29 -18.35
CL CL N . 18.11 8.57 -22.17
S SO4 O . -29.04 -17.43 -18.58
O1 SO4 O . -28.11 -17.76 -19.69
O2 SO4 O . -29.78 -18.62 -18.14
O3 SO4 O . -28.27 -16.93 -17.43
O4 SO4 O . -30.01 -16.39 -19.00
S SO4 P . -18.62 -17.72 -13.84
O1 SO4 P . -17.57 -18.20 -14.77
O2 SO4 P . -19.75 -18.67 -13.78
O3 SO4 P . -18.07 -17.55 -12.49
O4 SO4 P . -19.12 -16.43 -14.32
S SO4 Q . 62.02 -36.80 -41.54
O1 SO4 Q . 62.77 -36.51 -42.77
O2 SO4 Q . 62.00 -38.26 -41.29
O3 SO4 Q . 62.69 -36.13 -40.40
O4 SO4 Q . 60.62 -36.31 -41.66
S SO4 R . 84.69 -23.77 -16.67
O1 SO4 R . 83.93 -24.24 -17.85
O2 SO4 R . 85.87 -24.66 -16.52
O3 SO4 R . 83.85 -23.84 -15.46
O4 SO4 R . 85.15 -22.37 -16.88
S SO4 S . 7.71 -8.26 31.60
O1 SO4 S . 6.48 -8.55 30.84
O2 SO4 S . 8.86 -8.95 30.96
O3 SO4 S . 7.52 -8.69 32.99
O4 SO4 S . 7.95 -6.80 31.55
S SO4 T . -71.47 55.08 19.45
O1 SO4 T . -70.11 54.87 18.93
O2 SO4 T . -72.32 53.93 19.06
O3 SO4 T . -71.44 55.20 20.91
O4 SO4 T . -72.02 56.31 18.86
CL CL U . -44.00 51.74 19.43
#